data_6OWO
#
_entry.id   6OWO
#
_cell.length_a   1.00
_cell.length_b   1.00
_cell.length_c   1.00
_cell.angle_alpha   90.00
_cell.angle_beta   90.00
_cell.angle_gamma   90.00
#
_symmetry.space_group_name_H-M   'P 1'
#
loop_
_entity.id
_entity.type
_entity.pdbx_description
1 polymer 'AP-2 complex subunit alpha-2'
2 polymer 'AP-2 complex subunit beta'
3 polymer 'AP-2 complex subunit mu'
4 polymer 'AP-2 complex subunit sigma'
5 polymer 'Adaptin ear-binding coat-associated protein 2'
#
loop_
_entity_poly.entity_id
_entity_poly.type
_entity_poly.pdbx_seq_one_letter_code
_entity_poly.pdbx_strand_id
1 'polypeptide(L)'
;MPAVSKGEGMRGLAVFISDIRNCKSKEAEIKRINKELANIRSKFKGDKALDGYSKKKYVCKLLFIFLLGHDIDFGHMEAV
NLLSSNRYTEKQIGYLFISVLVNSNSELIRLINNAIKNDLASRNPTFMGLALHCIANVGSREMAEAFAGEIPKILVAGDT
MDSVKQSAALCLLRLYRTSPDLVPMGDWTSRVVHLLNDQHLGVVTAATSLITTLAQKNPEEFKTSVSLAVSRLSRIVTSA
STDLQDYTYYFVPAPWLSVKLLRLLQCYPPPEDPAVRGRLTECLETILNKAQEPPKSKKVQHSNAKNAVLFEAISLIIHH
DSEPNLLVRACNQLGQFLQHRETNLRYLALESMCTLASSEFSHEAVKTHIETVINALKTERDVSVRQRAVDLLYAMCDRS
NAQQIVAEMLSYLETADYSIREEIVLKVAILAEKYAVDYTWYVDTILNLIRIAGDYVSEEVWYRVIQIVINRDDVQGYAA
KTVFEALQAPACHENLVKVGGYILGEFGNLIAGDPRSSPLIQFNLLHSKFHLCSVPTRALLLSTYIKFVNLFPEVKATIQ
DVLRSDSQLKNADVELQQRAVEYLRLSTVASTDILATVLEEMPPFPERESSILAKLKKKKG
;
A
2 'polypeptide(L)'
;MTDSKYFTTNKKGEIFELKAELNNEKKEKRKEAVKKVIAAMTVGKDVSSLFPDVVNCMQTDNLELKKLVYLYLMNYAKSQ
PDMAIMAVNSFVKDCEDPNPLIRALAVRTMGCIRVDKITEYLCEPLRKCLKDEDPYVRKTAAVCVAKLHDINAQMVEDQG
FLDSLRDLIADSNPMVVANAVAALSEISESHPNSNLLDLNPQNINKLLTALNECTEWGQIFILDCLSNYNPKDDREAQSI
CERVTPRLSHANSAVVLSAVKVLMKFLELLPKDSDYYNMLLKKLAPPLVTLLSGEPEVQYVALRNINLIVQKRPEILKQE
IKVFFVKYNDPIYVKLEKLDIMIRLASQANIAQVLAELKEYATEVDVDFVRKAVRAIGRCAIKVEQSAERCVSTLLDLIQ
TKVNYVVQEAIVVIRDIFRKYPNKYESIIATLCENLDSLDEPDARAAMIWIVGEYAERIDNADELLESFLEGFHDESTQV
QLTLLTAIVKLFLKKPSETQELVQQVLSLATQDSDNPDLRDRGYIYWRLLSTDPVTAKEVVLSEKPLISEETDLIEPTLL
DELICHIGSLASVYHKPPNAFVEGSHGIHRK
;
B
3 'polypeptide(L)'
;MIGGLFIYNHKGEVLISRVYRDDIGRNAVDAFRVNVIHARQQVRSPVTNIARTSFFHVKRSNIWLAAVTKQNVNAAMVFE
FLYKMCDVMAAYFGKISEENIKNNFVLIYELLDEILDFGYPQNSETGALKTFITQQGIKSQHQTKEEQSQITSQV(TPO)
GQIGWRREGIKYRRNELFLDVLESVNLLMSPQGQVLSAHVSGRVVMKSYLSGMPECKFGMNDKIVIEKQGKGTADETSKS
GKQSIAIDDCTFHQCVRLSKFDSERSISFIPPDGEFELMRYRTTKDIILPFRVIPLVREVGRTKLEVKVVIKSNFKPSLL
AQKIEVRIPTPLNTSGVQVICMKGKAKYKASENAIVWKIKRMAGMKESQISAEIELLPTNDKKKWARPPISMNFEVPFAP
SGLKVRYLKVFEPKLNYSDHDVIKWVRYIGRSGIYETRC
;
M
4 'polypeptide(L)'
;MIRFILIQNRAGKTRLAKWYMQFDDDEKQKLIEEVHAVVTVRDAKHTNFVEFRNFKIIYRRYAGLYFCICVDVNDNNLAY
LEAIHNFVEVLNEYFHNVCELDLVFNFYKVYTVVDEMFLAGEIRETSQTKVLKQLLMLQSLE
;
S
5 'polypeptide(L)'
;MEESEYESVLCVKPEVHVYRIPPRATNRGYRASEWQLDQPSWSGRLRITAKGKVAYIKLEDRTSGELFAQAPVDQFPGTA
VESVTDSSRYFVIRIEDGNGRRAFIGLGFGDRGDAFDFNVALQDHFKWVKQQCEFAKQAQNPDEGPKLDLGFKDGQTIKI
NIANMRKKEGAAGTPRARPTSAGGLSLLPPPPGGKSSTVIPPSGEQLSVGGSLVQPAVVSGSGGATELWPQSKPAAAATA
DIWGDFTKSTGSPSSQSQPGTGWVQF
;
N
#
# COMPACT_ATOMS: atom_id res chain seq x y z
N ARG A 11 42.34 -20.92 -12.33
CA ARG A 11 41.28 -21.03 -13.32
C ARG A 11 40.11 -21.80 -12.72
N GLY A 12 40.31 -22.31 -11.51
CA GLY A 12 39.29 -23.14 -10.89
C GLY A 12 38.11 -22.34 -10.37
N LEU A 13 38.30 -21.05 -10.15
CA LEU A 13 37.21 -20.22 -9.64
C LEU A 13 36.20 -19.91 -10.72
N ALA A 14 36.67 -19.55 -11.92
CA ALA A 14 35.79 -19.13 -13.00
C ALA A 14 34.96 -20.30 -13.52
N VAL A 15 35.45 -21.53 -13.32
CA VAL A 15 34.66 -22.71 -13.65
C VAL A 15 33.49 -22.85 -12.69
N PHE A 16 33.73 -22.62 -11.40
CA PHE A 16 32.71 -22.83 -10.39
C PHE A 16 31.63 -21.77 -10.44
N ILE A 17 32.00 -20.55 -10.83
CA ILE A 17 31.02 -19.46 -10.87
C ILE A 17 30.04 -19.67 -12.02
N SER A 18 30.55 -20.02 -13.20
CA SER A 18 29.66 -20.27 -14.32
C SER A 18 28.95 -21.61 -14.19
N ASP A 19 29.42 -22.49 -13.31
CA ASP A 19 28.64 -23.67 -12.98
C ASP A 19 27.44 -23.30 -12.13
N ILE A 20 27.55 -22.23 -11.35
CA ILE A 20 26.41 -21.72 -10.60
C ILE A 20 25.48 -20.94 -11.52
N ARG A 21 26.05 -20.16 -12.44
CA ARG A 21 25.24 -19.33 -13.31
C ARG A 21 24.49 -20.15 -14.35
N ASN A 22 24.94 -21.36 -14.64
CA ASN A 22 24.23 -22.23 -15.56
C ASN A 22 23.22 -23.11 -14.84
N CYS A 23 22.88 -22.80 -13.60
CA CYS A 23 21.76 -23.46 -12.96
C CYS A 23 20.45 -22.88 -13.46
N LYS A 24 19.49 -23.75 -13.70
CA LYS A 24 18.20 -23.31 -14.22
C LYS A 24 17.13 -23.23 -13.15
N SER A 25 17.49 -23.41 -11.88
CA SER A 25 16.52 -23.29 -10.80
C SER A 25 17.27 -22.91 -9.54
N LYS A 26 16.50 -22.55 -8.51
CA LYS A 26 17.11 -22.24 -7.22
C LYS A 26 17.61 -23.50 -6.54
N GLU A 27 16.86 -24.60 -6.64
CA GLU A 27 17.25 -25.84 -5.96
C GLU A 27 18.43 -26.50 -6.64
N ALA A 28 18.68 -26.17 -7.92
CA ALA A 28 19.89 -26.65 -8.58
C ALA A 28 21.12 -25.96 -8.02
N GLU A 29 20.96 -24.74 -7.52
CA GLU A 29 22.09 -24.05 -6.91
C GLU A 29 22.42 -24.65 -5.56
N ILE A 30 21.38 -24.94 -4.76
CA ILE A 30 21.58 -25.43 -3.39
C ILE A 30 22.27 -26.78 -3.39
N LYS A 31 21.95 -27.62 -4.38
CA LYS A 31 22.63 -28.90 -4.49
C LYS A 31 24.03 -28.74 -5.04
N ARG A 32 24.26 -27.74 -5.88
CA ARG A 32 25.58 -27.54 -6.44
C ARG A 32 26.49 -26.83 -5.43
N ILE A 33 25.92 -25.94 -4.63
CA ILE A 33 26.67 -25.34 -3.52
C ILE A 33 27.05 -26.41 -2.50
N ASN A 34 26.08 -27.26 -2.13
CA ASN A 34 26.32 -28.19 -1.04
C ASN A 34 27.25 -29.33 -1.46
N LYS A 35 27.32 -29.62 -2.76
CA LYS A 35 28.30 -30.62 -3.19
C LYS A 35 29.68 -29.99 -3.30
N GLU A 36 29.75 -28.66 -3.31
CA GLU A 36 31.04 -27.99 -3.27
C GLU A 36 31.44 -27.68 -1.83
N LEU A 37 30.46 -27.35 -0.98
CA LEU A 37 30.74 -27.18 0.44
C LEU A 37 31.20 -28.48 1.07
N ALA A 38 30.65 -29.61 0.61
CA ALA A 38 31.12 -30.89 1.11
C ALA A 38 32.51 -31.21 0.57
N ASN A 39 32.82 -30.74 -0.63
CA ASN A 39 34.15 -30.96 -1.20
C ASN A 39 35.19 -30.14 -0.46
N ILE A 40 34.88 -28.87 -0.19
CA ILE A 40 35.84 -27.98 0.46
C ILE A 40 36.08 -28.40 1.91
N ARG A 41 35.03 -28.89 2.57
CA ARG A 41 35.18 -29.33 3.96
C ARG A 41 36.06 -30.56 4.04
N SER A 42 36.02 -31.41 3.01
CA SER A 42 36.87 -32.58 2.97
C SER A 42 38.34 -32.22 2.76
N LYS A 43 38.59 -31.08 2.12
CA LYS A 43 39.97 -30.66 1.91
C LYS A 43 40.56 -30.04 3.17
N PHE A 44 39.72 -29.69 4.13
CA PHE A 44 40.18 -29.05 5.35
C PHE A 44 40.13 -30.03 6.51
N LEU A 50 47.84 -28.70 2.23
CA LEU A 50 47.42 -28.13 0.96
C LEU A 50 48.41 -27.10 0.45
N ASP A 51 48.49 -26.98 -0.86
CA ASP A 51 49.24 -25.88 -1.47
C ASP A 51 48.53 -24.57 -1.15
N GLY A 52 49.31 -23.50 -0.99
CA GLY A 52 48.73 -22.20 -0.71
C GLY A 52 47.93 -21.65 -1.88
N TYR A 53 48.33 -22.00 -3.11
CA TYR A 53 47.51 -21.66 -4.27
C TYR A 53 46.20 -22.42 -4.24
N SER A 54 46.25 -23.69 -3.83
CA SER A 54 45.03 -24.48 -3.75
C SER A 54 44.23 -24.14 -2.51
N LYS A 55 44.86 -23.48 -1.53
CA LYS A 55 44.13 -23.08 -0.34
C LYS A 55 43.40 -21.77 -0.57
N LYS A 56 44.03 -20.82 -1.29
CA LYS A 56 43.35 -19.55 -1.53
C LYS A 56 42.27 -19.68 -2.57
N LYS A 57 42.34 -20.73 -3.40
CA LYS A 57 41.31 -20.94 -4.40
C LYS A 57 40.01 -21.38 -3.74
N TYR A 58 40.14 -22.13 -2.65
CA TYR A 58 38.94 -22.60 -1.96
C TYR A 58 38.32 -21.51 -1.12
N VAL A 59 39.12 -20.59 -0.60
CA VAL A 59 38.58 -19.48 0.16
C VAL A 59 37.84 -18.53 -0.77
N CYS A 60 38.34 -18.33 -1.99
CA CYS A 60 37.58 -17.59 -3.00
C CYS A 60 36.30 -18.32 -3.37
N LYS A 61 36.32 -19.65 -3.35
CA LYS A 61 35.06 -20.38 -3.51
C LYS A 61 34.18 -20.17 -2.29
N LEU A 62 34.76 -20.21 -1.08
CA LEU A 62 33.96 -20.04 0.12
C LEU A 62 33.47 -18.60 0.28
N LEU A 63 34.22 -17.64 -0.26
CA LEU A 63 33.79 -16.25 -0.18
C LEU A 63 32.66 -16.00 -1.17
N PHE A 64 32.75 -16.60 -2.36
CA PHE A 64 31.72 -16.40 -3.38
C PHE A 64 30.42 -17.07 -2.97
N ILE A 65 30.51 -18.17 -2.23
CA ILE A 65 29.31 -18.82 -1.70
C ILE A 65 28.66 -17.94 -0.63
N PHE A 66 29.48 -17.23 0.15
CA PHE A 66 28.94 -16.35 1.18
C PHE A 66 28.23 -15.15 0.58
N LEU A 67 28.78 -14.59 -0.50
CA LEU A 67 28.23 -13.36 -1.05
C LEU A 67 26.95 -13.62 -1.81
N LEU A 68 26.69 -14.87 -2.20
CA LEU A 68 25.37 -15.22 -2.70
C LEU A 68 24.34 -15.30 -1.58
N GLY A 69 24.79 -15.41 -0.34
CA GLY A 69 23.89 -15.37 0.80
C GLY A 69 23.82 -16.66 1.58
N HIS A 70 24.58 -17.68 1.21
CA HIS A 70 24.51 -18.97 1.87
C HIS A 70 25.34 -18.92 3.14
N ASP A 71 24.96 -19.75 4.11
CA ASP A 71 25.60 -19.72 5.42
C ASP A 71 26.93 -20.45 5.33
N ILE A 72 27.99 -19.79 5.77
CA ILE A 72 29.31 -20.41 5.86
C ILE A 72 29.70 -20.49 7.34
N ASP A 73 30.04 -21.70 7.80
CA ASP A 73 30.35 -21.92 9.20
C ASP A 73 31.73 -22.53 9.41
N PHE A 74 32.61 -22.42 8.43
CA PHE A 74 33.98 -22.90 8.60
C PHE A 74 34.88 -22.03 7.73
N GLY A 75 36.15 -22.43 7.65
CA GLY A 75 37.10 -21.78 6.78
C GLY A 75 37.85 -20.63 7.41
N HIS A 76 37.60 -20.32 8.68
CA HIS A 76 38.29 -19.19 9.30
C HIS A 76 39.73 -19.53 9.62
N MET A 77 39.99 -20.76 10.09
CA MET A 77 41.35 -21.16 10.40
C MET A 77 42.19 -21.31 9.15
N GLU A 78 41.56 -21.63 8.02
CA GLU A 78 42.31 -21.70 6.78
C GLU A 78 42.64 -20.31 6.25
N ALA A 79 41.80 -19.32 6.58
CA ALA A 79 42.03 -17.97 6.09
C ALA A 79 43.14 -17.27 6.88
N VAL A 80 43.21 -17.53 8.18
CA VAL A 80 44.26 -16.95 9.01
C VAL A 80 45.61 -17.57 8.65
N ASN A 81 45.61 -18.83 8.20
CA ASN A 81 46.82 -19.44 7.70
C ASN A 81 47.30 -18.78 6.42
N LEU A 82 46.37 -18.17 5.67
CA LEU A 82 46.78 -17.38 4.51
C LEU A 82 47.37 -16.04 4.91
N LEU A 83 47.05 -15.55 6.11
CA LEU A 83 47.55 -14.25 6.52
C LEU A 83 49.03 -14.31 6.82
N SER A 84 49.52 -15.48 7.25
CA SER A 84 50.92 -15.66 7.59
C SER A 84 51.78 -15.98 6.37
N SER A 85 51.21 -15.96 5.17
CA SER A 85 51.99 -16.23 3.98
C SER A 85 52.84 -15.02 3.61
N ASN A 86 53.58 -15.15 2.51
CA ASN A 86 54.51 -14.12 2.06
C ASN A 86 54.28 -13.71 0.62
N ARG A 87 53.32 -14.32 -0.06
CA ARG A 87 52.90 -13.86 -1.37
C ARG A 87 51.68 -12.97 -1.20
N TYR A 88 51.54 -11.98 -2.08
CA TYR A 88 50.54 -10.94 -1.90
C TYR A 88 49.14 -11.47 -2.10
N THR A 89 48.95 -12.33 -3.09
CA THR A 89 47.59 -12.74 -3.46
C THR A 89 47.00 -13.66 -2.41
N GLU A 90 47.85 -14.47 -1.77
CA GLU A 90 47.37 -15.31 -0.68
C GLU A 90 47.03 -14.47 0.54
N LYS A 91 47.70 -13.33 0.72
CA LYS A 91 47.40 -12.49 1.87
C LYS A 91 46.13 -11.69 1.67
N GLN A 92 45.96 -11.10 0.48
CA GLN A 92 44.87 -10.16 0.27
C GLN A 92 43.55 -10.89 0.09
N ILE A 93 43.62 -12.19 -0.20
CA ILE A 93 42.42 -13.02 -0.16
C ILE A 93 42.16 -13.50 1.25
N GLY A 94 43.23 -13.67 2.03
CA GLY A 94 43.06 -14.01 3.44
C GLY A 94 42.47 -12.87 4.24
N TYR A 95 42.91 -11.64 3.96
CA TYR A 95 42.34 -10.48 4.66
C TYR A 95 40.93 -10.19 4.19
N LEU A 96 40.64 -10.51 2.93
CA LEU A 96 39.31 -10.23 2.39
C LEU A 96 38.27 -11.15 3.00
N PHE A 97 38.66 -12.37 3.35
CA PHE A 97 37.74 -13.26 4.04
C PHE A 97 37.46 -12.75 5.45
N ILE A 98 38.49 -12.24 6.11
CA ILE A 98 38.35 -11.78 7.50
C ILE A 98 37.51 -10.53 7.56
N SER A 99 37.66 -9.64 6.58
CA SER A 99 36.95 -8.37 6.58
C SER A 99 35.47 -8.57 6.28
N VAL A 100 35.14 -9.57 5.49
CA VAL A 100 33.74 -9.79 5.11
C VAL A 100 33.04 -10.66 6.14
N LEU A 101 33.63 -11.82 6.47
CA LEU A 101 33.02 -12.75 7.42
C LEU A 101 33.62 -12.52 8.80
N VAL A 102 32.96 -11.69 9.58
CA VAL A 102 33.48 -11.32 10.89
C VAL A 102 33.02 -12.34 11.92
N ASN A 103 33.98 -13.12 12.45
CA ASN A 103 33.71 -14.08 13.50
C ASN A 103 34.16 -13.47 14.82
N SER A 104 33.51 -13.90 15.91
CA SER A 104 33.79 -13.40 17.24
C SER A 104 34.35 -14.49 18.14
N ASN A 105 34.98 -15.51 17.56
CA ASN A 105 35.75 -16.47 18.32
C ASN A 105 36.94 -15.74 18.93
N SER A 106 37.12 -15.89 20.24
CA SER A 106 38.19 -15.19 20.93
C SER A 106 39.56 -15.73 20.55
N GLU A 107 39.62 -16.99 20.12
CA GLU A 107 40.89 -17.54 19.64
C GLU A 107 41.25 -16.96 18.29
N LEU A 108 40.27 -16.74 17.43
CA LEU A 108 40.55 -16.19 16.10
C LEU A 108 41.02 -14.74 16.18
N ILE A 109 40.43 -13.96 17.09
CA ILE A 109 40.77 -12.54 17.20
C ILE A 109 42.20 -12.40 17.70
N ARG A 110 42.65 -13.32 18.54
CA ARG A 110 44.04 -13.34 18.96
C ARG A 110 44.96 -13.72 17.80
N LEU A 111 44.51 -14.65 16.96
CA LEU A 111 45.33 -15.08 15.82
C LEU A 111 45.38 -14.01 14.74
N ILE A 112 44.30 -13.24 14.57
CA ILE A 112 44.29 -12.21 13.55
C ILE A 112 45.15 -11.03 13.97
N ASN A 113 45.08 -10.64 15.24
CA ASN A 113 45.84 -9.49 15.73
C ASN A 113 47.34 -9.75 15.70
N ASN A 114 47.75 -11.01 15.88
CA ASN A 114 49.15 -11.35 15.74
C ASN A 114 49.56 -11.37 14.28
N ALA A 115 48.63 -11.64 13.39
CA ALA A 115 48.94 -11.62 11.96
C ALA A 115 49.02 -10.19 11.45
N ILE A 116 48.39 -9.26 12.17
CA ILE A 116 48.43 -7.86 11.76
C ILE A 116 49.66 -7.17 12.34
N LYS A 117 50.03 -7.52 13.58
CA LYS A 117 51.26 -6.98 14.16
C LYS A 117 52.49 -7.44 13.40
N ASN A 118 52.43 -8.62 12.78
CA ASN A 118 53.51 -9.04 11.90
C ASN A 118 53.55 -8.19 10.65
N ASP A 119 52.40 -7.80 10.13
CA ASP A 119 52.39 -7.00 8.91
C ASP A 119 52.66 -5.53 9.18
N LEU A 120 52.21 -5.02 10.32
CA LEU A 120 52.50 -3.64 10.66
C LEU A 120 53.97 -3.45 11.04
N ALA A 121 54.60 -4.46 11.65
CA ALA A 121 56.02 -4.34 11.97
C ALA A 121 56.89 -4.50 10.74
N SER A 122 56.36 -5.14 9.70
CA SER A 122 57.05 -5.17 8.42
C SER A 122 57.12 -3.78 7.82
N ARG A 123 58.14 -3.54 7.00
CA ARG A 123 58.24 -2.27 6.33
C ARG A 123 57.91 -2.37 4.85
N ASN A 124 57.21 -3.41 4.46
CA ASN A 124 56.66 -3.50 3.11
C ASN A 124 55.42 -2.64 3.09
N PRO A 125 55.34 -1.64 2.21
CA PRO A 125 54.18 -0.75 2.19
C PRO A 125 52.91 -1.42 1.73
N THR A 126 53.01 -2.47 0.91
CA THR A 126 51.83 -3.19 0.51
C THR A 126 51.33 -4.16 1.58
N PHE A 127 52.23 -4.69 2.40
CA PHE A 127 51.79 -5.56 3.49
C PHE A 127 51.19 -4.75 4.63
N MET A 128 51.70 -3.54 4.85
CA MET A 128 51.07 -2.66 5.82
C MET A 128 49.74 -2.14 5.31
N GLY A 129 49.62 -1.99 3.99
CA GLY A 129 48.37 -1.49 3.43
C GLY A 129 47.23 -2.47 3.59
N LEU A 130 47.53 -3.78 3.53
CA LEU A 130 46.49 -4.77 3.79
C LEU A 130 46.10 -4.77 5.26
N ALA A 131 47.07 -4.58 6.14
CA ALA A 131 46.78 -4.64 7.57
C ALA A 131 45.99 -3.42 8.01
N LEU A 132 46.29 -2.26 7.43
CA LEU A 132 45.58 -1.05 7.82
C LEU A 132 44.15 -1.05 7.28
N HIS A 133 43.91 -1.73 6.16
CA HIS A 133 42.55 -1.82 5.66
C HIS A 133 41.73 -2.80 6.47
N CYS A 134 42.36 -3.89 6.94
CA CYS A 134 41.62 -4.91 7.68
C CYS A 134 41.21 -4.41 9.05
N ILE A 135 41.98 -3.50 9.64
CA ILE A 135 41.55 -2.85 10.87
C ILE A 135 40.43 -1.88 10.56
N ALA A 136 40.53 -1.18 9.43
CA ALA A 136 39.55 -0.16 9.11
C ALA A 136 38.31 -0.75 8.45
N ASN A 137 38.30 -2.05 8.18
CA ASN A 137 37.08 -2.66 7.68
C ASN A 137 36.33 -3.38 8.79
N VAL A 138 37.05 -4.04 9.68
CA VAL A 138 36.39 -4.75 10.77
C VAL A 138 36.04 -3.74 11.84
N GLY A 139 37.05 -3.13 12.44
CA GLY A 139 36.85 -2.02 13.35
C GLY A 139 36.19 -2.35 14.67
N SER A 140 36.35 -3.56 15.18
CA SER A 140 35.79 -3.91 16.46
C SER A 140 36.59 -3.30 17.60
N ARG A 141 36.09 -3.47 18.83
CA ARG A 141 36.84 -2.97 19.98
C ARG A 141 38.06 -3.80 20.27
N GLU A 142 38.00 -5.11 20.02
CA GLU A 142 39.13 -5.99 20.30
C GLU A 142 40.32 -5.69 19.41
N MET A 143 40.10 -5.10 18.25
CA MET A 143 41.17 -4.58 17.42
C MET A 143 41.54 -3.16 17.78
N ALA A 144 40.63 -2.42 18.41
CA ALA A 144 40.98 -1.11 18.92
C ALA A 144 41.80 -1.23 20.19
N GLU A 145 41.57 -2.28 20.97
CA GLU A 145 42.30 -2.46 22.22
C GLU A 145 43.75 -2.86 21.98
N ALA A 146 44.06 -3.34 20.78
CA ALA A 146 45.41 -3.82 20.50
C ALA A 146 46.20 -2.89 19.60
N PHE A 147 45.54 -1.97 18.88
CA PHE A 147 46.17 -1.26 17.79
C PHE A 147 46.11 0.25 17.87
N ALA A 148 45.22 0.82 18.68
CA ALA A 148 44.96 2.26 18.62
C ALA A 148 46.11 3.09 19.19
N GLY A 149 47.07 2.45 19.84
CA GLY A 149 48.28 3.12 20.24
C GLY A 149 49.41 3.04 19.25
N GLU A 150 49.29 2.16 18.25
CA GLU A 150 50.28 1.99 17.20
C GLU A 150 49.97 2.80 15.95
N ILE A 151 48.67 3.01 15.69
CA ILE A 151 48.28 3.72 14.47
C ILE A 151 48.71 5.18 14.43
N PRO A 152 48.63 5.99 15.51
CA PRO A 152 49.20 7.34 15.41
C PRO A 152 50.72 7.34 15.30
N LYS A 153 51.39 6.29 15.76
CA LYS A 153 52.84 6.25 15.64
C LYS A 153 53.27 6.01 14.20
N ILE A 154 52.46 5.28 13.43
CA ILE A 154 52.76 5.06 12.02
C ILE A 154 52.49 6.32 11.22
N LEU A 155 51.43 7.04 11.59
CA LEU A 155 51.07 8.27 10.88
C LEU A 155 52.09 9.37 11.15
N VAL A 156 52.65 9.38 12.35
CA VAL A 156 53.63 10.41 12.72
C VAL A 156 54.96 10.20 12.01
N ALA A 157 55.43 8.95 11.96
CA ALA A 157 56.81 8.61 11.61
C ALA A 157 57.17 9.02 10.20
N GLY A 158 58.39 9.53 10.03
CA GLY A 158 58.81 10.10 8.76
C GLY A 158 59.17 9.06 7.72
N ASP A 159 59.43 7.82 8.13
CA ASP A 159 59.77 6.76 7.19
C ASP A 159 58.55 6.12 6.55
N THR A 160 57.36 6.48 7.00
CA THR A 160 56.13 5.88 6.50
C THR A 160 55.86 6.35 5.08
N MET A 161 55.53 5.39 4.22
CA MET A 161 55.23 5.70 2.83
C MET A 161 53.93 6.50 2.76
N ASP A 162 53.82 7.34 1.72
CA ASP A 162 52.69 8.25 1.60
C ASP A 162 51.37 7.50 1.41
N SER A 163 51.40 6.39 0.68
CA SER A 163 50.18 5.59 0.55
C SER A 163 49.83 4.88 1.85
N VAL A 164 50.82 4.65 2.71
CA VAL A 164 50.53 4.11 4.02
C VAL A 164 50.05 5.22 4.94
N LYS A 165 50.50 6.45 4.71
CA LYS A 165 50.00 7.60 5.47
C LYS A 165 48.54 7.89 5.16
N GLN A 166 48.10 7.58 3.94
CA GLN A 166 46.69 7.68 3.62
C GLN A 166 45.88 6.66 4.40
N SER A 167 46.32 5.40 4.36
CA SER A 167 45.52 4.33 4.94
C SER A 167 45.58 4.36 6.46
N ALA A 168 46.65 4.90 7.03
CA ALA A 168 46.74 4.95 8.49
C ALA A 168 45.88 6.06 9.06
N ALA A 169 45.74 7.15 8.32
CA ALA A 169 44.93 8.27 8.81
C ALA A 169 43.45 7.92 8.79
N LEU A 170 43.01 7.22 7.75
CA LEU A 170 41.62 6.82 7.69
C LEU A 170 41.33 5.64 8.61
N CYS A 171 42.35 4.84 8.93
CA CYS A 171 42.17 3.77 9.91
C CYS A 171 42.04 4.34 11.31
N LEU A 172 42.75 5.43 11.59
CA LEU A 172 42.62 6.10 12.88
C LEU A 172 41.29 6.83 12.97
N LEU A 173 40.70 7.16 11.82
CA LEU A 173 39.40 7.82 11.79
C LEU A 173 38.30 6.88 12.28
N ARG A 174 38.36 5.62 11.85
CA ARG A 174 37.33 4.68 12.26
C ARG A 174 37.50 4.27 13.72
N LEU A 175 38.76 4.17 14.17
CA LEU A 175 38.99 3.85 15.57
C LEU A 175 38.55 4.98 16.49
N TYR A 176 38.54 6.21 15.97
CA TYR A 176 37.95 7.31 16.73
C TYR A 176 36.44 7.26 16.65
N ARG A 177 35.89 6.84 15.52
CA ARG A 177 34.44 6.79 15.38
C ARG A 177 33.84 5.62 16.15
N THR A 178 34.54 4.48 16.17
CA THR A 178 34.02 3.32 16.89
C THR A 178 34.16 3.52 18.39
N SER A 179 35.34 3.89 18.85
CA SER A 179 35.61 4.03 20.29
C SER A 179 36.48 5.25 20.52
N PRO A 180 35.87 6.39 20.83
CA PRO A 180 36.66 7.62 21.03
C PRO A 180 37.51 7.59 22.29
N ASP A 181 37.12 6.78 23.28
CA ASP A 181 37.86 6.72 24.53
C ASP A 181 39.17 5.96 24.40
N LEU A 182 39.26 5.05 23.44
CA LEU A 182 40.52 4.34 23.21
C LEU A 182 41.47 5.10 22.29
N VAL A 183 41.05 6.25 21.76
CA VAL A 183 41.94 7.12 21.01
C VAL A 183 42.00 8.43 21.76
N PRO A 184 42.92 8.60 22.71
CA PRO A 184 43.06 9.90 23.35
C PRO A 184 44.07 10.75 22.60
N MET A 185 43.89 12.06 22.70
CA MET A 185 44.77 12.97 21.98
C MET A 185 46.03 13.24 22.79
N GLY A 186 47.04 13.77 22.10
CA GLY A 186 48.32 13.98 22.75
C GLY A 186 49.33 14.58 21.80
N ASP A 187 50.52 14.00 21.82
CA ASP A 187 51.67 14.52 21.08
C ASP A 187 51.50 14.41 19.57
N TRP A 188 50.78 13.38 19.13
CA TRP A 188 50.66 13.12 17.70
C TRP A 188 49.73 14.11 17.00
N THR A 189 48.91 14.84 17.76
CA THR A 189 47.93 15.73 17.14
C THR A 189 48.58 16.96 16.53
N SER A 190 49.70 17.40 17.07
CA SER A 190 50.37 18.57 16.52
C SER A 190 51.14 18.24 15.25
N ARG A 191 51.36 16.95 14.99
CA ARG A 191 52.07 16.56 13.77
C ARG A 191 51.11 16.03 12.72
N VAL A 192 49.84 15.82 13.08
CA VAL A 192 48.82 15.55 12.08
C VAL A 192 48.54 16.80 11.26
N VAL A 193 48.50 17.96 11.91
CA VAL A 193 48.16 19.19 11.21
C VAL A 193 49.27 19.64 10.27
N HIS A 194 50.48 19.11 10.43
CA HIS A 194 51.56 19.41 9.49
C HIS A 194 51.37 18.69 8.16
N LEU A 195 50.49 17.68 8.11
CA LEU A 195 50.27 16.95 6.87
C LEU A 195 49.47 17.78 5.86
N LEU A 196 48.91 18.90 6.28
CA LEU A 196 48.29 19.81 5.33
C LEU A 196 49.30 20.56 4.49
N ASN A 197 50.57 20.57 4.89
CA ASN A 197 51.65 21.16 4.12
C ASN A 197 52.30 20.17 3.15
N ASP A 198 51.80 18.94 3.09
CA ASP A 198 52.49 17.89 2.36
C ASP A 198 52.24 18.03 0.86
N GLN A 199 53.23 17.60 0.08
CA GLN A 199 53.16 17.70 -1.37
C GLN A 199 52.22 16.69 -1.98
N HIS A 200 52.10 15.51 -1.39
CA HIS A 200 51.22 14.48 -1.92
C HIS A 200 49.81 14.80 -1.48
N LEU A 201 48.95 15.17 -2.44
CA LEU A 201 47.61 15.61 -2.10
C LEU A 201 46.73 14.48 -1.61
N GLY A 202 47.08 13.24 -1.93
CA GLY A 202 46.36 12.11 -1.38
C GLY A 202 46.59 11.96 0.12
N VAL A 203 47.75 12.39 0.59
CA VAL A 203 48.00 12.41 2.03
C VAL A 203 47.21 13.53 2.69
N VAL A 204 47.10 14.67 1.99
CA VAL A 204 46.33 15.79 2.52
C VAL A 204 44.84 15.44 2.54
N THR A 205 44.39 14.66 1.56
CA THR A 205 42.98 14.28 1.48
C THR A 205 42.59 13.38 2.65
N ALA A 206 43.48 12.47 3.03
CA ALA A 206 43.21 11.64 4.19
C ALA A 206 43.48 12.39 5.48
N ALA A 207 44.20 13.51 5.40
CA ALA A 207 44.44 14.29 6.61
C ALA A 207 43.23 15.16 6.96
N THR A 208 42.64 15.80 5.94
CA THR A 208 41.51 16.71 6.16
C THR A 208 40.29 15.99 6.69
N SER A 209 40.07 14.74 6.29
CA SER A 209 38.98 13.97 6.86
C SER A 209 39.27 13.60 8.30
N LEU A 210 40.54 13.47 8.65
CA LEU A 210 40.89 13.13 10.02
C LEU A 210 40.81 14.34 10.92
N ILE A 211 41.24 15.50 10.44
CA ILE A 211 41.21 16.70 11.24
C ILE A 211 39.77 17.19 11.41
N THR A 212 38.91 16.91 10.42
CA THR A 212 37.52 17.39 10.47
C THR A 212 36.74 16.71 11.59
N THR A 213 36.83 15.38 11.66
CA THR A 213 36.06 14.64 12.64
C THR A 213 36.62 14.83 14.04
N LEU A 214 37.95 14.98 14.15
CA LEU A 214 38.53 15.20 15.46
C LEU A 214 38.26 16.60 15.97
N ALA A 215 38.02 17.56 15.08
CA ALA A 215 37.69 18.90 15.56
C ALA A 215 36.23 19.07 15.87
N GLN A 216 35.41 18.02 15.73
CA GLN A 216 34.01 18.11 16.11
C GLN A 216 33.84 18.21 17.61
N LYS A 217 34.72 17.56 18.37
CA LYS A 217 34.63 17.54 19.82
C LYS A 217 35.76 18.25 20.53
N ASN A 218 36.95 18.33 19.94
CA ASN A 218 38.04 19.13 20.49
C ASN A 218 38.49 20.12 19.43
N PRO A 219 37.76 21.23 19.27
CA PRO A 219 38.07 22.15 18.17
C PRO A 219 39.32 22.95 18.39
N GLU A 220 39.58 23.38 19.63
CA GLU A 220 40.63 24.37 19.89
C GLU A 220 42.01 23.74 19.83
N GLU A 221 42.07 22.40 19.93
CA GLU A 221 43.36 21.74 19.84
C GLU A 221 43.87 21.74 18.41
N PHE A 222 42.96 21.62 17.45
CA PHE A 222 43.29 21.62 16.04
C PHE A 222 43.15 22.99 15.40
N LYS A 223 43.34 24.07 16.17
CA LYS A 223 43.07 25.41 15.68
C LYS A 223 44.11 25.88 14.68
N THR A 224 45.33 25.36 14.75
CA THR A 224 46.37 25.78 13.81
C THR A 224 46.17 25.23 12.42
N SER A 225 45.22 24.30 12.24
CA SER A 225 44.92 23.81 10.91
C SER A 225 44.07 24.78 10.10
N VAL A 226 43.47 25.79 10.75
CA VAL A 226 42.64 26.75 10.04
C VAL A 226 43.51 27.61 9.12
N SER A 227 44.67 28.02 9.60
CA SER A 227 45.58 28.79 8.75
C SER A 227 46.24 27.91 7.70
N LEU A 228 46.38 26.62 7.97
CA LEU A 228 47.01 25.74 6.99
C LEU A 228 46.01 25.31 5.93
N ALA A 229 44.72 25.36 6.24
CA ALA A 229 43.71 24.95 5.28
C ALA A 229 43.50 26.01 4.22
N VAL A 230 43.47 27.28 4.62
CA VAL A 230 43.20 28.37 3.69
C VAL A 230 44.37 28.57 2.74
N SER A 231 45.59 28.44 3.25
CA SER A 231 46.76 28.68 2.43
C SER A 231 46.95 27.58 1.39
N ARG A 232 46.59 26.34 1.74
CA ARG A 232 46.61 25.28 0.74
C ARG A 232 45.47 25.44 -0.25
N LEU A 233 44.29 25.84 0.23
CA LEU A 233 43.13 26.00 -0.64
C LEU A 233 43.33 27.14 -1.63
N SER A 234 44.06 28.17 -1.22
CA SER A 234 44.36 29.28 -2.12
C SER A 234 45.30 28.86 -3.24
N ARG A 235 46.14 27.84 -3.01
CA ARG A 235 46.98 27.33 -4.08
C ARG A 235 46.21 26.39 -4.99
N ILE A 236 45.26 25.65 -4.43
CA ILE A 236 44.51 24.66 -5.21
C ILE A 236 43.54 25.36 -6.16
N VAL A 237 42.84 26.38 -5.66
CA VAL A 237 41.86 27.08 -6.46
C VAL A 237 42.54 27.91 -7.54
N THR A 238 43.47 28.77 -7.15
CA THR A 238 44.22 29.58 -8.11
C THR A 238 45.23 28.74 -8.88
N LEU A 244 49.35 20.37 -11.03
CA LEU A 244 48.61 19.23 -10.48
C LEU A 244 47.96 18.44 -11.59
N GLN A 245 48.77 17.89 -12.49
CA GLN A 245 48.23 17.19 -13.65
C GLN A 245 47.56 15.89 -13.25
N ASP A 246 47.98 15.30 -12.13
CA ASP A 246 47.42 14.03 -11.69
C ASP A 246 46.19 14.21 -10.83
N TYR A 247 45.90 15.42 -10.36
CA TYR A 247 44.77 15.66 -9.48
C TYR A 247 43.72 16.57 -10.11
N THR A 248 43.88 16.95 -11.36
CA THR A 248 42.74 17.59 -12.01
C THR A 248 41.73 16.52 -12.41
N TYR A 249 40.46 16.91 -12.37
CA TYR A 249 39.40 15.99 -12.77
C TYR A 249 38.48 16.78 -13.68
N TYR A 250 38.70 16.62 -14.99
CA TYR A 250 38.00 17.35 -16.04
C TYR A 250 38.13 18.85 -15.83
N PHE A 251 39.39 19.30 -15.87
CA PHE A 251 39.80 20.70 -15.91
C PHE A 251 39.44 21.43 -14.63
N VAL A 252 39.26 20.70 -13.54
CA VAL A 252 38.99 21.29 -12.23
C VAL A 252 40.12 20.91 -11.30
N PRO A 253 40.84 21.87 -10.72
CA PRO A 253 42.01 21.52 -9.91
C PRO A 253 41.60 21.00 -8.53
N ALA A 254 41.74 19.68 -8.35
CA ALA A 254 41.50 18.92 -7.11
C ALA A 254 40.15 19.21 -6.49
N PRO A 255 39.05 18.68 -7.04
CA PRO A 255 37.73 19.01 -6.50
C PRO A 255 37.45 18.40 -5.14
N TRP A 256 37.78 17.14 -4.90
CA TRP A 256 37.42 16.52 -3.63
C TRP A 256 38.26 17.00 -2.47
N LEU A 257 39.50 17.41 -2.72
CA LEU A 257 40.30 17.98 -1.64
C LEU A 257 39.79 19.38 -1.31
N SER A 258 39.38 20.13 -2.32
CA SER A 258 38.84 21.46 -2.06
C SER A 258 37.46 21.37 -1.42
N VAL A 259 36.72 20.28 -1.62
CA VAL A 259 35.48 20.09 -0.88
C VAL A 259 35.80 19.78 0.58
N LYS A 260 36.80 18.93 0.83
CA LYS A 260 37.14 18.56 2.20
C LYS A 260 37.81 19.71 2.95
N LEU A 261 38.50 20.60 2.23
CA LEU A 261 39.06 21.77 2.90
C LEU A 261 37.97 22.74 3.30
N LEU A 262 36.92 22.85 2.50
CA LEU A 262 35.83 23.75 2.84
C LEU A 262 34.97 23.18 3.95
N ARG A 263 34.93 21.86 4.10
CA ARG A 263 34.24 21.28 5.25
C ARG A 263 35.09 21.38 6.50
N LEU A 264 36.40 21.48 6.34
CA LEU A 264 37.29 21.65 7.48
C LEU A 264 37.12 23.03 8.09
N LEU A 265 36.87 24.04 7.25
CA LEU A 265 36.73 25.39 7.74
C LEU A 265 35.38 25.62 8.41
N GLN A 266 34.42 24.73 8.17
CA GLN A 266 33.10 24.87 8.78
C GLN A 266 33.05 24.34 10.21
N CYS A 267 34.10 23.73 10.70
CA CYS A 267 34.16 23.36 12.12
C CYS A 267 34.66 24.50 12.99
N TYR A 268 34.74 25.71 12.46
CA TYR A 268 35.37 26.84 13.13
C TYR A 268 34.61 28.12 12.84
N PRO A 269 34.73 29.12 13.71
CA PRO A 269 34.33 30.47 13.36
C PRO A 269 35.30 31.08 12.36
N PRO A 270 35.01 32.25 11.78
CA PRO A 270 36.02 32.96 10.97
C PRO A 270 37.27 33.22 11.78
N PRO A 271 38.45 33.12 11.15
CA PRO A 271 39.70 32.98 11.91
C PRO A 271 40.08 34.20 12.72
N GLU A 272 41.10 34.04 13.56
CA GLU A 272 41.50 35.14 14.42
C GLU A 272 42.38 36.13 13.68
N ASP A 273 43.22 35.63 12.77
CA ASP A 273 44.18 36.45 12.04
C ASP A 273 43.49 37.07 10.83
N PRO A 274 43.46 38.40 10.73
CA PRO A 274 42.86 39.04 9.54
C PRO A 274 43.66 38.84 8.27
N ALA A 275 44.93 38.46 8.37
CA ALA A 275 45.66 38.06 7.17
C ALA A 275 45.17 36.73 6.65
N VAL A 276 44.75 35.83 7.54
CA VAL A 276 44.13 34.59 7.11
C VAL A 276 42.73 34.87 6.57
N ARG A 277 41.99 35.76 7.23
CA ARG A 277 40.62 36.05 6.84
C ARG A 277 40.58 36.75 5.50
N GLY A 278 41.55 37.61 5.24
CA GLY A 278 41.57 38.30 3.96
C GLY A 278 41.91 37.35 2.82
N ARG A 279 42.81 36.41 3.08
CA ARG A 279 43.15 35.39 2.09
C ARG A 279 41.97 34.45 1.86
N LEU A 280 41.12 34.28 2.87
CA LEU A 280 39.93 33.45 2.74
C LEU A 280 38.88 34.13 1.89
N THR A 281 38.94 35.46 1.77
CA THR A 281 37.96 36.14 0.94
C THR A 281 38.23 35.97 -0.54
N GLU A 282 39.47 36.13 -1.01
CA GLU A 282 39.64 36.13 -2.46
C GLU A 282 39.68 34.73 -3.03
N CYS A 283 39.93 33.72 -2.18
CA CYS A 283 39.76 32.35 -2.66
C CYS A 283 38.28 32.04 -2.83
N LEU A 284 37.44 32.57 -1.94
CA LEU A 284 36.00 32.43 -2.13
C LEU A 284 35.50 33.33 -3.24
N GLU A 285 36.18 34.43 -3.49
CA GLU A 285 35.84 35.26 -4.64
C GLU A 285 36.26 34.60 -5.94
N THR A 286 37.34 33.81 -5.91
CA THR A 286 37.81 33.15 -7.12
C THR A 286 36.87 32.03 -7.53
N ILE A 287 36.34 31.30 -6.54
CA ILE A 287 35.37 30.23 -6.80
C ILE A 287 34.10 30.80 -7.41
N LEU A 288 33.66 31.96 -6.92
CA LEU A 288 32.48 32.58 -7.48
C LEU A 288 32.75 33.13 -8.87
N ASN A 289 33.97 33.64 -9.10
CA ASN A 289 34.29 34.24 -10.39
C ASN A 289 34.45 33.17 -11.47
N LYS A 290 34.91 31.98 -11.09
CA LYS A 290 34.98 30.88 -12.05
C LYS A 290 33.59 30.41 -12.44
N ALA A 291 32.60 30.59 -11.56
CA ALA A 291 31.25 30.13 -11.84
C ALA A 291 30.60 30.97 -12.94
N GLN A 292 30.93 32.25 -12.99
CA GLN A 292 30.39 33.14 -14.01
C GLN A 292 30.96 32.88 -15.39
N GLU A 293 32.15 32.31 -15.48
CA GLU A 293 32.89 32.08 -16.71
C GLU A 293 32.21 31.03 -17.57
N PRO A 294 32.44 31.04 -18.89
CA PRO A 294 31.95 29.94 -19.71
C PRO A 294 32.73 28.66 -19.40
N PRO A 295 32.09 27.51 -19.51
CA PRO A 295 32.75 26.27 -19.09
C PRO A 295 33.83 25.82 -20.06
N LYS A 296 34.91 25.29 -19.48
CA LYS A 296 36.04 24.77 -20.21
C LYS A 296 35.79 23.37 -20.78
N SER A 297 34.60 22.82 -20.55
CA SER A 297 34.25 21.53 -21.12
C SER A 297 32.74 21.46 -21.22
N LYS A 298 32.28 20.65 -22.18
CA LYS A 298 30.85 20.48 -22.42
C LYS A 298 30.24 19.40 -21.55
N LYS A 299 31.05 18.44 -21.09
CA LYS A 299 30.54 17.27 -20.39
C LYS A 299 29.98 17.64 -19.03
N VAL A 300 29.00 16.87 -18.56
CA VAL A 300 28.31 17.19 -17.33
C VAL A 300 29.20 16.89 -16.13
N GLN A 301 30.21 16.04 -16.31
CA GLN A 301 31.10 15.73 -15.20
C GLN A 301 32.07 16.88 -14.94
N HIS A 302 32.26 17.76 -15.92
CA HIS A 302 32.97 19.00 -15.63
C HIS A 302 32.14 19.91 -14.74
N SER A 303 30.87 20.08 -15.08
CA SER A 303 30.05 21.05 -14.37
C SER A 303 29.62 20.54 -13.01
N ASN A 304 29.56 19.21 -12.82
CA ASN A 304 29.25 18.70 -11.50
C ASN A 304 30.45 18.83 -10.57
N ALA A 305 31.65 18.63 -11.11
CA ALA A 305 32.85 18.81 -10.31
C ALA A 305 33.13 20.28 -10.04
N LYS A 306 32.78 21.14 -11.01
CA LYS A 306 32.94 22.58 -10.84
C LYS A 306 31.98 23.10 -9.80
N ASN A 307 30.77 22.54 -9.75
CA ASN A 307 29.77 23.05 -8.84
C ASN A 307 29.84 22.36 -7.48
N ALA A 308 30.59 21.27 -7.37
CA ALA A 308 30.78 20.63 -6.07
C ALA A 308 31.62 21.52 -5.16
N VAL A 309 32.58 22.23 -5.73
CA VAL A 309 33.35 23.19 -4.97
C VAL A 309 32.48 24.39 -4.62
N LEU A 310 31.56 24.74 -5.51
CA LEU A 310 30.81 25.98 -5.37
C LEU A 310 29.78 25.88 -4.25
N PHE A 311 29.10 24.74 -4.14
CA PHE A 311 28.08 24.59 -3.11
C PHE A 311 28.69 24.39 -1.74
N GLU A 312 29.93 23.90 -1.65
CA GLU A 312 30.63 23.90 -0.38
C GLU A 312 31.21 25.27 -0.07
N ALA A 313 31.50 26.04 -1.11
CA ALA A 313 31.91 27.43 -0.89
C ALA A 313 30.75 28.24 -0.35
N ILE A 314 29.55 28.03 -0.90
CA ILE A 314 28.37 28.76 -0.46
C ILE A 314 27.98 28.36 0.95
N SER A 315 28.15 27.07 1.28
CA SER A 315 27.82 26.60 2.62
C SER A 315 28.79 27.15 3.66
N LEU A 316 30.01 27.49 3.24
CA LEU A 316 30.93 28.12 4.17
C LEU A 316 30.58 29.58 4.40
N ILE A 317 30.17 30.28 3.33
CA ILE A 317 29.81 31.68 3.44
C ILE A 317 28.54 31.84 4.28
N ILE A 318 27.62 30.89 4.16
CA ILE A 318 26.43 30.88 4.99
C ILE A 318 26.80 30.55 6.44
N HIS A 319 27.81 29.69 6.62
CA HIS A 319 28.21 29.31 7.97
C HIS A 319 28.86 30.48 8.71
N HIS A 320 29.68 31.25 8.02
CA HIS A 320 30.29 32.41 8.66
C HIS A 320 29.27 33.52 8.86
N ASP A 321 28.51 33.84 7.81
CA ASP A 321 27.51 34.91 7.78
C ASP A 321 28.14 36.24 8.19
N SER A 322 29.29 36.56 7.58
CA SER A 322 30.09 37.68 8.01
C SER A 322 30.43 38.66 6.91
N GLU A 323 30.53 38.23 5.65
CA GLU A 323 30.78 39.13 4.53
C GLU A 323 29.52 39.26 3.70
N PRO A 324 28.81 40.39 3.77
CA PRO A 324 27.57 40.54 3.01
C PRO A 324 27.78 40.67 1.51
N ASN A 325 28.98 41.06 1.08
CA ASN A 325 29.26 41.11 -0.35
C ASN A 325 29.32 39.72 -0.94
N LEU A 326 29.83 38.75 -0.17
CA LEU A 326 29.87 37.38 -0.65
C LEU A 326 28.48 36.76 -0.64
N LEU A 327 27.63 37.18 0.29
CA LEU A 327 26.28 36.61 0.36
C LEU A 327 25.41 37.10 -0.79
N VAL A 328 25.61 38.34 -1.22
CA VAL A 328 24.85 38.86 -2.35
C VAL A 328 25.28 38.20 -3.64
N ARG A 329 26.58 38.00 -3.82
CA ARG A 329 27.07 37.32 -5.01
C ARG A 329 26.70 35.84 -5.00
N ALA A 330 26.58 35.25 -3.82
CA ALA A 330 26.19 33.85 -3.75
C ALA A 330 24.72 33.67 -4.09
N CYS A 331 23.86 34.59 -3.63
CA CYS A 331 22.45 34.53 -3.97
C CYS A 331 22.22 34.80 -5.45
N ASN A 332 23.06 35.65 -6.04
CA ASN A 332 22.95 35.92 -7.47
C ASN A 332 23.43 34.74 -8.29
N GLN A 333 24.33 33.93 -7.73
CA GLN A 333 24.78 32.74 -8.43
C GLN A 333 23.75 31.63 -8.34
N LEU A 334 23.04 31.55 -7.22
CA LEU A 334 22.02 30.52 -7.06
C LEU A 334 20.80 30.82 -7.92
N GLY A 335 20.56 32.09 -8.24
CA GLY A 335 19.48 32.42 -9.14
C GLY A 335 19.76 31.99 -10.58
N GLN A 336 21.04 31.82 -10.91
CA GLN A 336 21.40 31.33 -12.23
C GLN A 336 21.10 29.85 -12.38
N PHE A 337 21.05 29.12 -11.27
CA PHE A 337 20.85 27.67 -11.33
C PHE A 337 19.38 27.29 -11.32
N LEU A 338 18.49 28.27 -11.15
CA LEU A 338 17.06 27.96 -11.13
C LEU A 338 16.55 27.72 -12.54
N GLN A 339 17.06 28.47 -13.50
CA GLN A 339 16.75 28.24 -14.91
C GLN A 339 17.91 27.48 -15.57
N HIS A 340 18.13 26.28 -15.06
CA HIS A 340 19.23 25.46 -15.56
C HIS A 340 18.67 24.19 -16.17
N ARG A 341 19.47 23.57 -17.04
CA ARG A 341 19.10 22.36 -17.76
C ARG A 341 18.81 21.18 -16.84
N GLU A 342 19.74 20.80 -15.97
CA GLU A 342 19.61 19.54 -15.27
C GLU A 342 18.89 19.73 -13.94
N THR A 343 18.29 18.65 -13.44
CA THR A 343 17.46 18.75 -12.24
C THR A 343 18.34 18.82 -11.00
N ASN A 344 19.57 18.32 -11.09
CA ASN A 344 20.45 18.24 -9.94
C ASN A 344 20.88 19.62 -9.45
N LEU A 345 20.94 20.60 -10.35
CA LEU A 345 21.33 21.92 -9.93
C LEU A 345 20.14 22.77 -9.53
N ARG A 346 18.96 22.52 -10.09
CA ARG A 346 17.78 23.25 -9.66
C ARG A 346 17.38 22.87 -8.26
N TYR A 347 17.58 21.61 -7.88
CA TYR A 347 17.20 21.17 -6.55
C TYR A 347 18.13 21.72 -5.49
N LEU A 348 19.44 21.69 -5.76
CA LEU A 348 20.41 22.11 -4.75
C LEU A 348 20.45 23.62 -4.61
N ALA A 349 20.07 24.35 -5.66
CA ALA A 349 19.98 25.79 -5.54
C ALA A 349 18.78 26.19 -4.70
N LEU A 350 17.73 25.38 -4.68
CA LEU A 350 16.55 25.71 -3.89
C LEU A 350 16.75 25.37 -2.42
N GLU A 351 17.49 24.30 -2.12
CA GLU A 351 17.84 24.02 -0.73
C GLU A 351 18.71 25.12 -0.15
N SER A 352 19.62 25.66 -0.96
CA SER A 352 20.57 26.63 -0.45
C SER A 352 19.91 27.98 -0.22
N MET A 353 18.97 28.35 -1.09
CA MET A 353 18.34 29.66 -0.93
C MET A 353 17.33 29.67 0.21
N CYS A 354 16.86 28.50 0.63
CA CYS A 354 16.01 28.47 1.82
C CYS A 354 16.82 28.76 3.07
N THR A 355 18.04 28.23 3.15
CA THR A 355 18.94 28.53 4.26
C THR A 355 19.55 29.91 4.15
N LEU A 356 19.58 30.46 2.95
CA LEU A 356 20.23 31.75 2.72
C LEU A 356 19.27 32.89 3.02
N ALA A 357 17.96 32.67 2.79
CA ALA A 357 16.98 33.72 3.00
C ALA A 357 16.74 34.02 4.45
N SER A 358 17.18 33.15 5.36
CA SER A 358 16.96 33.39 6.78
C SER A 358 17.99 34.33 7.37
N SER A 359 19.08 34.60 6.67
CA SER A 359 20.15 35.44 7.19
C SER A 359 19.73 36.89 7.20
N GLU A 360 20.42 37.71 7.98
CA GLU A 360 20.10 39.14 8.02
C GLU A 360 20.53 39.86 6.76
N PHE A 361 21.52 39.34 6.05
CA PHE A 361 22.21 40.07 5.00
C PHE A 361 21.67 39.77 3.61
N SER A 362 21.49 38.48 3.30
CA SER A 362 21.07 38.08 1.97
C SER A 362 19.55 38.11 1.80
N HIS A 363 18.81 38.39 2.88
CA HIS A 363 17.36 38.24 2.85
C HIS A 363 16.70 39.25 1.93
N GLU A 364 17.31 40.42 1.78
CA GLU A 364 16.78 41.39 0.84
C GLU A 364 17.14 41.03 -0.60
N ALA A 365 18.17 40.20 -0.77
CA ALA A 365 18.61 39.85 -2.13
C ALA A 365 17.90 38.61 -2.64
N VAL A 366 17.40 37.77 -1.74
CA VAL A 366 16.60 36.62 -2.16
C VAL A 366 15.26 37.10 -2.71
N LYS A 367 14.74 38.19 -2.12
CA LYS A 367 13.44 38.74 -2.53
C LYS A 367 13.45 39.30 -3.93
N THR A 368 14.62 39.62 -4.48
CA THR A 368 14.70 40.04 -5.86
C THR A 368 14.47 38.89 -6.84
N HIS A 369 14.54 37.65 -6.37
CA HIS A 369 14.34 36.47 -7.19
C HIS A 369 12.92 35.95 -7.11
N ILE A 370 11.96 36.78 -6.71
CA ILE A 370 10.58 36.33 -6.55
C ILE A 370 9.98 35.98 -7.91
N GLU A 371 10.38 36.68 -8.96
CA GLU A 371 9.89 36.35 -10.29
C GLU A 371 10.51 35.05 -10.81
N THR A 372 11.72 34.74 -10.36
CA THR A 372 12.42 33.57 -10.89
C THR A 372 11.89 32.29 -10.27
N VAL A 373 11.51 32.35 -8.98
CA VAL A 373 11.08 31.15 -8.28
C VAL A 373 9.71 30.71 -8.78
N ILE A 374 8.78 31.66 -8.96
CA ILE A 374 7.43 31.36 -9.40
C ILE A 374 7.44 30.79 -10.82
N ASN A 375 8.31 31.32 -11.67
CA ASN A 375 8.43 30.80 -13.02
C ASN A 375 9.08 29.42 -13.02
N ALA A 376 9.84 29.10 -11.98
CA ALA A 376 10.34 27.75 -11.81
C ALA A 376 9.27 26.82 -11.26
N LEU A 377 8.36 27.35 -10.44
CA LEU A 377 7.32 26.52 -9.85
C LEU A 377 6.30 26.09 -10.88
N LYS A 378 6.02 26.96 -11.85
CA LYS A 378 4.95 26.67 -12.81
C LYS A 378 5.38 25.65 -13.83
N THR A 379 6.68 25.52 -14.10
CA THR A 379 7.15 24.70 -15.19
C THR A 379 7.89 23.44 -14.74
N GLU A 380 8.19 23.29 -13.45
CA GLU A 380 8.95 22.13 -13.03
C GLU A 380 8.04 20.91 -12.92
N ARG A 381 8.50 19.79 -13.45
CA ARG A 381 7.75 18.55 -13.37
C ARG A 381 8.04 17.75 -12.11
N ASP A 382 9.26 17.83 -11.57
CA ASP A 382 9.70 16.91 -10.54
C ASP A 382 9.09 17.34 -9.21
N VAL A 383 8.39 16.42 -8.54
CA VAL A 383 7.60 16.76 -7.37
C VAL A 383 8.49 17.11 -6.18
N SER A 384 9.74 16.65 -6.19
CA SER A 384 10.65 17.03 -5.12
C SER A 384 11.17 18.44 -5.30
N VAL A 385 11.46 18.83 -6.54
CA VAL A 385 11.92 20.19 -6.82
C VAL A 385 10.76 21.17 -6.69
N ARG A 386 9.56 20.69 -6.99
CA ARG A 386 8.38 21.55 -6.98
C ARG A 386 8.01 21.95 -5.55
N GLN A 387 8.30 21.07 -4.59
CA GLN A 387 7.89 21.36 -3.22
C GLN A 387 9.00 22.05 -2.43
N ARG A 388 10.22 22.05 -2.95
CA ARG A 388 11.23 22.95 -2.39
C ARG A 388 11.10 24.34 -2.98
N ALA A 389 10.39 24.46 -4.11
CA ALA A 389 10.08 25.78 -4.64
C ALA A 389 9.04 26.47 -3.79
N VAL A 390 8.11 25.70 -3.22
CA VAL A 390 7.07 26.28 -2.38
C VAL A 390 7.65 26.70 -1.03
N ASP A 391 8.64 25.94 -0.54
CA ASP A 391 9.25 26.25 0.75
C ASP A 391 10.08 27.52 0.67
N LEU A 392 10.61 27.83 -0.51
CA LEU A 392 11.37 29.07 -0.66
C LEU A 392 10.42 30.27 -0.69
N LEU A 393 9.25 30.11 -1.30
CA LEU A 393 8.26 31.18 -1.35
C LEU A 393 7.73 31.51 0.04
N TYR A 394 7.54 30.50 0.87
CA TYR A 394 7.09 30.73 2.23
C TYR A 394 8.20 31.38 3.07
N ALA A 395 9.46 31.04 2.78
CA ALA A 395 10.56 31.50 3.60
C ALA A 395 10.88 32.96 3.35
N MET A 396 10.74 33.42 2.10
CA MET A 396 11.08 34.79 1.76
C MET A 396 9.87 35.71 1.76
N CYS A 397 8.75 35.28 2.33
CA CYS A 397 7.57 36.12 2.34
C CYS A 397 7.73 37.25 3.36
N ASP A 398 7.22 38.43 3.02
CA ASP A 398 7.37 39.60 3.86
C ASP A 398 6.09 40.42 3.74
N ARG A 399 5.99 41.48 4.54
CA ARG A 399 4.92 42.45 4.40
C ARG A 399 4.90 43.08 3.02
N SER A 400 6.08 43.32 2.43
CA SER A 400 6.18 44.00 1.15
C SER A 400 5.74 43.15 -0.03
N ASN A 401 5.77 41.82 0.07
CA ASN A 401 5.45 40.99 -1.07
C ASN A 401 4.44 39.89 -0.78
N ALA A 402 3.64 40.00 0.28
CA ALA A 402 2.71 38.94 0.62
C ALA A 402 1.55 38.89 -0.34
N GLN A 403 1.09 40.04 -0.82
CA GLN A 403 0.00 40.06 -1.78
C GLN A 403 0.43 39.46 -3.11
N GLN A 404 1.72 39.58 -3.43
CA GLN A 404 2.22 39.04 -4.68
C GLN A 404 2.36 37.52 -4.59
N ILE A 405 2.87 37.01 -3.46
CA ILE A 405 3.11 35.59 -3.32
C ILE A 405 1.79 34.82 -3.21
N VAL A 406 0.84 35.35 -2.43
CA VAL A 406 -0.43 34.67 -2.20
C VAL A 406 -1.25 34.61 -3.48
N ALA A 407 -1.23 35.68 -4.28
CA ALA A 407 -1.97 35.70 -5.53
C ALA A 407 -1.34 34.79 -6.57
N GLU A 408 -0.03 34.55 -6.47
CA GLU A 408 0.61 33.63 -7.40
C GLU A 408 0.44 32.19 -6.97
N MET A 409 0.30 31.94 -5.67
CA MET A 409 0.01 30.58 -5.22
C MET A 409 -1.42 30.19 -5.56
N LEU A 410 -2.36 31.14 -5.47
CA LEU A 410 -3.74 30.85 -5.84
C LEU A 410 -3.88 30.65 -7.34
N SER A 411 -3.05 31.32 -8.13
CA SER A 411 -3.05 31.07 -9.56
C SER A 411 -2.44 29.72 -9.89
N TYR A 412 -1.61 29.18 -8.98
CA TYR A 412 -1.07 27.85 -9.20
C TYR A 412 -2.06 26.78 -8.79
N LEU A 413 -2.89 27.06 -7.78
CA LEU A 413 -3.77 26.02 -7.23
C LEU A 413 -4.92 25.66 -8.16
N GLU A 414 -5.22 26.50 -9.15
CA GLU A 414 -6.33 26.17 -10.04
C GLU A 414 -5.95 25.08 -11.02
N THR A 415 -4.67 24.97 -11.35
CA THR A 415 -4.18 23.94 -12.25
C THR A 415 -3.17 23.01 -11.60
N ALA A 416 -3.07 23.01 -10.28
CA ALA A 416 -2.07 22.19 -9.61
C ALA A 416 -2.49 20.73 -9.59
N ASP A 417 -1.52 19.86 -9.34
CA ASP A 417 -1.80 18.45 -9.15
C ASP A 417 -2.22 18.22 -7.70
N TYR A 418 -2.85 17.08 -7.45
CA TYR A 418 -3.33 16.79 -6.10
C TYR A 418 -2.22 16.36 -5.15
N SER A 419 -0.99 16.21 -5.65
CA SER A 419 0.13 15.81 -4.82
C SER A 419 0.61 16.95 -3.94
N ILE A 420 0.70 18.16 -4.51
CA ILE A 420 1.29 19.28 -3.79
C ILE A 420 0.19 20.14 -3.18
N ARG A 421 -1.08 19.84 -3.48
CA ARG A 421 -2.16 20.77 -3.23
C ARG A 421 -2.42 20.96 -1.74
N GLU A 422 -2.15 19.93 -0.93
CA GLU A 422 -2.45 19.98 0.49
C GLU A 422 -1.55 20.97 1.23
N GLU A 423 -0.27 21.02 0.87
CA GLU A 423 0.67 21.84 1.63
C GLU A 423 0.61 23.30 1.18
N ILE A 424 0.11 23.56 -0.03
CA ILE A 424 0.02 24.94 -0.51
C ILE A 424 -1.20 25.62 0.11
N VAL A 425 -2.28 24.86 0.29
CA VAL A 425 -3.49 25.39 0.94
C VAL A 425 -3.19 25.78 2.37
N LEU A 426 -2.35 24.99 3.04
CA LEU A 426 -1.95 25.31 4.40
C LEU A 426 -1.08 26.56 4.44
N LYS A 427 -0.24 26.75 3.43
CA LYS A 427 0.66 27.90 3.44
C LYS A 427 -0.03 29.17 2.98
N VAL A 428 -1.09 29.05 2.20
CA VAL A 428 -1.85 30.25 1.82
C VAL A 428 -2.60 30.79 3.03
N ALA A 429 -3.21 29.90 3.81
CA ALA A 429 -4.02 30.33 4.94
C ALA A 429 -3.15 30.83 6.09
N ILE A 430 -1.89 30.42 6.12
CA ILE A 430 -0.98 30.89 7.18
C ILE A 430 -0.42 32.26 6.81
N LEU A 431 -0.08 32.45 5.54
CA LEU A 431 0.42 33.76 5.11
C LEU A 431 -0.69 34.80 5.07
N ALA A 432 -1.93 34.36 4.90
CA ALA A 432 -3.03 35.32 4.75
C ALA A 432 -3.35 35.99 6.08
N GLU A 433 -3.44 35.22 7.16
CA GLU A 433 -3.76 35.81 8.44
C GLU A 433 -2.58 36.59 9.02
N LYS A 434 -1.37 36.13 8.72
CA LYS A 434 -0.18 36.72 9.33
C LYS A 434 0.13 38.08 8.75
N TYR A 435 0.00 38.22 7.43
CA TYR A 435 0.42 39.40 6.70
C TYR A 435 -0.77 40.12 6.10
N ALA A 436 -1.91 40.08 6.79
CA ALA A 436 -3.11 40.73 6.28
C ALA A 436 -2.97 42.24 6.38
N VAL A 437 -2.93 42.90 5.23
CA VAL A 437 -2.80 44.35 5.19
C VAL A 437 -4.08 45.02 5.67
N ASP A 438 -5.24 44.58 5.18
CA ASP A 438 -6.52 45.05 5.67
C ASP A 438 -7.47 43.85 5.69
N TYR A 439 -8.69 44.10 6.13
CA TYR A 439 -9.63 43.01 6.32
C TYR A 439 -10.49 42.80 5.07
N THR A 440 -10.32 43.66 4.06
CA THR A 440 -10.99 43.41 2.79
C THR A 440 -10.20 42.44 1.92
N TRP A 441 -8.87 42.40 2.08
CA TRP A 441 -8.06 41.52 1.28
C TRP A 441 -8.13 40.09 1.79
N TYR A 442 -8.15 39.93 3.11
CA TYR A 442 -8.14 38.60 3.72
C TYR A 442 -9.41 37.84 3.41
N VAL A 443 -10.55 38.53 3.41
CA VAL A 443 -11.82 37.88 3.10
C VAL A 443 -11.87 37.50 1.63
N ASP A 444 -11.32 38.35 0.76
CA ASP A 444 -11.24 38.02 -0.66
C ASP A 444 -10.28 36.89 -0.92
N THR A 445 -9.27 36.75 -0.05
CA THR A 445 -8.26 35.71 -0.25
C THR A 445 -8.81 34.34 0.09
N ILE A 446 -9.42 34.19 1.27
CA ILE A 446 -9.80 32.86 1.71
C ILE A 446 -11.04 32.37 0.97
N LEU A 447 -11.96 33.27 0.63
CA LEU A 447 -13.10 32.88 -0.19
C LEU A 447 -12.66 32.43 -1.57
N ASN A 448 -11.58 33.02 -2.08
CA ASN A 448 -10.99 32.53 -3.30
C ASN A 448 -10.31 31.19 -3.06
N LEU A 449 -9.83 30.95 -1.84
CA LEU A 449 -9.18 29.69 -1.53
C LEU A 449 -10.19 28.56 -1.36
N ILE A 450 -11.35 28.86 -0.78
CA ILE A 450 -12.38 27.85 -0.58
C ILE A 450 -13.00 27.45 -1.92
N ARG A 451 -13.07 28.39 -2.85
CA ARG A 451 -13.58 28.08 -4.19
C ARG A 451 -12.64 27.17 -4.96
N ILE A 452 -11.34 27.45 -4.89
CA ILE A 452 -10.37 26.65 -5.64
C ILE A 452 -10.17 25.30 -4.97
N ALA A 453 -9.70 25.29 -3.72
CA ALA A 453 -9.46 24.05 -3.01
C ALA A 453 -10.09 24.17 -1.63
N GLY A 454 -11.38 23.84 -1.54
CA GLY A 454 -12.09 23.95 -0.28
C GLY A 454 -12.06 22.72 0.57
N ASP A 455 -11.73 21.57 -0.01
CA ASP A 455 -11.69 20.33 0.76
C ASP A 455 -10.45 20.21 1.64
N TYR A 456 -9.46 21.07 1.46
CA TYR A 456 -8.24 21.06 2.26
C TYR A 456 -8.22 22.17 3.29
N VAL A 457 -9.23 23.03 3.30
CA VAL A 457 -9.29 24.16 4.21
C VAL A 457 -9.83 23.68 5.54
N SER A 458 -9.07 23.92 6.60
CA SER A 458 -9.52 23.54 7.94
C SER A 458 -10.69 24.41 8.36
N GLU A 459 -11.49 23.89 9.27
CA GLU A 459 -12.71 24.60 9.62
C GLU A 459 -12.44 25.80 10.50
N GLU A 460 -11.36 25.81 11.29
CA GLU A 460 -11.11 27.00 12.09
C GLU A 460 -10.52 28.11 11.23
N VAL A 461 -9.95 27.77 10.08
CA VAL A 461 -9.69 28.78 9.06
C VAL A 461 -11.00 29.29 8.49
N TRP A 462 -11.90 28.36 8.17
CA TRP A 462 -13.19 28.70 7.57
C TRP A 462 -14.12 29.37 8.56
N TYR A 463 -13.97 29.09 9.86
CA TYR A 463 -14.82 29.73 10.86
C TYR A 463 -14.50 31.20 11.00
N ARG A 464 -13.23 31.57 10.89
CA ARG A 464 -12.85 32.97 11.14
C ARG A 464 -13.18 33.87 9.97
N VAL A 465 -13.42 33.29 8.78
CA VAL A 465 -13.80 34.09 7.62
C VAL A 465 -15.16 34.73 7.86
N ILE A 466 -16.06 33.98 8.48
CA ILE A 466 -17.41 34.47 8.73
C ILE A 466 -17.40 35.46 9.88
N GLN A 467 -16.50 35.27 10.84
CA GLN A 467 -16.42 36.18 11.99
C GLN A 467 -15.96 37.57 11.56
N ILE A 468 -15.22 37.65 10.46
CA ILE A 468 -14.79 38.95 9.97
C ILE A 468 -15.88 39.60 9.12
N VAL A 469 -16.68 38.77 8.46
CA VAL A 469 -17.82 39.30 7.69
C VAL A 469 -18.90 39.80 8.62
N ILE A 470 -19.17 39.07 9.72
CA ILE A 470 -20.22 39.48 10.63
C ILE A 470 -19.81 40.72 11.42
N ASN A 471 -18.55 40.78 11.85
CA ASN A 471 -18.12 41.88 12.71
C ASN A 471 -17.99 43.17 11.92
N ARG A 472 -17.56 43.09 10.67
CA ARG A 472 -17.30 44.29 9.90
C ARG A 472 -18.22 44.42 8.70
N ASP A 473 -18.80 45.61 8.55
CA ASP A 473 -19.89 45.87 7.63
C ASP A 473 -19.46 46.18 6.21
N ASP A 474 -18.22 46.65 6.02
CA ASP A 474 -17.81 47.17 4.71
C ASP A 474 -17.60 46.04 3.70
N VAL A 475 -17.15 44.88 4.15
CA VAL A 475 -16.92 43.77 3.24
C VAL A 475 -18.17 42.97 2.93
N GLN A 476 -19.30 43.28 3.58
CA GLN A 476 -20.46 42.41 3.51
C GLN A 476 -21.14 42.47 2.15
N GLY A 477 -21.13 43.64 1.51
CA GLY A 477 -21.58 43.72 0.15
C GLY A 477 -20.62 43.02 -0.79
N TYR A 478 -19.33 43.02 -0.46
CA TYR A 478 -18.34 42.40 -1.32
C TYR A 478 -18.27 40.90 -1.09
N ALA A 479 -18.41 40.47 0.17
CA ALA A 479 -18.30 39.05 0.46
C ALA A 479 -19.53 38.29 -0.03
N ALA A 480 -20.71 38.85 0.18
CA ALA A 480 -21.92 38.19 -0.29
C ALA A 480 -22.02 38.20 -1.80
N LYS A 481 -21.34 39.16 -2.44
CA LYS A 481 -21.28 39.15 -3.90
C LYS A 481 -20.38 38.03 -4.41
N THR A 482 -19.12 37.98 -3.95
CA THR A 482 -18.12 37.07 -4.50
C THR A 482 -18.45 35.61 -4.24
N VAL A 483 -19.21 35.34 -3.18
CA VAL A 483 -19.68 33.99 -2.90
C VAL A 483 -20.70 33.55 -3.96
N PHE A 484 -21.50 34.50 -4.45
CA PHE A 484 -22.61 34.17 -5.34
C PHE A 484 -22.14 33.66 -6.70
N GLU A 485 -21.13 34.30 -7.29
CA GLU A 485 -20.58 33.79 -8.55
C GLU A 485 -19.73 32.55 -8.32
N ALA A 486 -19.20 32.40 -7.11
CA ALA A 486 -18.44 31.19 -6.78
C ALA A 486 -19.36 29.98 -6.73
N LEU A 487 -20.61 30.18 -6.32
CA LEU A 487 -21.60 29.12 -6.29
C LEU A 487 -22.20 28.81 -7.65
N GLN A 488 -21.94 29.62 -8.67
CA GLN A 488 -22.48 29.35 -9.99
C GLN A 488 -21.73 28.27 -10.74
N ALA A 489 -20.58 27.84 -10.24
CA ALA A 489 -19.86 26.74 -10.85
C ALA A 489 -20.60 25.43 -10.60
N PRO A 490 -20.49 24.46 -11.52
CA PRO A 490 -21.14 23.17 -11.29
C PRO A 490 -20.39 22.25 -10.35
N ALA A 491 -19.14 22.55 -10.01
CA ALA A 491 -18.28 21.64 -9.25
C ALA A 491 -17.82 22.27 -7.95
N CYS A 492 -18.76 22.84 -7.18
CA CYS A 492 -18.39 23.49 -5.94
C CYS A 492 -18.00 22.49 -4.87
N HIS A 493 -17.04 22.87 -4.05
CA HIS A 493 -16.69 22.09 -2.87
C HIS A 493 -17.79 22.21 -1.85
N GLU A 494 -17.85 21.25 -0.94
CA GLU A 494 -18.95 21.27 0.03
C GLU A 494 -18.70 22.31 1.11
N ASN A 495 -17.45 22.69 1.33
CA ASN A 495 -17.18 23.80 2.23
C ASN A 495 -17.56 25.12 1.59
N LEU A 496 -17.56 25.19 0.26
CA LEU A 496 -18.03 26.39 -0.41
C LEU A 496 -19.53 26.54 -0.28
N VAL A 497 -20.26 25.42 -0.27
CA VAL A 497 -21.71 25.47 -0.08
C VAL A 497 -22.03 25.93 1.33
N LYS A 498 -21.24 25.48 2.31
CA LYS A 498 -21.49 25.85 3.70
C LYS A 498 -21.13 27.30 3.96
N VAL A 499 -20.07 27.80 3.35
CA VAL A 499 -19.83 29.24 3.45
C VAL A 499 -20.74 29.97 2.48
N GLY A 500 -21.32 29.26 1.51
CA GLY A 500 -22.21 29.90 0.56
C GLY A 500 -23.58 30.19 1.16
N GLY A 501 -24.12 29.24 1.91
CA GLY A 501 -25.43 29.42 2.47
C GLY A 501 -25.46 30.47 3.56
N TYR A 502 -24.45 30.47 4.43
CA TYR A 502 -24.51 31.30 5.64
C TYR A 502 -24.34 32.78 5.31
N ILE A 503 -23.61 33.10 4.26
CA ILE A 503 -23.40 34.51 3.93
C ILE A 503 -24.58 35.05 3.14
N LEU A 504 -25.08 34.28 2.18
CA LEU A 504 -26.27 34.70 1.44
C LEU A 504 -27.50 34.72 2.32
N GLY A 505 -27.57 33.83 3.31
CA GLY A 505 -28.68 33.85 4.23
C GLY A 505 -28.64 35.05 5.15
N GLU A 506 -27.44 35.55 5.43
CA GLU A 506 -27.33 36.76 6.25
C GLU A 506 -27.36 38.02 5.42
N PHE A 507 -26.76 37.97 4.21
CA PHE A 507 -26.56 39.18 3.44
C PHE A 507 -26.98 39.02 1.98
N GLY A 508 -28.09 38.33 1.72
CA GLY A 508 -28.59 38.27 0.36
C GLY A 508 -29.28 39.53 -0.07
N ASN A 509 -29.79 40.31 0.89
CA ASN A 509 -30.42 41.59 0.60
C ASN A 509 -29.45 42.64 0.07
N LEU A 510 -28.17 42.55 0.44
CA LEU A 510 -27.17 43.49 -0.03
C LEU A 510 -26.88 43.35 -1.53
N ILE A 511 -27.19 42.20 -2.13
CA ILE A 511 -27.06 42.02 -3.56
C ILE A 511 -28.38 41.62 -4.21
N ALA A 512 -29.52 41.89 -3.58
CA ALA A 512 -30.80 41.56 -4.19
C ALA A 512 -31.17 42.55 -5.29
N GLY A 513 -30.53 43.72 -5.32
CA GLY A 513 -30.83 44.73 -6.32
C GLY A 513 -30.43 44.33 -7.74
N ASP A 514 -29.46 43.45 -7.88
CA ASP A 514 -29.09 42.93 -9.19
C ASP A 514 -30.20 41.99 -9.67
N PRO A 515 -30.74 42.19 -10.88
CA PRO A 515 -31.69 41.20 -11.41
C PRO A 515 -31.06 39.86 -11.73
N ARG A 516 -29.74 39.79 -11.89
CA ARG A 516 -29.07 38.51 -12.00
C ARG A 516 -28.92 37.83 -10.65
N SER A 517 -29.01 38.59 -9.56
CA SER A 517 -28.91 38.09 -8.20
C SER A 517 -30.20 38.35 -7.43
N SER A 518 -31.32 38.08 -8.09
CA SER A 518 -32.63 38.23 -7.48
C SER A 518 -32.82 37.18 -6.39
N PRO A 519 -33.64 37.47 -5.35
CA PRO A 519 -33.85 36.52 -4.25
C PRO A 519 -34.34 35.13 -4.64
N LEU A 520 -35.13 35.05 -5.70
CA LEU A 520 -35.59 33.75 -6.16
C LEU A 520 -34.47 32.98 -6.86
N ILE A 521 -33.47 33.71 -7.38
CA ILE A 521 -32.34 33.07 -8.02
C ILE A 521 -31.32 32.59 -6.98
N GLN A 522 -31.14 33.37 -5.91
CA GLN A 522 -30.26 32.95 -4.82
C GLN A 522 -30.76 31.67 -4.15
N PHE A 523 -32.08 31.54 -3.98
CA PHE A 523 -32.65 30.33 -3.44
C PHE A 523 -32.45 29.15 -4.38
N ASN A 524 -32.65 29.38 -5.69
CA ASN A 524 -32.53 28.29 -6.65
C ASN A 524 -31.08 27.90 -6.84
N LEU A 525 -30.16 28.83 -6.57
CA LEU A 525 -28.75 28.50 -6.67
C LEU A 525 -28.34 27.61 -5.51
N LEU A 526 -28.85 27.90 -4.32
CA LEU A 526 -28.53 27.08 -3.15
C LEU A 526 -29.21 25.72 -3.23
N HIS A 527 -30.50 25.71 -3.62
CA HIS A 527 -31.25 24.47 -3.58
C HIS A 527 -30.87 23.53 -4.71
N SER A 528 -30.22 24.06 -5.75
CA SER A 528 -29.62 23.19 -6.76
C SER A 528 -28.46 22.39 -6.17
N LYS A 529 -27.85 22.90 -5.11
CA LYS A 529 -26.79 22.19 -4.41
C LYS A 529 -27.20 21.72 -3.03
N PHE A 530 -28.50 21.78 -2.72
CA PHE A 530 -28.98 21.22 -1.45
C PHE A 530 -28.88 19.71 -1.45
N HIS A 531 -29.08 19.10 -2.61
CA HIS A 531 -28.73 17.70 -2.70
C HIS A 531 -27.27 17.57 -3.13
N LEU A 532 -26.80 16.32 -3.17
CA LEU A 532 -25.44 15.96 -3.55
C LEU A 532 -24.41 16.60 -2.61
N CYS A 533 -24.78 16.77 -1.36
CA CYS A 533 -23.87 17.30 -0.36
C CYS A 533 -24.13 16.56 0.96
N SER A 534 -23.35 16.90 1.97
CA SER A 534 -23.30 16.07 3.16
C SER A 534 -24.46 16.39 4.10
N VAL A 535 -24.48 15.65 5.21
CA VAL A 535 -25.57 15.81 6.17
C VAL A 535 -25.48 17.11 6.97
N PRO A 536 -24.32 17.51 7.52
CA PRO A 536 -24.30 18.85 8.14
C PRO A 536 -24.33 19.99 7.14
N THR A 537 -24.09 19.71 5.86
CA THR A 537 -24.22 20.74 4.84
C THR A 537 -25.67 21.03 4.56
N ARG A 538 -26.50 19.99 4.52
CA ARG A 538 -27.94 20.17 4.34
C ARG A 538 -28.57 20.85 5.54
N ALA A 539 -28.03 20.59 6.73
CA ALA A 539 -28.59 21.19 7.93
C ALA A 539 -28.25 22.66 8.04
N LEU A 540 -27.16 23.08 7.38
CA LEU A 540 -26.85 24.51 7.38
C LEU A 540 -27.67 25.25 6.34
N LEU A 541 -28.01 24.58 5.24
CA LEU A 541 -28.80 25.23 4.20
C LEU A 541 -30.25 25.38 4.63
N LEU A 542 -30.72 24.52 5.53
CA LEU A 542 -32.06 24.71 6.08
C LEU A 542 -32.11 25.95 6.96
N SER A 543 -30.99 26.29 7.59
CA SER A 543 -30.96 27.43 8.49
C SER A 543 -31.09 28.75 7.75
N THR A 544 -30.72 28.78 6.47
CA THR A 544 -30.76 30.02 5.73
C THR A 544 -32.02 30.12 4.87
N TYR A 545 -32.67 28.98 4.61
CA TYR A 545 -33.98 28.98 3.97
C TYR A 545 -35.01 29.72 4.82
N ILE A 546 -34.93 29.57 6.14
CA ILE A 546 -35.85 30.31 6.98
C ILE A 546 -35.42 31.77 7.09
N LYS A 547 -34.14 32.06 6.80
CA LYS A 547 -33.72 33.45 6.78
C LYS A 547 -34.17 34.14 5.50
N PHE A 548 -34.40 33.36 4.44
CA PHE A 548 -35.02 33.93 3.25
C PHE A 548 -36.51 34.16 3.45
N VAL A 549 -37.13 33.45 4.39
CA VAL A 549 -38.52 33.73 4.72
C VAL A 549 -38.61 35.04 5.49
N ASN A 550 -37.66 35.30 6.36
CA ASN A 550 -37.69 36.52 7.16
C ASN A 550 -37.32 37.75 6.32
N LEU A 551 -36.34 37.61 5.43
CA LEU A 551 -35.86 38.77 4.68
C LEU A 551 -36.65 38.99 3.40
N PHE A 552 -37.07 37.92 2.74
CA PHE A 552 -37.59 37.98 1.38
C PHE A 552 -38.99 37.39 1.37
N PRO A 553 -40.03 38.20 1.59
CA PRO A 553 -41.39 37.66 1.68
C PRO A 553 -41.94 37.14 0.36
N GLU A 554 -41.37 37.54 -0.77
CA GLU A 554 -41.85 37.10 -2.07
C GLU A 554 -41.29 35.74 -2.49
N VAL A 555 -40.53 35.08 -1.61
CA VAL A 555 -39.91 33.79 -1.94
C VAL A 555 -40.62 32.73 -1.10
N LYS A 556 -41.39 33.21 -0.12
CA LYS A 556 -41.98 32.43 0.97
C LYS A 556 -42.82 31.24 0.51
N ALA A 557 -43.52 31.37 -0.62
CA ALA A 557 -44.29 30.25 -1.13
C ALA A 557 -43.38 29.18 -1.71
N THR A 558 -42.24 29.58 -2.27
CA THR A 558 -41.36 28.63 -2.93
C THR A 558 -40.48 27.89 -1.94
N ILE A 559 -40.44 28.32 -0.68
CA ILE A 559 -39.60 27.68 0.32
C ILE A 559 -40.42 26.66 1.11
N GLN A 560 -41.69 26.99 1.38
CA GLN A 560 -42.48 26.20 2.32
C GLN A 560 -42.84 24.83 1.75
N ASP A 561 -43.02 24.74 0.43
CA ASP A 561 -43.26 23.43 -0.18
C ASP A 561 -42.02 22.57 -0.16
N VAL A 562 -40.84 23.21 -0.22
CA VAL A 562 -39.59 22.50 -0.05
C VAL A 562 -39.46 21.99 1.38
N LEU A 563 -39.85 22.82 2.35
CA LEU A 563 -39.81 22.42 3.75
C LEU A 563 -40.85 21.36 4.06
N ARG A 564 -42.07 21.49 3.54
CA ARG A 564 -43.11 20.51 3.86
C ARG A 564 -43.06 19.29 2.98
N SER A 565 -42.07 19.17 2.11
CA SER A 565 -41.93 17.98 1.29
C SER A 565 -41.55 16.78 2.13
N ASP A 566 -41.79 15.59 1.60
CA ASP A 566 -41.50 14.37 2.32
C ASP A 566 -40.00 14.10 2.43
N SER A 567 -39.19 14.73 1.59
CA SER A 567 -37.75 14.50 1.66
C SER A 567 -37.09 15.29 2.79
N GLN A 568 -37.83 16.18 3.43
CA GLN A 568 -37.33 16.96 4.56
C GLN A 568 -38.08 16.71 5.85
N LEU A 569 -39.37 16.36 5.77
CA LEU A 569 -40.11 16.01 6.98
C LEU A 569 -39.92 14.56 7.37
N LYS A 570 -39.89 13.67 6.39
CA LYS A 570 -39.71 12.23 6.60
C LYS A 570 -38.24 11.88 6.35
N ASN A 571 -37.35 12.81 6.68
CA ASN A 571 -35.93 12.57 6.47
C ASN A 571 -35.40 11.69 7.60
N ALA A 572 -34.49 10.79 7.24
CA ALA A 572 -34.09 9.72 8.16
C ALA A 572 -33.19 10.24 9.26
N ASP A 573 -32.52 11.37 9.06
CA ASP A 573 -31.73 11.94 10.13
C ASP A 573 -32.65 12.63 11.13
N VAL A 574 -32.25 12.60 12.39
CA VAL A 574 -32.97 13.32 13.43
C VAL A 574 -32.80 14.82 13.25
N GLU A 575 -31.57 15.26 13.05
CA GLU A 575 -31.28 16.68 13.06
C GLU A 575 -31.77 17.36 11.80
N LEU A 576 -31.78 16.66 10.67
CA LEU A 576 -32.39 17.23 9.47
C LEU A 576 -33.89 17.32 9.61
N GLN A 577 -34.50 16.41 10.37
CA GLN A 577 -35.94 16.46 10.55
C GLN A 577 -36.33 17.53 11.56
N GLN A 578 -35.64 17.57 12.69
CA GLN A 578 -35.97 18.50 13.77
C GLN A 578 -35.79 19.95 13.32
N ARG A 579 -34.86 20.18 12.40
CA ARG A 579 -34.62 21.54 11.93
C ARG A 579 -35.61 21.91 10.83
N ALA A 580 -36.09 20.93 10.08
CA ALA A 580 -37.03 21.23 9.01
C ALA A 580 -38.44 21.44 9.55
N VAL A 581 -38.80 20.72 10.61
CA VAL A 581 -40.14 20.83 11.15
C VAL A 581 -40.31 22.13 11.90
N GLU A 582 -39.28 22.56 12.65
CA GLU A 582 -39.35 23.82 13.39
C GLU A 582 -39.45 25.01 12.45
N TYR A 583 -38.82 24.92 11.28
CA TYR A 583 -38.81 26.08 10.39
C TYR A 583 -40.10 26.17 9.60
N LEU A 584 -40.78 25.05 9.39
CA LEU A 584 -42.09 25.09 8.76
C LEU A 584 -43.10 25.74 9.69
N ARG A 585 -42.89 25.60 10.99
CA ARG A 585 -43.82 26.20 11.95
C ARG A 585 -43.44 27.64 12.26
N LEU A 586 -42.20 28.04 11.98
CA LEU A 586 -41.86 29.44 12.08
C LEU A 586 -42.42 30.23 10.90
N SER A 587 -42.54 29.57 9.74
CA SER A 587 -43.00 30.27 8.56
C SER A 587 -44.52 30.44 8.54
N THR A 588 -45.27 29.49 9.05
CA THR A 588 -46.72 29.62 9.09
C THR A 588 -47.21 30.44 10.27
N VAL A 589 -46.74 30.12 11.48
CA VAL A 589 -47.13 30.86 12.67
C VAL A 589 -46.33 32.14 12.79
N LYS B 5 27.57 3.73 -21.70
CA LYS B 5 28.76 4.11 -22.43
C LYS B 5 29.95 3.32 -21.88
N TYR B 6 29.83 2.90 -20.62
CA TYR B 6 30.90 2.17 -19.96
C TYR B 6 30.61 0.68 -19.83
N PHE B 7 29.41 0.31 -19.43
CA PHE B 7 29.04 -1.09 -19.27
C PHE B 7 28.35 -1.65 -20.50
N THR B 8 28.48 -0.98 -21.63
CA THR B 8 28.05 -1.50 -22.92
C THR B 8 29.29 -1.78 -23.76
N THR B 9 29.56 -3.07 -23.97
CA THR B 9 30.81 -3.44 -24.60
C THR B 9 30.61 -4.00 -26.00
N ASN B 10 29.72 -4.99 -26.12
CA ASN B 10 29.50 -5.78 -27.34
C ASN B 10 30.76 -6.44 -27.86
N LYS B 11 31.71 -6.74 -26.97
CA LYS B 11 32.91 -7.49 -27.32
C LYS B 11 33.07 -8.62 -26.33
N LYS B 12 32.62 -8.37 -25.10
CA LYS B 12 32.57 -9.38 -24.06
C LYS B 12 31.38 -9.04 -23.17
N GLY B 13 30.96 -9.99 -22.36
CA GLY B 13 29.83 -9.81 -21.49
C GLY B 13 28.76 -10.86 -21.73
N GLU B 14 27.60 -10.61 -21.15
CA GLU B 14 26.54 -11.61 -21.21
C GLU B 14 25.82 -11.57 -22.55
N ILE B 15 25.60 -10.37 -23.10
CA ILE B 15 24.98 -10.25 -24.42
C ILE B 15 25.90 -10.82 -25.49
N PHE B 16 27.21 -10.64 -25.32
CA PHE B 16 28.18 -11.23 -26.24
C PHE B 16 28.16 -12.74 -26.18
N GLU B 17 28.08 -13.30 -24.97
CA GLU B 17 28.15 -14.74 -24.83
C GLU B 17 26.84 -15.39 -25.23
N LEU B 18 25.72 -14.67 -25.10
CA LEU B 18 24.45 -15.18 -25.58
C LEU B 18 24.40 -15.19 -27.10
N LYS B 19 25.00 -14.18 -27.73
CA LYS B 19 24.97 -14.07 -29.18
C LYS B 19 25.85 -15.14 -29.82
N ALA B 20 26.77 -15.71 -29.04
CA ALA B 20 27.69 -16.71 -29.59
C ALA B 20 26.99 -18.02 -29.90
N GLU B 21 26.31 -18.62 -28.93
CA GLU B 21 25.83 -19.98 -29.17
C GLU B 21 24.48 -19.96 -29.87
N LEU B 22 23.83 -18.78 -29.91
CA LEU B 22 22.71 -18.60 -30.83
C LEU B 22 23.14 -18.74 -32.28
N ASN B 23 24.39 -18.42 -32.59
CA ASN B 23 24.93 -18.57 -33.93
C ASN B 23 25.50 -19.95 -34.18
N ASN B 24 25.53 -20.82 -33.17
CA ASN B 24 26.13 -22.13 -33.32
C ASN B 24 25.20 -23.05 -34.11
N GLU B 25 25.68 -24.25 -34.43
CA GLU B 25 24.94 -25.07 -35.38
C GLU B 25 24.06 -26.10 -34.71
N LYS B 26 24.34 -26.45 -33.45
CA LYS B 26 23.51 -27.45 -32.77
C LYS B 26 22.16 -26.85 -32.42
N LYS B 27 21.10 -27.60 -32.74
CA LYS B 27 19.76 -27.09 -32.54
C LYS B 27 19.38 -27.10 -31.06
N GLU B 28 19.84 -28.11 -30.33
CA GLU B 28 19.31 -28.35 -28.99
C GLU B 28 19.86 -27.36 -27.98
N LYS B 29 20.98 -26.71 -28.28
CA LYS B 29 21.49 -25.72 -27.33
C LYS B 29 21.41 -24.31 -27.88
N ARG B 30 20.87 -24.15 -29.09
CA ARG B 30 20.25 -22.87 -29.43
C ARG B 30 18.89 -22.75 -28.77
N LYS B 31 18.24 -23.90 -28.53
CA LYS B 31 16.99 -23.88 -27.78
C LYS B 31 17.23 -23.48 -26.33
N GLU B 32 18.38 -23.86 -25.78
CA GLU B 32 18.70 -23.42 -24.43
C GLU B 32 19.04 -21.94 -24.41
N ALA B 33 19.51 -21.42 -25.53
CA ALA B 33 19.91 -20.01 -25.60
C ALA B 33 18.70 -19.08 -25.59
N VAL B 34 17.67 -19.41 -26.38
CA VAL B 34 16.51 -18.53 -26.49
C VAL B 34 15.72 -18.53 -25.18
N LYS B 35 15.75 -19.66 -24.46
CA LYS B 35 15.18 -19.70 -23.12
C LYS B 35 15.92 -18.77 -22.16
N LYS B 36 17.22 -18.58 -22.39
CA LYS B 36 17.96 -17.62 -21.57
C LYS B 36 17.69 -16.19 -22.01
N VAL B 37 17.19 -16.01 -23.23
CA VAL B 37 16.85 -14.65 -23.68
C VAL B 37 15.47 -14.27 -23.18
N ILE B 38 14.55 -15.22 -23.10
CA ILE B 38 13.22 -14.94 -22.55
C ILE B 38 13.31 -14.70 -21.05
N ALA B 39 14.12 -15.50 -20.36
CA ALA B 39 14.24 -15.36 -18.92
C ALA B 39 15.09 -14.15 -18.54
N ALA B 40 15.86 -13.60 -19.50
CA ALA B 40 16.55 -12.35 -19.23
C ALA B 40 15.61 -11.17 -19.34
N MET B 41 14.81 -11.13 -20.41
CA MET B 41 13.94 -9.99 -20.64
C MET B 41 12.68 -10.03 -19.81
N THR B 42 12.36 -11.17 -19.19
CA THR B 42 11.24 -11.20 -18.26
C THR B 42 11.59 -10.45 -16.99
N VAL B 43 12.80 -10.67 -16.47
CA VAL B 43 13.24 -10.02 -15.24
C VAL B 43 13.50 -8.54 -15.50
N GLY B 44 13.87 -8.20 -16.73
CA GLY B 44 14.02 -6.81 -17.08
C GLY B 44 15.39 -6.44 -17.60
N LYS B 45 16.08 -7.41 -18.18
CA LYS B 45 17.38 -7.15 -18.80
C LYS B 45 17.19 -6.75 -20.25
N ASP B 46 18.01 -5.82 -20.70
CA ASP B 46 17.86 -5.23 -22.02
C ASP B 46 18.54 -6.12 -23.05
N VAL B 47 17.75 -6.86 -23.82
CA VAL B 47 18.26 -7.72 -24.86
C VAL B 47 17.82 -7.25 -26.24
N SER B 48 17.65 -5.93 -26.40
CA SER B 48 17.20 -5.38 -27.67
C SER B 48 18.23 -5.51 -28.78
N SER B 49 19.51 -5.66 -28.42
CA SER B 49 20.55 -5.82 -29.43
C SER B 49 20.60 -7.23 -29.99
N LEU B 50 19.93 -8.19 -29.36
CA LEU B 50 19.90 -9.56 -29.86
C LEU B 50 18.78 -9.79 -30.86
N PHE B 51 18.00 -8.77 -31.20
CA PHE B 51 16.78 -8.97 -31.98
C PHE B 51 17.01 -9.48 -33.40
N PRO B 52 17.96 -8.98 -34.22
CA PRO B 52 18.17 -9.63 -35.52
C PRO B 52 18.92 -10.94 -35.43
N ASP B 53 19.42 -11.32 -34.26
CA ASP B 53 20.09 -12.58 -34.12
C ASP B 53 19.17 -13.70 -33.67
N VAL B 54 18.08 -13.37 -32.98
CA VAL B 54 17.11 -14.39 -32.59
C VAL B 54 16.28 -14.81 -33.79
N VAL B 55 15.92 -13.84 -34.64
CA VAL B 55 15.08 -14.14 -35.80
C VAL B 55 15.82 -14.89 -36.89
N ASN B 56 17.14 -15.03 -36.77
CA ASN B 56 17.86 -15.96 -37.61
C ASN B 56 17.57 -17.40 -37.25
N CYS B 57 17.10 -17.66 -36.02
CA CYS B 57 16.71 -19.01 -35.65
C CYS B 57 15.31 -19.36 -36.14
N MET B 58 14.63 -18.43 -36.80
CA MET B 58 13.32 -18.73 -37.38
C MET B 58 13.42 -19.74 -38.51
N GLN B 59 14.41 -19.59 -39.39
CA GLN B 59 14.55 -20.45 -40.57
C GLN B 59 15.03 -21.83 -40.11
N THR B 60 14.06 -22.64 -39.73
CA THR B 60 14.35 -23.99 -39.23
C THR B 60 13.15 -24.87 -39.56
N ASP B 61 13.23 -26.13 -39.14
CA ASP B 61 12.10 -27.04 -39.27
C ASP B 61 11.66 -27.60 -37.92
N ASN B 62 12.19 -27.11 -36.80
CA ASN B 62 11.89 -27.64 -35.48
C ASN B 62 10.74 -26.84 -34.88
N LEU B 63 9.77 -27.55 -34.31
CA LEU B 63 8.58 -26.88 -33.79
C LEU B 63 8.86 -26.20 -32.45
N GLU B 64 9.67 -26.84 -31.60
CA GLU B 64 9.95 -26.28 -30.29
C GLU B 64 10.78 -25.02 -30.40
N LEU B 65 11.77 -25.02 -31.30
CA LEU B 65 12.62 -23.86 -31.48
C LEU B 65 11.86 -22.71 -32.13
N LYS B 66 10.89 -23.03 -32.99
CA LYS B 66 10.16 -21.97 -33.68
C LYS B 66 9.17 -21.30 -32.76
N LYS B 67 8.68 -22.03 -31.74
CA LYS B 67 7.78 -21.40 -30.78
C LYS B 67 8.53 -20.45 -29.86
N LEU B 68 9.76 -20.80 -29.49
CA LEU B 68 10.53 -19.96 -28.58
C LEU B 68 10.93 -18.66 -29.23
N VAL B 69 11.04 -18.64 -30.55
CA VAL B 69 11.25 -17.38 -31.24
C VAL B 69 9.98 -16.57 -31.23
N TYR B 70 8.83 -17.22 -31.42
CA TYR B 70 7.55 -16.53 -31.42
C TYR B 70 7.18 -15.99 -30.04
N LEU B 71 7.65 -16.66 -28.98
CA LEU B 71 7.40 -16.13 -27.64
C LEU B 71 8.27 -14.92 -27.37
N TYR B 72 9.47 -14.89 -27.93
CA TYR B 72 10.32 -13.72 -27.84
C TYR B 72 9.72 -12.56 -28.63
N LEU B 73 9.08 -12.86 -29.75
CA LEU B 73 8.50 -11.82 -30.59
C LEU B 73 7.22 -11.27 -29.98
N MET B 74 6.50 -12.09 -29.23
CA MET B 74 5.21 -11.64 -28.71
C MET B 74 5.39 -10.61 -27.59
N ASN B 75 6.51 -10.67 -26.88
CA ASN B 75 6.76 -9.71 -25.81
C ASN B 75 7.04 -8.33 -26.38
N TYR B 76 7.50 -8.25 -27.61
CA TYR B 76 7.70 -6.97 -28.28
C TYR B 76 6.44 -6.48 -28.97
N ALA B 77 5.44 -7.34 -29.13
CA ALA B 77 4.31 -7.01 -29.99
C ALA B 77 3.39 -5.97 -29.37
N LYS B 78 3.50 -5.75 -28.07
CA LYS B 78 2.62 -4.79 -27.40
C LYS B 78 3.36 -3.58 -26.86
N SER B 79 4.53 -3.76 -26.26
CA SER B 79 5.26 -2.63 -25.71
C SER B 79 5.98 -1.82 -26.77
N GLN B 80 6.77 -2.47 -27.64
CA GLN B 80 7.51 -1.79 -28.69
C GLN B 80 7.18 -2.43 -30.04
N PRO B 81 6.03 -2.10 -30.62
CA PRO B 81 5.57 -2.83 -31.81
C PRO B 81 6.37 -2.52 -33.06
N ASP B 82 7.08 -1.39 -33.08
CA ASP B 82 7.88 -1.03 -34.25
C ASP B 82 9.14 -1.86 -34.40
N MET B 83 9.52 -2.65 -33.39
CA MET B 83 10.63 -3.57 -33.56
C MET B 83 10.18 -4.93 -34.08
N ALA B 84 9.03 -5.43 -33.63
CA ALA B 84 8.62 -6.78 -34.00
C ALA B 84 8.09 -6.83 -35.42
N ILE B 85 7.86 -5.68 -36.05
CA ILE B 85 7.47 -5.63 -37.45
C ILE B 85 8.68 -5.91 -38.36
N MET B 86 9.89 -5.87 -37.81
CA MET B 86 11.09 -6.07 -38.61
C MET B 86 11.29 -7.52 -39.00
N ALA B 87 10.54 -8.44 -38.40
CA ALA B 87 10.59 -9.85 -38.77
C ALA B 87 9.31 -10.33 -39.42
N VAL B 88 8.55 -9.44 -40.08
CA VAL B 88 7.23 -9.80 -40.55
C VAL B 88 7.30 -10.65 -41.81
N ASN B 89 8.45 -10.66 -42.47
CA ASN B 89 8.62 -11.50 -43.66
C ASN B 89 8.73 -12.97 -43.28
N SER B 90 9.12 -13.26 -42.04
CA SER B 90 9.19 -14.63 -41.57
C SER B 90 7.86 -15.15 -41.08
N PHE B 91 6.96 -14.24 -40.69
CA PHE B 91 5.60 -14.61 -40.36
C PHE B 91 4.87 -15.13 -41.59
N VAL B 92 4.92 -14.35 -42.68
CA VAL B 92 4.13 -14.63 -43.87
C VAL B 92 4.66 -15.82 -44.66
N LYS B 93 5.85 -16.32 -44.31
CA LYS B 93 6.32 -17.57 -44.85
C LYS B 93 5.83 -18.75 -44.02
N ASP B 94 5.51 -18.50 -42.75
CA ASP B 94 5.12 -19.59 -41.86
C ASP B 94 3.62 -19.84 -41.92
N CYS B 95 2.84 -18.86 -42.38
CA CYS B 95 1.39 -19.00 -42.31
C CYS B 95 0.81 -19.83 -43.45
N GLU B 96 1.65 -20.46 -44.27
CA GLU B 96 1.22 -21.49 -45.21
C GLU B 96 2.04 -22.77 -45.07
N ASP B 97 2.80 -22.89 -44.00
CA ASP B 97 3.61 -24.07 -43.74
C ASP B 97 2.70 -25.23 -43.36
N PRO B 98 3.17 -26.47 -43.48
CA PRO B 98 2.50 -27.58 -42.79
C PRO B 98 2.77 -27.51 -41.28
N ASN B 99 2.29 -28.54 -40.56
CA ASN B 99 2.20 -28.56 -39.10
C ASN B 99 1.42 -27.32 -38.65
N PRO B 100 0.09 -27.36 -38.74
CA PRO B 100 -0.73 -26.13 -38.64
C PRO B 100 -0.70 -25.40 -37.30
N LEU B 101 0.00 -25.97 -36.31
CA LEU B 101 0.34 -25.21 -35.11
C LEU B 101 1.20 -24.00 -35.46
N ILE B 102 2.03 -24.14 -36.51
CA ILE B 102 2.86 -23.04 -36.96
C ILE B 102 2.00 -21.98 -37.66
N ARG B 103 0.98 -22.41 -38.42
CA ARG B 103 0.16 -21.44 -39.15
C ARG B 103 -0.68 -20.60 -38.21
N ALA B 104 -1.24 -21.23 -37.17
CA ALA B 104 -2.08 -20.49 -36.22
C ALA B 104 -1.24 -19.55 -35.38
N LEU B 105 -0.05 -20.00 -34.99
CA LEU B 105 0.82 -19.18 -34.14
C LEU B 105 1.42 -18.03 -34.93
N ALA B 106 1.50 -18.18 -36.25
CA ALA B 106 1.90 -17.06 -37.08
C ALA B 106 0.81 -16.00 -37.16
N VAL B 107 -0.45 -16.43 -37.24
CA VAL B 107 -1.55 -15.49 -37.42
C VAL B 107 -1.85 -14.76 -36.11
N ARG B 108 -1.70 -15.45 -34.98
CA ARG B 108 -1.79 -14.78 -33.68
C ARG B 108 -0.71 -13.73 -33.51
N THR B 109 0.50 -14.02 -33.94
CA THR B 109 1.61 -13.11 -33.71
C THR B 109 1.49 -11.89 -34.61
N MET B 110 0.93 -12.07 -35.80
CA MET B 110 0.72 -10.93 -36.70
C MET B 110 -0.42 -10.05 -36.21
N GLY B 111 -1.46 -10.65 -35.64
CA GLY B 111 -2.61 -9.88 -35.23
C GLY B 111 -2.35 -9.04 -33.99
N CYS B 112 -1.43 -9.48 -33.13
CA CYS B 112 -1.19 -8.79 -31.88
C CYS B 112 -0.29 -7.56 -32.04
N ILE B 113 0.15 -7.25 -33.24
CA ILE B 113 1.05 -6.12 -33.47
C ILE B 113 0.21 -4.90 -33.84
N ARG B 114 0.26 -3.87 -33.00
CA ARG B 114 -0.47 -2.62 -33.23
C ARG B 114 0.36 -1.70 -34.13
N VAL B 115 0.37 -2.03 -35.41
CA VAL B 115 1.01 -1.21 -36.45
C VAL B 115 0.02 -1.11 -37.59
N ASP B 116 -0.19 0.12 -38.09
CA ASP B 116 -1.14 0.35 -39.17
C ASP B 116 -0.70 -0.31 -40.47
N LYS B 117 0.60 -0.51 -40.65
CA LYS B 117 1.13 -1.04 -41.90
C LYS B 117 0.90 -2.54 -42.02
N ILE B 118 0.61 -3.22 -40.91
CA ILE B 118 0.52 -4.68 -40.93
C ILE B 118 -0.80 -5.14 -41.54
N THR B 119 -1.75 -4.23 -41.74
CA THR B 119 -3.00 -4.58 -42.42
C THR B 119 -2.79 -4.95 -43.88
N GLU B 120 -1.66 -4.53 -44.46
CA GLU B 120 -1.25 -5.00 -45.78
C GLU B 120 -0.76 -6.43 -45.74
N TYR B 121 -0.46 -6.96 -44.56
CA TYR B 121 0.03 -8.32 -44.37
C TYR B 121 -1.01 -9.25 -43.78
N LEU B 122 -2.04 -8.70 -43.14
CA LEU B 122 -3.18 -9.52 -42.74
C LEU B 122 -4.28 -9.49 -43.80
N CYS B 123 -3.87 -9.35 -45.06
CA CYS B 123 -4.64 -9.56 -46.28
C CYS B 123 -4.68 -11.05 -46.55
N GLU B 124 -4.73 -11.41 -47.83
CA GLU B 124 -4.87 -12.71 -48.50
C GLU B 124 -4.33 -13.95 -47.74
N PRO B 125 -3.18 -13.92 -47.04
CA PRO B 125 -2.90 -15.03 -46.10
C PRO B 125 -3.87 -15.18 -44.94
N LEU B 126 -4.64 -14.16 -44.58
CA LEU B 126 -5.63 -14.33 -43.52
C LEU B 126 -6.86 -15.08 -44.04
N ARG B 127 -7.24 -14.86 -45.29
CA ARG B 127 -8.49 -15.43 -45.79
C ARG B 127 -8.32 -16.91 -46.13
N LYS B 128 -7.08 -17.37 -46.30
CA LYS B 128 -6.86 -18.81 -46.37
C LYS B 128 -7.05 -19.44 -45.00
N CYS B 129 -6.69 -18.70 -43.95
CA CYS B 129 -6.84 -19.23 -42.60
C CYS B 129 -8.30 -19.22 -42.17
N LEU B 130 -9.11 -18.31 -42.75
CA LEU B 130 -10.55 -18.38 -42.52
C LEU B 130 -11.18 -19.57 -43.24
N LYS B 131 -10.52 -20.12 -44.24
CA LYS B 131 -11.04 -21.25 -45.00
C LYS B 131 -10.19 -22.50 -44.82
N ASP B 132 -9.37 -22.56 -43.77
CA ASP B 132 -8.43 -23.64 -43.58
C ASP B 132 -9.16 -24.94 -43.25
N GLU B 133 -8.53 -26.07 -43.54
CA GLU B 133 -9.18 -27.36 -43.29
C GLU B 133 -8.89 -27.90 -41.89
N ASP B 134 -7.86 -27.39 -41.21
CA ASP B 134 -7.68 -27.72 -39.80
C ASP B 134 -8.53 -26.74 -39.00
N PRO B 135 -9.46 -27.21 -38.17
CA PRO B 135 -10.30 -26.28 -37.40
C PRO B 135 -9.58 -25.51 -36.32
N TYR B 136 -8.38 -25.97 -35.93
CA TYR B 136 -7.57 -25.20 -34.99
C TYR B 136 -7.10 -23.89 -35.62
N VAL B 137 -6.94 -23.88 -36.95
CA VAL B 137 -6.50 -22.67 -37.63
C VAL B 137 -7.67 -21.72 -37.86
N ARG B 138 -8.85 -22.26 -38.15
CA ARG B 138 -10.03 -21.42 -38.33
C ARG B 138 -10.43 -20.79 -37.01
N LYS B 139 -10.18 -21.49 -35.90
CA LYS B 139 -10.42 -20.96 -34.58
C LYS B 139 -9.54 -19.75 -34.32
N THR B 140 -8.29 -19.83 -34.77
CA THR B 140 -7.34 -18.74 -34.59
C THR B 140 -7.69 -17.56 -35.48
N ALA B 141 -8.08 -17.85 -36.73
CA ALA B 141 -8.36 -16.79 -37.68
C ALA B 141 -9.65 -16.06 -37.35
N ALA B 142 -10.55 -16.72 -36.62
CA ALA B 142 -11.81 -16.09 -36.25
C ALA B 142 -11.59 -14.99 -35.24
N VAL B 143 -10.64 -15.18 -34.34
CA VAL B 143 -10.36 -14.16 -33.32
C VAL B 143 -9.59 -13.00 -33.93
N CYS B 144 -8.72 -13.28 -34.91
CA CYS B 144 -7.82 -12.27 -35.44
C CYS B 144 -8.56 -11.29 -36.36
N VAL B 145 -9.79 -11.62 -36.76
CA VAL B 145 -10.62 -10.62 -37.41
C VAL B 145 -10.99 -9.52 -36.42
N ALA B 146 -11.23 -9.90 -35.17
CA ALA B 146 -11.57 -8.90 -34.15
C ALA B 146 -10.34 -8.11 -33.73
N LYS B 147 -9.15 -8.71 -33.83
CA LYS B 147 -7.92 -7.95 -33.67
C LYS B 147 -7.76 -6.96 -34.81
N LEU B 148 -8.07 -7.40 -36.03
CA LEU B 148 -7.92 -6.53 -37.20
C LEU B 148 -8.99 -5.45 -37.22
N HIS B 149 -10.20 -5.78 -36.77
CA HIS B 149 -11.26 -4.78 -36.71
C HIS B 149 -10.97 -3.73 -35.64
N ASP B 150 -10.26 -4.10 -34.59
CA ASP B 150 -9.96 -3.14 -33.54
C ASP B 150 -8.88 -2.16 -33.98
N ILE B 151 -8.08 -2.55 -34.98
CA ILE B 151 -7.20 -1.59 -35.63
C ILE B 151 -8.05 -0.53 -36.32
N VAL B 156 -12.71 -2.11 -45.98
CA VAL B 156 -13.84 -2.73 -46.70
C VAL B 156 -13.53 -4.18 -47.07
N GLU B 157 -12.25 -4.53 -47.22
CA GLU B 157 -11.89 -5.93 -47.39
C GLU B 157 -12.14 -6.72 -46.11
N ASP B 158 -11.89 -6.11 -44.94
CA ASP B 158 -12.27 -6.73 -43.67
C ASP B 158 -13.78 -6.74 -43.49
N GLN B 159 -14.48 -5.81 -44.14
CA GLN B 159 -15.94 -5.92 -44.22
C GLN B 159 -16.36 -7.11 -45.06
N GLY B 160 -15.48 -7.56 -45.97
CA GLY B 160 -15.68 -8.84 -46.62
C GLY B 160 -15.31 -10.01 -45.72
N PHE B 161 -14.45 -9.77 -44.72
CA PHE B 161 -14.14 -10.81 -43.75
C PHE B 161 -15.26 -11.01 -42.75
N LEU B 162 -16.12 -10.00 -42.58
CA LEU B 162 -17.19 -10.09 -41.60
C LEU B 162 -18.21 -11.15 -41.97
N ASP B 163 -18.43 -11.34 -43.26
CA ASP B 163 -19.33 -12.39 -43.69
C ASP B 163 -18.68 -13.75 -43.61
N SER B 164 -17.35 -13.80 -43.52
CA SER B 164 -16.67 -15.08 -43.35
C SER B 164 -16.81 -15.58 -41.92
N LEU B 165 -17.00 -14.67 -40.96
CA LEU B 165 -17.31 -15.08 -39.60
C LEU B 165 -18.66 -15.75 -39.52
N ARG B 166 -19.62 -15.27 -40.31
CA ARG B 166 -20.94 -15.87 -40.36
C ARG B 166 -20.89 -17.25 -41.00
N ASP B 167 -19.94 -17.45 -41.91
CA ASP B 167 -19.78 -18.75 -42.56
C ASP B 167 -19.17 -19.75 -41.60
N LEU B 168 -18.38 -19.26 -40.63
CA LEU B 168 -17.73 -20.16 -39.68
C LEU B 168 -18.68 -20.64 -38.60
N ILE B 169 -19.83 -19.98 -38.46
CA ILE B 169 -20.84 -20.43 -37.50
C ILE B 169 -21.41 -21.77 -37.94
N ALA B 170 -21.52 -21.98 -39.25
CA ALA B 170 -21.89 -23.28 -39.78
C ALA B 170 -20.64 -24.14 -39.93
N ASP B 171 -20.21 -24.72 -38.81
CA ASP B 171 -19.05 -25.61 -38.82
C ASP B 171 -19.35 -26.84 -37.97
N SER B 172 -18.64 -27.92 -38.28
CA SER B 172 -18.82 -29.18 -37.58
C SER B 172 -18.05 -29.23 -36.26
N ASN B 173 -16.88 -28.59 -36.18
CA ASN B 173 -16.18 -28.47 -34.91
C ASN B 173 -16.77 -27.25 -34.21
N PRO B 174 -17.37 -27.41 -33.03
CA PRO B 174 -18.12 -26.29 -32.44
C PRO B 174 -17.25 -25.23 -31.79
N MET B 175 -15.98 -25.50 -31.52
CA MET B 175 -15.15 -24.45 -30.92
C MET B 175 -14.79 -23.37 -31.94
N VAL B 176 -14.85 -23.71 -33.23
CA VAL B 176 -14.73 -22.69 -34.26
C VAL B 176 -15.96 -21.80 -34.25
N VAL B 177 -17.12 -22.39 -33.99
CA VAL B 177 -18.36 -21.63 -33.91
C VAL B 177 -18.33 -20.70 -32.71
N ALA B 178 -17.65 -21.14 -31.65
CA ALA B 178 -17.65 -20.43 -30.38
C ALA B 178 -16.89 -19.11 -30.47
N ASN B 179 -15.67 -19.14 -31.01
CA ASN B 179 -14.88 -17.93 -31.10
C ASN B 179 -15.39 -16.99 -32.18
N ALA B 180 -16.10 -17.52 -33.18
CA ALA B 180 -16.67 -16.68 -34.22
C ALA B 180 -17.82 -15.84 -33.67
N VAL B 181 -18.63 -16.44 -32.79
CA VAL B 181 -19.72 -15.71 -32.15
C VAL B 181 -19.16 -14.66 -31.21
N ALA B 182 -18.09 -15.01 -30.49
CA ALA B 182 -17.43 -14.06 -29.61
C ALA B 182 -16.74 -12.95 -30.40
N ALA B 183 -16.31 -13.26 -31.62
CA ALA B 183 -15.70 -12.24 -32.47
C ALA B 183 -16.76 -11.27 -33.00
N LEU B 184 -17.88 -11.81 -33.48
CA LEU B 184 -18.95 -10.98 -34.03
C LEU B 184 -19.57 -10.09 -32.97
N SER B 185 -19.69 -10.60 -31.74
CA SER B 185 -20.30 -9.85 -30.67
C SER B 185 -19.48 -8.64 -30.26
N GLU B 186 -18.15 -8.73 -30.33
CA GLU B 186 -17.33 -7.57 -30.01
C GLU B 186 -17.33 -6.59 -31.16
N ILE B 187 -17.40 -7.10 -32.39
CA ILE B 187 -17.50 -6.23 -33.56
C ILE B 187 -18.85 -5.54 -33.61
N SER B 188 -19.91 -6.22 -33.16
CA SER B 188 -21.24 -5.64 -33.16
C SER B 188 -21.41 -4.54 -32.11
N GLU B 189 -20.45 -4.37 -31.20
CA GLU B 189 -20.46 -3.22 -30.30
C GLU B 189 -20.27 -1.91 -31.05
N SER B 190 -19.59 -1.93 -32.20
CA SER B 190 -19.36 -0.73 -33.00
C SER B 190 -19.49 -1.14 -34.47
N HIS B 191 -20.68 -1.00 -35.01
CA HIS B 191 -20.96 -1.45 -36.37
C HIS B 191 -21.56 -0.33 -37.22
N LEU B 196 -24.78 -8.00 -36.97
CA LEU B 196 -25.31 -9.35 -36.78
C LEU B 196 -26.78 -9.37 -36.43
N LEU B 197 -27.59 -9.97 -37.31
CA LEU B 197 -28.98 -10.28 -36.97
C LEU B 197 -29.15 -11.80 -36.86
N ASP B 198 -29.75 -12.26 -35.76
CA ASP B 198 -29.95 -13.69 -35.53
C ASP B 198 -31.41 -14.07 -35.84
N LEU B 199 -31.71 -14.18 -37.13
CA LEU B 199 -33.06 -14.58 -37.51
C LEU B 199 -33.18 -16.09 -37.39
N ASN B 200 -34.32 -16.53 -36.85
CA ASN B 200 -34.68 -17.86 -36.34
C ASN B 200 -34.19 -19.07 -37.14
N PRO B 201 -34.71 -19.27 -38.36
CA PRO B 201 -34.73 -20.60 -39.01
C PRO B 201 -33.48 -21.46 -39.05
N GLN B 202 -32.35 -20.86 -39.28
CA GLN B 202 -31.09 -21.58 -39.33
C GLN B 202 -30.07 -21.04 -38.33
N ASN B 203 -30.16 -19.77 -37.95
CA ASN B 203 -29.21 -19.24 -36.98
C ASN B 203 -29.45 -19.82 -35.59
N ILE B 204 -30.67 -19.67 -35.07
CA ILE B 204 -30.95 -20.04 -33.69
C ILE B 204 -30.89 -21.55 -33.49
N ASN B 205 -31.33 -22.32 -34.48
CA ASN B 205 -31.31 -23.78 -34.33
C ASN B 205 -29.89 -24.32 -34.42
N LYS B 206 -29.03 -23.69 -35.21
CA LYS B 206 -27.65 -24.17 -35.27
C LYS B 206 -26.82 -23.65 -34.11
N LEU B 207 -27.20 -22.51 -33.53
CA LEU B 207 -26.54 -22.05 -32.31
C LEU B 207 -26.88 -22.96 -31.13
N LEU B 208 -28.16 -23.32 -30.98
CA LEU B 208 -28.57 -24.09 -29.81
C LEU B 208 -28.12 -25.54 -29.91
N THR B 209 -27.93 -26.06 -31.13
CA THR B 209 -27.36 -27.39 -31.25
C THR B 209 -25.86 -27.38 -31.03
N ALA B 210 -25.18 -26.30 -31.42
CA ALA B 210 -23.77 -26.16 -31.09
C ALA B 210 -23.59 -25.87 -29.60
N LEU B 211 -24.62 -25.30 -28.98
CA LEU B 211 -24.59 -25.02 -27.54
C LEU B 211 -24.50 -26.30 -26.73
N ASN B 212 -25.12 -27.37 -27.20
CA ASN B 212 -25.14 -28.64 -26.48
C ASN B 212 -23.87 -29.45 -26.66
N GLU B 213 -22.91 -28.97 -27.46
CA GLU B 213 -21.74 -29.79 -27.73
C GLU B 213 -20.42 -29.05 -27.59
N CYS B 214 -20.46 -27.71 -27.59
CA CYS B 214 -19.21 -26.98 -27.53
C CYS B 214 -18.67 -26.94 -26.11
N THR B 215 -17.49 -26.35 -25.97
CA THR B 215 -16.79 -26.31 -24.70
C THR B 215 -17.46 -25.34 -23.74
N GLU B 216 -16.93 -25.30 -22.52
CA GLU B 216 -17.57 -24.57 -21.45
C GLU B 216 -17.42 -23.07 -21.63
N TRP B 217 -16.43 -22.63 -22.40
CA TRP B 217 -16.24 -21.21 -22.59
C TRP B 217 -17.06 -20.72 -23.77
N GLY B 218 -17.41 -21.63 -24.69
CA GLY B 218 -18.21 -21.23 -25.82
C GLY B 218 -19.69 -21.17 -25.50
N GLN B 219 -20.11 -21.94 -24.51
CA GLN B 219 -21.50 -21.89 -24.07
C GLN B 219 -21.82 -20.58 -23.40
N ILE B 220 -20.82 -19.95 -22.78
CA ILE B 220 -20.97 -18.57 -22.31
C ILE B 220 -21.18 -17.66 -23.51
N PHE B 221 -20.45 -17.91 -24.58
CA PHE B 221 -20.43 -16.98 -25.70
C PHE B 221 -21.72 -17.05 -26.51
N ILE B 222 -22.32 -18.24 -26.57
CA ILE B 222 -23.58 -18.39 -27.27
C ILE B 222 -24.72 -17.82 -26.44
N LEU B 223 -24.72 -18.09 -25.12
CA LEU B 223 -25.79 -17.60 -24.27
C LEU B 223 -25.68 -16.11 -24.01
N ASP B 224 -24.49 -15.53 -24.24
CA ASP B 224 -24.38 -14.07 -24.19
C ASP B 224 -24.92 -13.43 -25.46
N CYS B 225 -24.93 -14.19 -26.56
CA CYS B 225 -25.40 -13.62 -27.82
C CYS B 225 -26.91 -13.71 -27.94
N LEU B 226 -27.51 -14.74 -27.33
CA LEU B 226 -28.96 -14.92 -27.39
C LEU B 226 -29.69 -13.87 -26.59
N SER B 227 -29.02 -13.27 -25.60
CA SER B 227 -29.65 -12.24 -24.80
C SER B 227 -29.87 -10.95 -25.59
N ASN B 228 -29.12 -10.75 -26.67
CA ASN B 228 -29.37 -9.64 -27.57
C ASN B 228 -30.55 -9.90 -28.50
N TYR B 229 -30.94 -11.15 -28.67
CA TYR B 229 -32.02 -11.50 -29.58
C TYR B 229 -33.37 -11.11 -29.00
N ASN B 230 -34.24 -10.59 -29.87
CA ASN B 230 -35.59 -10.19 -29.51
C ASN B 230 -36.55 -11.20 -30.15
N PRO B 231 -37.26 -11.98 -29.35
CA PRO B 231 -38.21 -12.93 -29.92
C PRO B 231 -39.49 -12.24 -30.30
N LYS B 232 -40.29 -12.92 -31.12
CA LYS B 232 -41.56 -12.36 -31.58
C LYS B 232 -42.77 -13.06 -31.02
N ASP B 233 -42.86 -14.38 -31.15
CA ASP B 233 -44.05 -15.09 -30.73
C ASP B 233 -43.81 -15.72 -29.36
N ASP B 234 -44.86 -15.80 -28.55
CA ASP B 234 -44.71 -16.21 -27.15
C ASP B 234 -44.34 -17.68 -27.03
N ARG B 235 -44.84 -18.53 -27.91
CA ARG B 235 -44.40 -19.92 -27.87
C ARG B 235 -43.13 -20.13 -28.69
N GLU B 236 -42.73 -19.13 -29.49
CA GLU B 236 -41.41 -19.18 -30.10
C GLU B 236 -40.34 -18.87 -29.07
N ALA B 237 -40.61 -17.90 -28.18
CA ALA B 237 -39.68 -17.61 -27.08
C ALA B 237 -39.73 -18.73 -26.06
N GLN B 238 -40.87 -19.40 -25.92
CA GLN B 238 -40.93 -20.59 -25.08
C GLN B 238 -40.09 -21.72 -25.65
N SER B 239 -40.13 -21.88 -26.98
CA SER B 239 -39.43 -22.98 -27.64
C SER B 239 -37.91 -22.85 -27.54
N ILE B 240 -37.42 -21.64 -27.32
CA ILE B 240 -36.00 -21.46 -26.98
C ILE B 240 -35.74 -22.00 -25.58
N CYS B 241 -36.66 -21.73 -24.65
CA CYS B 241 -36.39 -21.90 -23.23
C CYS B 241 -36.29 -23.37 -22.82
N GLU B 242 -36.84 -24.29 -23.60
CA GLU B 242 -36.65 -25.70 -23.25
C GLU B 242 -35.26 -26.18 -23.63
N ARG B 243 -34.54 -25.40 -24.44
CA ARG B 243 -33.17 -25.77 -24.77
C ARG B 243 -32.18 -25.08 -23.84
N VAL B 244 -32.57 -23.94 -23.29
CA VAL B 244 -31.68 -23.20 -22.39
C VAL B 244 -31.74 -23.80 -20.99
N THR B 245 -32.91 -24.33 -20.61
CA THR B 245 -33.15 -24.95 -19.30
C THR B 245 -32.18 -26.07 -18.90
N PRO B 246 -31.74 -27.00 -19.76
CA PRO B 246 -30.72 -27.95 -19.29
C PRO B 246 -29.33 -27.35 -19.16
N ARG B 247 -29.12 -26.08 -19.50
CA ARG B 247 -27.77 -25.53 -19.35
C ARG B 247 -27.53 -24.96 -17.95
N LEU B 248 -28.54 -24.88 -17.11
CA LEU B 248 -28.33 -24.52 -15.71
C LEU B 248 -28.19 -25.78 -14.87
N SER B 249 -27.30 -26.67 -15.30
CA SER B 249 -26.91 -27.83 -14.51
C SER B 249 -25.42 -28.03 -14.65
N HIS B 250 -24.77 -27.09 -15.34
CA HIS B 250 -23.37 -27.21 -15.69
C HIS B 250 -22.51 -26.92 -14.46
N ALA B 251 -21.26 -27.37 -14.50
CA ALA B 251 -20.37 -27.19 -13.36
C ALA B 251 -19.94 -25.73 -13.23
N ASN B 252 -19.76 -25.03 -14.34
CA ASN B 252 -19.30 -23.65 -14.29
C ASN B 252 -20.42 -22.72 -13.87
N SER B 253 -20.07 -21.76 -13.02
CA SER B 253 -21.03 -20.77 -12.58
C SER B 253 -21.27 -19.71 -13.64
N ALA B 254 -20.33 -19.55 -14.57
CA ALA B 254 -20.52 -18.58 -15.63
C ALA B 254 -21.53 -19.07 -16.64
N VAL B 255 -21.63 -20.39 -16.80
CA VAL B 255 -22.63 -20.96 -17.70
C VAL B 255 -24.02 -20.85 -17.08
N VAL B 256 -24.11 -21.03 -15.77
CA VAL B 256 -25.40 -20.99 -15.10
C VAL B 256 -25.96 -19.57 -15.09
N LEU B 257 -25.12 -18.59 -14.75
CA LEU B 257 -25.58 -17.20 -14.71
C LEU B 257 -25.89 -16.66 -16.09
N SER B 258 -25.25 -17.20 -17.13
CA SER B 258 -25.62 -16.79 -18.48
C SER B 258 -26.91 -17.46 -18.90
N ALA B 259 -27.15 -18.69 -18.42
CA ALA B 259 -28.41 -19.36 -18.71
C ALA B 259 -29.57 -18.67 -18.02
N VAL B 260 -29.33 -18.14 -16.82
CA VAL B 260 -30.36 -17.42 -16.09
C VAL B 260 -30.70 -16.11 -16.80
N LYS B 261 -29.69 -15.43 -17.36
CA LYS B 261 -29.89 -14.15 -18.01
C LYS B 261 -30.75 -14.28 -19.26
N VAL B 262 -30.60 -15.40 -19.97
CA VAL B 262 -31.49 -15.70 -21.08
C VAL B 262 -32.90 -15.97 -20.57
N LEU B 263 -33.01 -16.73 -19.48
CA LEU B 263 -34.32 -17.14 -18.99
C LEU B 263 -35.01 -16.01 -18.25
N MET B 264 -34.25 -15.07 -17.69
CA MET B 264 -34.89 -13.90 -17.09
C MET B 264 -35.36 -12.93 -18.16
N LYS B 265 -34.78 -13.01 -19.37
CA LYS B 265 -35.26 -12.19 -20.46
C LYS B 265 -36.43 -12.85 -21.17
N PHE B 266 -36.28 -14.12 -21.55
CA PHE B 266 -37.31 -14.84 -22.28
C PHE B 266 -38.34 -15.38 -21.30
N LEU B 267 -39.01 -14.46 -20.62
CA LEU B 267 -39.91 -14.76 -19.52
C LEU B 267 -41.27 -14.15 -19.83
N GLU B 268 -41.79 -14.49 -21.00
CA GLU B 268 -43.08 -14.01 -21.46
C GLU B 268 -44.10 -15.14 -21.40
N ASP B 275 -48.52 -22.07 -17.49
CA ASP B 275 -48.04 -23.22 -16.74
C ASP B 275 -46.54 -23.46 -16.94
N TYR B 276 -46.03 -23.14 -18.12
CA TYR B 276 -44.59 -23.19 -18.34
C TYR B 276 -43.91 -22.01 -17.67
N TYR B 277 -44.64 -20.92 -17.48
CA TYR B 277 -44.14 -19.80 -16.68
C TYR B 277 -43.92 -20.23 -15.24
N ASN B 278 -44.85 -21.00 -14.69
CA ASN B 278 -44.72 -21.43 -13.31
C ASN B 278 -43.65 -22.49 -13.15
N MET B 279 -43.50 -23.35 -14.15
CA MET B 279 -42.49 -24.41 -14.07
C MET B 279 -41.09 -23.85 -14.21
N LEU B 280 -40.96 -22.74 -14.95
CA LEU B 280 -39.63 -22.17 -15.17
C LEU B 280 -39.13 -21.47 -13.92
N LEU B 281 -40.02 -20.81 -13.18
CA LEU B 281 -39.59 -20.13 -11.96
C LEU B 281 -39.24 -21.14 -10.86
N LYS B 282 -39.78 -22.34 -10.95
CA LYS B 282 -39.37 -23.38 -10.02
C LYS B 282 -38.04 -23.99 -10.43
N LYS B 283 -37.66 -23.82 -11.70
CA LYS B 283 -36.38 -24.34 -12.16
C LYS B 283 -35.27 -23.29 -12.08
N LEU B 284 -35.57 -22.09 -11.58
CA LEU B 284 -34.50 -21.11 -11.37
C LEU B 284 -33.94 -21.20 -9.96
N ALA B 285 -34.71 -21.74 -9.02
CA ALA B 285 -34.27 -21.71 -7.63
C ALA B 285 -33.20 -22.74 -7.28
N PRO B 286 -33.23 -24.01 -7.74
CA PRO B 286 -32.08 -24.90 -7.46
C PRO B 286 -30.76 -24.49 -8.08
N PRO B 287 -30.68 -23.91 -9.30
CA PRO B 287 -29.34 -23.51 -9.76
C PRO B 287 -28.79 -22.29 -9.04
N LEU B 288 -29.63 -21.37 -8.57
CA LEU B 288 -29.10 -20.22 -7.86
C LEU B 288 -28.64 -20.58 -6.46
N VAL B 289 -29.21 -21.63 -5.88
CA VAL B 289 -28.74 -22.12 -4.60
C VAL B 289 -27.35 -22.76 -4.74
N THR B 290 -27.17 -23.57 -5.78
CA THR B 290 -25.94 -24.32 -5.92
C THR B 290 -24.78 -23.51 -6.42
N LEU B 291 -24.97 -22.23 -6.72
CA LEU B 291 -23.82 -21.37 -7.00
C LEU B 291 -23.05 -21.04 -5.73
N LEU B 292 -23.71 -21.12 -4.59
CA LEU B 292 -23.11 -20.73 -3.33
C LEU B 292 -22.30 -21.82 -2.66
N SER B 293 -22.12 -22.95 -3.32
CA SER B 293 -21.13 -23.91 -2.86
C SER B 293 -19.77 -23.67 -3.49
N GLY B 294 -19.62 -22.62 -4.28
CA GLY B 294 -18.41 -22.39 -5.05
C GLY B 294 -17.32 -21.71 -4.26
N GLU B 295 -16.31 -21.30 -4.97
CA GLU B 295 -15.15 -20.59 -4.49
C GLU B 295 -15.56 -19.14 -4.19
N PRO B 296 -14.99 -18.51 -3.15
CA PRO B 296 -15.55 -17.24 -2.64
C PRO B 296 -15.61 -16.04 -3.56
N GLU B 297 -14.87 -16.02 -4.66
CA GLU B 297 -15.06 -14.92 -5.60
C GLU B 297 -16.31 -15.13 -6.43
N VAL B 298 -16.64 -16.39 -6.71
CA VAL B 298 -17.82 -16.72 -7.49
C VAL B 298 -19.09 -16.46 -6.72
N GLN B 299 -19.08 -16.76 -5.41
CA GLN B 299 -20.25 -16.47 -4.56
C GLN B 299 -20.52 -14.98 -4.50
N TYR B 300 -19.48 -14.16 -4.55
CA TYR B 300 -19.68 -12.72 -4.60
C TYR B 300 -20.34 -12.32 -5.90
N VAL B 301 -19.93 -12.92 -7.02
CA VAL B 301 -20.54 -12.61 -8.31
C VAL B 301 -21.97 -13.10 -8.36
N ALA B 302 -22.24 -14.23 -7.71
CA ALA B 302 -23.60 -14.76 -7.70
C ALA B 302 -24.51 -13.96 -6.79
N LEU B 303 -24.05 -13.62 -5.58
CA LEU B 303 -24.92 -12.95 -4.60
C LEU B 303 -25.21 -11.51 -5.00
N ARG B 304 -24.33 -10.88 -5.79
CA ARG B 304 -24.67 -9.56 -6.31
C ARG B 304 -25.74 -9.65 -7.38
N ASN B 305 -25.88 -10.82 -8.01
CA ASN B 305 -26.95 -11.00 -8.99
C ASN B 305 -28.22 -11.49 -8.32
N ILE B 306 -28.08 -12.33 -7.29
CA ILE B 306 -29.21 -12.76 -6.48
C ILE B 306 -29.87 -11.56 -5.79
N ASN B 307 -29.06 -10.55 -5.45
CA ASN B 307 -29.59 -9.30 -4.91
C ASN B 307 -30.43 -8.54 -5.94
N LEU B 308 -30.18 -8.78 -7.23
CA LEU B 308 -31.05 -8.16 -8.24
C LEU B 308 -32.26 -9.00 -8.54
N ILE B 309 -32.12 -10.33 -8.49
CA ILE B 309 -33.20 -11.21 -8.91
C ILE B 309 -34.34 -11.20 -7.89
N VAL B 310 -33.99 -11.17 -6.59
CA VAL B 310 -35.03 -11.13 -5.57
C VAL B 310 -35.72 -9.78 -5.48
N GLN B 311 -35.21 -8.75 -6.16
CA GLN B 311 -35.98 -7.53 -6.32
C GLN B 311 -36.97 -7.62 -7.46
N LYS B 312 -36.54 -8.12 -8.62
CA LYS B 312 -37.46 -8.15 -9.75
C LYS B 312 -38.42 -9.33 -9.67
N ARG B 313 -37.93 -10.52 -9.34
CA ARG B 313 -38.77 -11.69 -9.15
C ARG B 313 -38.63 -12.19 -7.72
N PRO B 314 -39.37 -11.61 -6.77
CA PRO B 314 -39.23 -12.03 -5.38
C PRO B 314 -39.90 -13.36 -5.07
N GLU B 315 -40.59 -13.97 -6.04
CA GLU B 315 -41.24 -15.24 -5.79
C GLU B 315 -40.38 -16.44 -6.17
N ILE B 316 -39.15 -16.22 -6.63
CA ILE B 316 -38.26 -17.36 -6.91
C ILE B 316 -37.68 -17.91 -5.62
N LEU B 317 -36.92 -17.08 -4.91
CA LEU B 317 -36.19 -17.50 -3.73
C LEU B 317 -36.92 -17.09 -2.45
N LYS B 318 -38.25 -17.13 -2.45
CA LYS B 318 -39.01 -16.76 -1.27
C LYS B 318 -38.83 -17.76 -0.13
N GLN B 319 -38.49 -19.01 -0.44
CA GLN B 319 -38.41 -20.05 0.57
C GLN B 319 -36.99 -20.45 0.93
N GLU B 320 -35.99 -19.74 0.47
CA GLU B 320 -34.60 -20.23 0.51
C GLU B 320 -33.70 -19.40 1.41
N ILE B 321 -34.17 -19.01 2.59
CA ILE B 321 -33.37 -18.09 3.39
C ILE B 321 -32.29 -18.84 4.17
N LYS B 322 -32.44 -20.16 4.32
CA LYS B 322 -31.44 -20.93 5.06
C LYS B 322 -30.15 -21.06 4.28
N VAL B 323 -30.23 -20.94 2.95
CA VAL B 323 -29.04 -20.97 2.11
C VAL B 323 -28.20 -19.72 2.33
N PHE B 324 -28.85 -18.61 2.67
CA PHE B 324 -28.20 -17.31 2.74
C PHE B 324 -27.70 -16.96 4.13
N PHE B 325 -27.69 -17.91 5.07
CA PHE B 325 -27.17 -17.61 6.39
C PHE B 325 -25.66 -17.55 6.37
N VAL B 326 -25.12 -16.56 7.06
CA VAL B 326 -23.69 -16.28 7.03
C VAL B 326 -22.95 -17.35 7.81
N LYS B 327 -21.98 -17.99 7.14
CA LYS B 327 -21.10 -18.95 7.77
C LYS B 327 -19.84 -18.21 8.24
N TYR B 328 -19.24 -18.69 9.34
CA TYR B 328 -18.21 -17.91 10.04
C TYR B 328 -16.94 -17.71 9.21
N ASN B 329 -16.57 -18.69 8.39
CA ASN B 329 -15.30 -18.60 7.69
C ASN B 329 -15.41 -17.98 6.32
N ASP B 330 -16.56 -17.39 5.99
CA ASP B 330 -16.71 -16.68 4.74
C ASP B 330 -15.87 -15.42 4.77
N PRO B 331 -15.45 -14.93 3.60
CA PRO B 331 -14.75 -13.65 3.55
C PRO B 331 -15.72 -12.52 3.84
N ILE B 332 -15.17 -11.32 4.04
CA ILE B 332 -16.02 -10.23 4.50
C ILE B 332 -16.90 -9.71 3.38
N TYR B 333 -16.50 -9.92 2.13
CA TYR B 333 -17.36 -9.47 1.04
C TYR B 333 -18.48 -10.45 0.75
N VAL B 334 -18.44 -11.65 1.31
CA VAL B 334 -19.57 -12.57 1.18
C VAL B 334 -20.49 -12.46 2.38
N LYS B 335 -19.93 -12.10 3.54
CA LYS B 335 -20.76 -11.90 4.74
C LYS B 335 -21.68 -10.71 4.58
N LEU B 336 -21.22 -9.64 3.95
CA LEU B 336 -22.03 -8.44 3.89
C LEU B 336 -23.06 -8.53 2.78
N GLU B 337 -22.83 -9.39 1.78
CA GLU B 337 -23.80 -9.54 0.71
C GLU B 337 -24.82 -10.60 1.05
N LYS B 338 -24.44 -11.60 1.86
CA LYS B 338 -25.42 -12.54 2.37
C LYS B 338 -26.37 -11.86 3.35
N LEU B 339 -25.89 -10.82 4.02
CA LEU B 339 -26.72 -10.15 5.02
C LEU B 339 -27.76 -9.25 4.37
N ASP B 340 -27.45 -8.71 3.19
CA ASP B 340 -28.42 -7.88 2.49
C ASP B 340 -29.53 -8.71 1.86
N ILE B 341 -29.27 -9.99 1.63
CA ILE B 341 -30.31 -10.83 1.03
C ILE B 341 -31.17 -11.47 2.11
N MET B 342 -30.60 -11.69 3.30
CA MET B 342 -31.38 -12.16 4.44
C MET B 342 -32.44 -11.15 4.85
N ILE B 343 -32.16 -9.87 4.66
CA ILE B 343 -33.16 -8.84 4.98
C ILE B 343 -34.25 -8.82 3.91
N ARG B 344 -33.87 -8.99 2.65
CA ARG B 344 -34.86 -8.92 1.58
C ARG B 344 -35.74 -10.15 1.56
N LEU B 345 -35.31 -11.25 2.17
CA LEU B 345 -36.16 -12.41 2.33
C LEU B 345 -36.74 -12.50 3.73
N ALA B 346 -36.46 -11.54 4.59
CA ALA B 346 -37.03 -11.55 5.92
C ALA B 346 -38.52 -11.20 5.84
N SER B 347 -39.35 -12.18 6.13
CA SER B 347 -40.79 -11.99 6.15
C SER B 347 -41.30 -12.47 7.50
N GLN B 348 -42.61 -12.42 7.68
CA GLN B 348 -43.19 -12.80 8.95
C GLN B 348 -43.13 -14.31 9.16
N ALA B 349 -43.10 -15.08 8.06
CA ALA B 349 -43.05 -16.53 8.17
C ALA B 349 -41.70 -17.04 8.64
N ASN B 350 -40.66 -16.22 8.57
CA ASN B 350 -39.35 -16.66 9.03
C ASN B 350 -38.57 -15.61 9.79
N ILE B 351 -39.23 -14.63 10.43
CA ILE B 351 -38.50 -13.59 11.15
C ILE B 351 -37.90 -14.15 12.43
N ALA B 352 -38.41 -15.27 12.93
CA ALA B 352 -37.95 -15.78 14.22
C ALA B 352 -36.60 -16.45 14.09
N GLN B 353 -36.31 -17.06 12.94
CA GLN B 353 -35.00 -17.67 12.75
C GLN B 353 -34.00 -16.66 12.21
N VAL B 354 -34.48 -15.58 11.60
CA VAL B 354 -33.59 -14.48 11.24
C VAL B 354 -33.07 -13.80 12.48
N LEU B 355 -33.95 -13.55 13.44
CA LEU B 355 -33.52 -12.94 14.70
C LEU B 355 -32.75 -13.92 15.57
N ALA B 356 -32.83 -15.22 15.28
CA ALA B 356 -31.89 -16.14 15.90
C ALA B 356 -30.52 -16.01 15.28
N GLU B 357 -30.46 -15.69 13.98
CA GLU B 357 -29.17 -15.55 13.33
C GLU B 357 -28.55 -14.18 13.63
N LEU B 358 -29.35 -13.12 13.52
CA LEU B 358 -28.83 -11.78 13.74
C LEU B 358 -28.38 -11.57 15.18
N LYS B 359 -29.01 -12.25 16.13
CA LYS B 359 -28.54 -12.22 17.50
C LYS B 359 -27.21 -12.95 17.62
N GLU B 360 -27.03 -14.00 16.83
CA GLU B 360 -25.82 -14.79 16.92
C GLU B 360 -24.65 -14.10 16.24
N TYR B 361 -24.90 -13.43 15.10
CA TYR B 361 -23.80 -12.76 14.41
C TYR B 361 -23.31 -11.57 15.20
N ALA B 362 -24.17 -10.98 16.02
CA ALA B 362 -23.77 -9.82 16.80
C ALA B 362 -22.87 -10.16 17.97
N THR B 363 -22.60 -11.43 18.22
CA THR B 363 -21.63 -11.81 19.24
C THR B 363 -20.31 -12.28 18.65
N GLU B 364 -20.09 -12.07 17.36
CA GLU B 364 -18.87 -12.53 16.72
C GLU B 364 -17.75 -11.55 17.02
N VAL B 365 -16.52 -11.92 16.70
CA VAL B 365 -15.38 -11.06 16.97
C VAL B 365 -15.03 -10.15 15.82
N ASP B 366 -15.82 -10.13 14.76
CA ASP B 366 -15.53 -9.25 13.64
C ASP B 366 -16.29 -7.97 13.90
N VAL B 367 -15.58 -6.94 14.36
CA VAL B 367 -16.20 -5.69 14.80
C VAL B 367 -16.84 -4.97 13.63
N ASP B 368 -16.29 -5.15 12.43
CA ASP B 368 -16.87 -4.55 11.23
C ASP B 368 -18.20 -5.20 10.86
N PHE B 369 -18.34 -6.49 11.15
CA PHE B 369 -19.53 -7.22 10.74
C PHE B 369 -20.61 -7.19 11.82
N VAL B 370 -20.19 -7.14 13.08
CA VAL B 370 -21.14 -7.05 14.19
C VAL B 370 -21.92 -5.74 14.13
N ARG B 371 -21.24 -4.66 13.73
CA ARG B 371 -21.90 -3.37 13.60
C ARG B 371 -22.93 -3.37 12.47
N LYS B 372 -22.79 -4.27 11.49
CA LYS B 372 -23.81 -4.33 10.45
C LYS B 372 -24.90 -5.33 10.82
N ALA B 373 -24.58 -6.33 11.63
CA ALA B 373 -25.59 -7.28 12.07
C ALA B 373 -26.57 -6.63 13.03
N VAL B 374 -26.10 -5.68 13.85
CA VAL B 374 -27.00 -5.00 14.76
C VAL B 374 -27.88 -4.01 13.99
N ARG B 375 -27.32 -3.37 12.96
CA ARG B 375 -28.12 -2.47 12.14
C ARG B 375 -29.10 -3.25 11.27
N ALA B 376 -28.78 -4.52 10.99
CA ALA B 376 -29.71 -5.35 10.23
C ALA B 376 -30.90 -5.78 11.08
N ILE B 377 -30.78 -5.68 12.42
CA ILE B 377 -31.91 -5.99 13.27
C ILE B 377 -32.99 -4.93 13.15
N GLY B 378 -32.58 -3.66 13.12
CA GLY B 378 -33.56 -2.59 12.99
C GLY B 378 -34.12 -2.49 11.59
N ARG B 379 -33.41 -3.04 10.61
CA ARG B 379 -33.97 -3.11 9.26
C ARG B 379 -35.01 -4.21 9.18
N CYS B 380 -34.95 -5.19 10.08
CA CYS B 380 -35.97 -6.22 10.15
C CYS B 380 -37.17 -5.75 10.98
N ALA B 381 -36.97 -4.78 11.86
CA ALA B 381 -38.10 -4.24 12.61
C ALA B 381 -38.90 -3.27 11.77
N ILE B 382 -38.23 -2.52 10.90
CA ILE B 382 -38.92 -1.59 10.03
C ILE B 382 -39.64 -2.34 8.92
N LYS B 383 -39.00 -3.36 8.37
CA LYS B 383 -39.63 -4.12 7.28
C LYS B 383 -40.76 -4.99 7.80
N VAL B 384 -40.49 -5.82 8.79
CA VAL B 384 -41.52 -6.68 9.36
C VAL B 384 -42.11 -6.00 10.58
N GLU B 385 -43.30 -5.43 10.42
CA GLU B 385 -43.91 -4.63 11.48
C GLU B 385 -44.42 -5.50 12.62
N GLN B 386 -44.71 -6.78 12.32
CA GLN B 386 -45.28 -7.66 13.33
C GLN B 386 -44.23 -8.16 14.31
N SER B 387 -42.96 -8.00 13.99
CA SER B 387 -41.87 -8.43 14.86
C SER B 387 -41.14 -7.28 15.51
N ALA B 388 -41.83 -6.19 15.79
CA ALA B 388 -41.15 -5.02 16.35
C ALA B 388 -40.77 -5.25 17.80
N GLU B 389 -41.59 -5.99 18.55
CA GLU B 389 -41.30 -6.21 19.95
C GLU B 389 -40.18 -7.22 20.12
N ARG B 390 -40.08 -8.18 19.20
CA ARG B 390 -39.01 -9.17 19.28
C ARG B 390 -37.66 -8.57 18.90
N CYS B 391 -37.65 -7.54 18.06
CA CYS B 391 -36.40 -6.86 17.75
C CYS B 391 -35.97 -5.97 18.90
N VAL B 392 -36.92 -5.42 19.64
CA VAL B 392 -36.58 -4.59 20.79
C VAL B 392 -36.05 -5.46 21.93
N SER B 393 -36.66 -6.62 22.13
CA SER B 393 -36.17 -7.54 23.14
C SER B 393 -34.86 -8.19 22.72
N THR B 394 -34.57 -8.25 21.42
CA THR B 394 -33.28 -8.79 20.98
C THR B 394 -32.16 -7.82 21.28
N LEU B 395 -32.40 -6.53 21.08
CA LEU B 395 -31.37 -5.53 21.34
C LEU B 395 -31.12 -5.37 22.83
N LEU B 396 -32.15 -5.57 23.65
CA LEU B 396 -31.95 -5.47 25.10
C LEU B 396 -31.08 -6.60 25.62
N ASP B 397 -31.12 -7.76 24.97
CA ASP B 397 -30.25 -8.86 25.39
C ASP B 397 -28.82 -8.59 24.96
N LEU B 398 -28.64 -7.84 23.88
CA LEU B 398 -27.30 -7.50 23.44
C LEU B 398 -26.66 -6.48 24.38
N ILE B 399 -27.44 -5.55 24.89
CA ILE B 399 -26.89 -4.49 25.73
C ILE B 399 -26.50 -5.05 27.09
N GLN B 400 -27.16 -6.12 27.53
CA GLN B 400 -26.77 -6.78 28.76
C GLN B 400 -25.43 -7.50 28.69
N THR B 401 -24.82 -7.63 27.51
CA THR B 401 -23.50 -8.22 27.40
C THR B 401 -22.39 -7.24 27.73
N LYS B 402 -22.70 -5.96 27.79
CA LYS B 402 -21.80 -4.85 28.14
C LYS B 402 -20.62 -4.69 27.19
N VAL B 403 -20.69 -5.26 25.98
CA VAL B 403 -19.61 -5.16 25.01
C VAL B 403 -19.65 -3.75 24.43
N ASN B 404 -18.47 -3.15 24.25
CA ASN B 404 -18.38 -1.74 23.92
C ASN B 404 -18.94 -1.43 22.54
N TYR B 405 -18.69 -2.30 21.57
CA TYR B 405 -19.10 -2.01 20.21
C TYR B 405 -20.47 -2.56 19.85
N VAL B 406 -21.16 -3.22 20.77
CA VAL B 406 -22.53 -3.67 20.54
C VAL B 406 -23.52 -2.75 21.25
N VAL B 407 -23.18 -2.33 22.47
CA VAL B 407 -24.06 -1.48 23.27
C VAL B 407 -24.29 -0.15 22.58
N GLN B 408 -23.21 0.53 22.21
CA GLN B 408 -23.37 1.83 21.58
C GLN B 408 -23.77 1.72 20.11
N GLU B 409 -23.79 0.52 19.55
CA GLU B 409 -24.42 0.34 18.26
C GLU B 409 -25.93 0.19 18.42
N ALA B 410 -26.36 -0.48 19.48
CA ALA B 410 -27.78 -0.79 19.61
C ALA B 410 -28.57 0.42 20.08
N ILE B 411 -27.90 1.41 20.66
CA ILE B 411 -28.59 2.65 21.04
C ILE B 411 -29.02 3.42 19.79
N VAL B 412 -28.21 3.39 18.74
CA VAL B 412 -28.57 4.02 17.48
C VAL B 412 -29.77 3.32 16.86
N VAL B 413 -29.86 2.00 17.03
CA VAL B 413 -30.94 1.24 16.41
C VAL B 413 -32.25 1.46 17.14
N ILE B 414 -32.17 1.55 18.47
CA ILE B 414 -33.37 1.78 19.29
C ILE B 414 -33.95 3.15 19.02
N ARG B 415 -33.09 4.14 18.76
CA ARG B 415 -33.56 5.49 18.44
C ARG B 415 -34.39 5.50 17.17
N ASP B 416 -34.00 4.70 16.18
CA ASP B 416 -34.77 4.63 14.95
C ASP B 416 -36.04 3.82 15.12
N ILE B 417 -36.15 3.04 16.20
CA ILE B 417 -37.40 2.36 16.49
C ILE B 417 -38.36 3.30 17.22
N PHE B 418 -37.84 4.11 18.15
CA PHE B 418 -38.67 5.09 18.84
C PHE B 418 -39.21 6.14 17.89
N ARG B 419 -38.47 6.44 16.83
CA ARG B 419 -39.00 7.33 15.80
C ARG B 419 -40.04 6.62 14.95
N LYS B 420 -39.89 5.31 14.79
CA LYS B 420 -40.79 4.56 13.94
C LYS B 420 -42.05 4.13 14.69
N TYR B 421 -41.88 3.65 15.92
CA TYR B 421 -42.98 3.14 16.74
C TYR B 421 -42.98 3.91 18.05
N PRO B 422 -43.52 5.13 18.05
CA PRO B 422 -43.44 5.94 19.28
C PRO B 422 -44.52 5.54 20.26
N ASN B 423 -44.26 5.88 21.54
CA ASN B 423 -45.19 5.68 22.65
C ASN B 423 -45.55 4.20 22.84
N LYS B 424 -44.61 3.31 22.56
CA LYS B 424 -44.89 1.88 22.70
C LYS B 424 -43.85 1.17 23.54
N TYR B 425 -42.59 1.59 23.44
CA TYR B 425 -41.47 0.82 23.96
C TYR B 425 -40.68 1.55 25.03
N GLU B 426 -41.30 2.47 25.75
CA GLU B 426 -40.53 3.41 26.56
C GLU B 426 -40.32 2.91 27.97
N SER B 427 -40.64 1.65 28.24
CA SER B 427 -40.24 1.04 29.49
C SER B 427 -38.75 0.79 29.56
N ILE B 428 -38.10 0.65 28.40
CA ILE B 428 -36.71 0.22 28.35
C ILE B 428 -35.73 1.36 28.55
N ILE B 429 -36.21 2.61 28.59
CA ILE B 429 -35.33 3.76 28.72
C ILE B 429 -34.71 3.82 30.10
N ALA B 430 -35.41 3.32 31.12
CA ALA B 430 -34.84 3.21 32.45
C ALA B 430 -33.67 2.23 32.48
N THR B 431 -33.64 1.28 31.55
CA THR B 431 -32.50 0.40 31.37
C THR B 431 -31.47 0.91 30.38
N LEU B 432 -31.84 1.81 29.47
CA LEU B 432 -30.85 2.37 28.54
C LEU B 432 -30.06 3.47 29.21
N CYS B 433 -30.67 4.19 30.14
CA CYS B 433 -30.07 5.37 30.73
C CYS B 433 -28.93 5.04 31.70
N GLU B 434 -28.82 3.79 32.14
CA GLU B 434 -27.71 3.41 33.00
C GLU B 434 -26.46 3.03 32.20
N ASN B 435 -26.49 3.18 30.89
CA ASN B 435 -25.38 2.77 30.03
C ASN B 435 -24.61 3.95 29.47
N LEU B 436 -24.52 5.06 30.21
CA LEU B 436 -23.95 6.28 29.65
C LEU B 436 -22.43 6.23 29.59
N ASP B 437 -21.79 5.55 30.53
CA ASP B 437 -20.34 5.54 30.59
C ASP B 437 -19.71 4.64 29.54
N SER B 438 -20.51 3.85 28.84
CA SER B 438 -20.04 3.00 27.77
C SER B 438 -20.20 3.64 26.40
N LEU B 439 -20.40 4.95 26.35
CA LEU B 439 -20.69 5.67 25.11
C LEU B 439 -19.50 6.56 24.78
N ASP B 440 -18.88 6.33 23.62
CA ASP B 440 -17.80 7.19 23.17
C ASP B 440 -17.88 7.54 21.69
N GLU B 441 -18.82 6.98 20.94
CA GLU B 441 -19.06 7.45 19.59
C GLU B 441 -19.87 8.74 19.63
N PRO B 442 -19.66 9.66 18.69
CA PRO B 442 -20.51 10.86 18.66
C PRO B 442 -21.94 10.55 18.28
N ASP B 443 -22.16 9.61 17.36
CA ASP B 443 -23.52 9.29 16.94
C ASP B 443 -24.22 8.47 18.01
N ALA B 444 -23.47 7.73 18.82
CA ALA B 444 -24.08 6.94 19.87
C ALA B 444 -24.43 7.78 21.09
N ARG B 445 -23.61 8.78 21.40
CA ARG B 445 -23.98 9.73 22.45
C ARG B 445 -25.18 10.56 22.05
N ALA B 446 -25.23 10.96 20.77
CA ALA B 446 -26.35 11.77 20.28
C ALA B 446 -27.64 10.97 20.23
N ALA B 447 -27.55 9.64 20.26
CA ALA B 447 -28.75 8.83 20.30
C ALA B 447 -29.33 8.79 21.71
N MET B 448 -28.48 8.75 22.73
CA MET B 448 -28.99 8.82 24.10
C MET B 448 -29.50 10.21 24.45
N ILE B 449 -28.89 11.25 23.90
CA ILE B 449 -29.32 12.60 24.22
C ILE B 449 -30.68 12.88 23.60
N TRP B 450 -30.97 12.26 22.47
CA TRP B 450 -32.31 12.37 21.87
C TRP B 450 -33.35 11.67 22.73
N ILE B 451 -32.99 10.51 23.28
CA ILE B 451 -33.95 9.74 24.08
C ILE B 451 -34.14 10.39 25.45
N VAL B 452 -33.11 11.09 25.93
CA VAL B 452 -33.29 11.87 27.15
C VAL B 452 -34.01 13.18 26.82
N GLY B 453 -33.81 13.70 25.61
CA GLY B 453 -34.46 14.95 25.23
C GLY B 453 -35.94 14.77 24.97
N GLU B 454 -36.29 13.75 24.19
CA GLU B 454 -37.65 13.24 24.20
C GLU B 454 -37.93 12.60 25.55
N TYR B 455 -39.21 12.33 25.80
CA TYR B 455 -39.66 11.41 26.85
C TYR B 455 -39.27 11.87 28.25
N ALA B 456 -38.90 13.13 28.44
CA ALA B 456 -38.25 13.55 29.67
C ALA B 456 -39.25 13.66 30.82
N GLU B 457 -40.54 13.67 30.52
CA GLU B 457 -41.56 13.52 31.55
C GLU B 457 -41.69 12.07 32.02
N ARG B 458 -41.03 11.13 31.36
CA ARG B 458 -40.92 9.77 31.86
C ARG B 458 -39.61 9.49 32.56
N ILE B 459 -38.51 10.10 32.13
CA ILE B 459 -37.23 9.96 32.81
C ILE B 459 -37.27 10.78 34.09
N ASP B 460 -36.84 10.16 35.20
CA ASP B 460 -36.92 10.79 36.51
C ASP B 460 -35.94 11.96 36.63
N ASN B 461 -34.71 11.77 36.19
CA ASN B 461 -33.63 12.71 36.44
C ASN B 461 -32.99 13.19 35.15
N ALA B 462 -33.83 13.65 34.21
CA ALA B 462 -33.37 14.05 32.89
C ALA B 462 -32.43 15.25 32.93
N ASP B 463 -32.63 16.16 33.88
CA ASP B 463 -31.72 17.30 34.00
C ASP B 463 -30.37 16.89 34.58
N GLU B 464 -30.37 15.90 35.48
CA GLU B 464 -29.12 15.42 36.04
C GLU B 464 -28.32 14.63 35.02
N LEU B 465 -28.99 14.10 34.01
CA LEU B 465 -28.29 13.45 32.91
C LEU B 465 -27.71 14.48 31.95
N LEU B 466 -28.49 15.51 31.62
CA LEU B 466 -28.02 16.48 30.63
C LEU B 466 -27.02 17.46 31.23
N GLU B 467 -26.98 17.60 32.56
CA GLU B 467 -25.94 18.41 33.19
C GLU B 467 -24.59 17.74 33.07
N SER B 468 -24.57 16.41 33.05
CA SER B 468 -23.31 15.67 32.96
C SER B 468 -22.64 15.80 31.60
N PHE B 469 -23.30 16.41 30.63
CA PHE B 469 -22.75 16.60 29.30
C PHE B 469 -22.32 18.03 29.05
N LEU B 470 -22.90 19.00 29.78
CA LEU B 470 -22.56 20.40 29.55
C LEU B 470 -21.21 20.77 30.14
N GLU B 471 -20.71 19.97 31.09
CA GLU B 471 -19.40 20.25 31.66
C GLU B 471 -18.29 20.00 30.64
N GLY B 472 -18.52 19.08 29.71
CA GLY B 472 -17.62 18.84 28.61
C GLY B 472 -18.24 19.20 27.28
N PHE B 473 -18.88 20.37 27.20
CA PHE B 473 -19.63 20.76 26.01
C PHE B 473 -18.70 20.98 24.82
N HIS B 474 -17.55 21.58 25.06
CA HIS B 474 -16.58 21.61 23.99
C HIS B 474 -15.82 20.30 23.97
N ASP B 475 -15.04 20.11 22.91
CA ASP B 475 -14.42 18.83 22.54
C ASP B 475 -15.43 17.70 22.42
N GLU B 476 -16.65 18.02 22.01
CA GLU B 476 -17.62 17.05 21.52
C GLU B 476 -17.97 17.41 20.09
N SER B 477 -18.54 16.45 19.38
CA SER B 477 -18.87 16.67 17.98
C SER B 477 -20.04 17.63 17.88
N THR B 478 -20.11 18.32 16.74
CA THR B 478 -21.20 19.25 16.50
C THR B 478 -22.55 18.56 16.41
N GLN B 479 -22.58 17.26 16.09
CA GLN B 479 -23.81 16.51 16.20
C GLN B 479 -24.24 16.38 17.64
N VAL B 480 -23.29 16.14 18.54
CA VAL B 480 -23.61 16.02 19.96
C VAL B 480 -23.97 17.40 20.51
N GLN B 481 -23.30 18.44 20.03
CA GLN B 481 -23.56 19.79 20.52
C GLN B 481 -24.94 20.28 20.10
N LEU B 482 -25.38 19.93 18.90
CA LEU B 482 -26.68 20.36 18.44
C LEU B 482 -27.80 19.56 19.07
N THR B 483 -27.58 18.26 19.30
CA THR B 483 -28.61 17.43 19.92
C THR B 483 -28.74 17.77 21.40
N LEU B 484 -27.64 18.11 22.05
CA LEU B 484 -27.69 18.54 23.44
C LEU B 484 -28.31 19.91 23.56
N LEU B 485 -28.18 20.72 22.52
CA LEU B 485 -28.88 22.00 22.48
C LEU B 485 -30.37 21.78 22.32
N THR B 486 -30.76 20.88 21.41
CA THR B 486 -32.17 20.62 21.15
C THR B 486 -32.83 19.94 22.34
N ALA B 487 -32.07 19.09 23.05
CA ALA B 487 -32.65 18.33 24.16
C ALA B 487 -32.94 19.22 25.36
N ILE B 488 -32.03 20.14 25.68
CA ILE B 488 -32.20 20.97 26.86
C ILE B 488 -33.29 22.00 26.65
N VAL B 489 -33.49 22.43 25.39
CA VAL B 489 -34.63 23.27 25.07
C VAL B 489 -35.93 22.47 25.18
N LYS B 490 -35.92 21.22 24.73
CA LYS B 490 -37.09 20.36 24.92
C LYS B 490 -37.32 20.02 26.37
N LEU B 491 -36.24 19.92 27.16
CA LEU B 491 -36.38 19.67 28.58
C LEU B 491 -36.99 20.89 29.28
N PHE B 492 -36.71 22.08 28.75
CA PHE B 492 -37.19 23.30 29.36
C PHE B 492 -38.68 23.49 29.14
N LEU B 493 -39.15 23.23 27.92
CA LEU B 493 -40.56 23.44 27.64
C LEU B 493 -41.42 22.34 28.25
N LYS B 494 -40.83 21.18 28.50
CA LYS B 494 -41.55 20.16 29.26
C LYS B 494 -41.51 20.44 30.74
N LYS B 495 -40.37 20.85 31.27
CA LYS B 495 -40.21 21.10 32.70
C LYS B 495 -39.65 22.50 32.92
N PRO B 496 -40.49 23.54 32.82
CA PRO B 496 -40.02 24.87 33.21
C PRO B 496 -39.93 24.98 34.72
N SER B 497 -39.09 25.90 35.20
CA SER B 497 -38.80 26.25 36.59
C SER B 497 -37.97 25.19 37.32
N GLU B 498 -37.71 24.05 36.68
CA GLU B 498 -36.65 23.19 37.20
C GLU B 498 -35.35 23.41 36.43
N THR B 499 -35.44 23.68 35.14
CA THR B 499 -34.28 23.76 34.27
C THR B 499 -34.04 25.18 33.77
N GLN B 500 -34.19 26.16 34.65
CA GLN B 500 -33.83 27.53 34.27
C GLN B 500 -32.33 27.70 34.24
N GLU B 501 -31.59 26.91 35.03
CA GLU B 501 -30.15 27.06 35.06
C GLU B 501 -29.50 26.41 33.84
N LEU B 502 -30.10 25.33 33.32
CA LEU B 502 -29.49 24.62 32.21
C LEU B 502 -29.55 25.43 30.93
N VAL B 503 -30.68 26.09 30.66
CA VAL B 503 -30.84 26.79 29.40
C VAL B 503 -30.04 28.09 29.40
N GLN B 504 -29.90 28.71 30.57
CA GLN B 504 -28.99 29.84 30.66
C GLN B 504 -27.54 29.38 30.63
N GLN B 505 -27.30 28.10 30.89
CA GLN B 505 -25.95 27.57 30.73
C GLN B 505 -25.67 27.24 29.28
N VAL B 506 -26.57 26.50 28.62
CA VAL B 506 -26.24 25.96 27.30
C VAL B 506 -26.34 27.03 26.21
N LEU B 507 -27.24 28.02 26.36
CA LEU B 507 -27.30 29.07 25.36
C LEU B 507 -26.17 30.06 25.53
N SER B 508 -25.62 30.15 26.74
CA SER B 508 -24.35 30.86 26.90
C SER B 508 -23.19 30.08 26.30
N LEU B 509 -23.28 28.75 26.31
CA LEU B 509 -22.25 27.94 25.67
C LEU B 509 -22.35 28.02 24.16
N ALA B 510 -23.57 28.04 23.63
CA ALA B 510 -23.74 28.01 22.18
C ALA B 510 -23.41 29.35 21.55
N THR B 511 -23.99 30.43 22.06
CA THR B 511 -23.92 31.70 21.36
C THR B 511 -22.69 32.51 21.72
N GLN B 512 -22.08 32.29 22.88
CA GLN B 512 -20.94 33.08 23.31
C GLN B 512 -19.61 32.34 23.25
N ASP B 513 -19.55 31.10 23.72
CA ASP B 513 -18.29 30.38 23.78
C ASP B 513 -17.93 29.72 22.46
N SER B 514 -18.92 29.24 21.72
CA SER B 514 -18.66 28.50 20.50
C SER B 514 -18.39 29.44 19.33
N ASP B 515 -17.49 29.02 18.45
CA ASP B 515 -17.15 29.80 17.27
C ASP B 515 -17.74 29.22 15.99
N ASN B 516 -18.52 28.15 16.09
CA ASN B 516 -19.18 27.58 14.92
C ASN B 516 -20.36 28.46 14.58
N PRO B 517 -20.46 28.98 13.36
CA PRO B 517 -21.60 29.85 13.04
C PRO B 517 -22.93 29.10 12.94
N ASP B 518 -22.91 27.83 12.55
CA ASP B 518 -24.14 27.06 12.49
C ASP B 518 -24.63 26.71 13.90
N LEU B 519 -23.73 26.65 14.87
CA LEU B 519 -24.19 26.37 16.22
C LEU B 519 -24.72 27.62 16.89
N ARG B 520 -24.08 28.76 16.67
CA ARG B 520 -24.38 29.92 17.50
C ARG B 520 -25.62 30.67 17.02
N ASP B 521 -26.10 30.38 15.80
CA ASP B 521 -27.35 31.01 15.40
C ASP B 521 -28.54 30.12 15.73
N ARG B 522 -28.34 28.80 15.73
CA ARG B 522 -29.34 27.90 16.30
C ARG B 522 -29.49 28.15 17.79
N GLY B 523 -28.42 28.60 18.44
CA GLY B 523 -28.55 29.09 19.80
C GLY B 523 -29.39 30.35 19.87
N TYR B 524 -29.30 31.20 18.84
CA TYR B 524 -30.08 32.42 18.84
C TYR B 524 -31.55 32.16 18.57
N ILE B 525 -31.86 31.27 17.62
CA ILE B 525 -33.25 30.98 17.27
C ILE B 525 -33.99 30.38 18.45
N TYR B 526 -33.28 29.65 19.31
CA TYR B 526 -33.87 29.21 20.56
C TYR B 526 -33.93 30.36 21.56
N TRP B 527 -32.94 31.23 21.56
CA TRP B 527 -32.93 32.36 22.48
C TRP B 527 -34.03 33.37 22.15
N ARG B 528 -34.35 33.50 20.86
CA ARG B 528 -35.42 34.42 20.46
C ARG B 528 -36.79 33.86 20.80
N LEU B 529 -37.00 32.55 20.65
CA LEU B 529 -38.31 31.97 20.87
C LEU B 529 -38.66 31.89 22.35
N LEU B 530 -37.68 31.61 23.20
CA LEU B 530 -37.96 31.50 24.62
C LEU B 530 -38.20 32.88 25.23
N SER B 531 -37.59 33.91 24.66
CA SER B 531 -37.77 35.27 25.15
C SER B 531 -38.96 35.97 24.51
N THR B 532 -39.59 35.36 23.51
CA THR B 532 -40.79 35.96 22.94
C THR B 532 -42.04 35.37 23.57
N ASP B 533 -42.25 34.08 23.42
CA ASP B 533 -43.38 33.41 24.07
C ASP B 533 -43.06 31.93 24.24
N PRO B 534 -42.93 31.45 25.48
CA PRO B 534 -42.71 30.01 25.69
C PRO B 534 -43.91 29.16 25.31
N VAL B 535 -45.11 29.75 25.29
CA VAL B 535 -46.28 29.00 24.83
C VAL B 535 -46.22 28.82 23.31
N THR B 536 -45.80 29.86 22.60
CA THR B 536 -45.62 29.76 21.15
C THR B 536 -44.46 28.84 20.81
N ALA B 537 -43.46 28.75 21.70
CA ALA B 537 -42.34 27.87 21.46
C ALA B 537 -42.71 26.40 21.67
N LYS B 538 -43.84 26.14 22.34
CA LYS B 538 -44.22 24.75 22.59
C LYS B 538 -44.76 24.07 21.33
N GLU B 539 -45.50 24.81 20.49
CA GLU B 539 -45.99 24.13 19.30
C GLU B 539 -44.94 24.10 18.21
N VAL B 540 -43.89 24.92 18.34
CA VAL B 540 -42.85 24.96 17.34
C VAL B 540 -41.87 23.83 17.60
N VAL B 541 -41.43 23.70 18.85
CA VAL B 541 -40.42 22.70 19.17
C VAL B 541 -41.06 21.34 19.41
N LEU B 542 -42.06 21.27 20.30
CA LEU B 542 -42.58 20.01 20.79
C LEU B 542 -43.80 19.53 20.02
N SER B 543 -43.89 19.85 18.74
CA SER B 543 -44.97 19.27 17.95
C SER B 543 -44.67 17.81 17.63
N GLU B 544 -45.70 17.09 17.21
CA GLU B 544 -45.53 15.69 16.88
C GLU B 544 -44.87 15.56 15.51
N LYS B 545 -43.82 14.81 15.46
CA LYS B 545 -43.11 14.70 14.21
C LYS B 545 -43.76 13.64 13.33
N PRO B 546 -43.77 13.86 12.02
CA PRO B 546 -44.27 12.84 11.10
C PRO B 546 -43.39 11.59 11.13
N LEU B 547 -44.04 10.44 11.11
CA LEU B 547 -43.33 9.17 11.22
C LEU B 547 -42.59 8.87 9.93
N ILE B 548 -41.48 8.15 10.07
CA ILE B 548 -40.67 7.78 8.93
C ILE B 548 -40.88 6.31 8.59
N ASP B 553 -33.64 1.83 -0.68
CA ASP B 553 -33.24 0.48 -0.30
C ASP B 553 -33.67 -0.55 -1.34
N LEU B 554 -34.05 -0.07 -2.52
CA LEU B 554 -34.47 -0.94 -3.61
C LEU B 554 -34.18 -0.19 -4.90
N ILE B 555 -33.59 -0.88 -5.87
CA ILE B 555 -33.22 -0.23 -7.13
C ILE B 555 -34.49 0.10 -7.89
N GLU B 556 -34.61 1.35 -8.35
CA GLU B 556 -35.79 1.84 -9.05
C GLU B 556 -35.95 1.11 -10.39
N PRO B 557 -37.19 0.78 -10.80
CA PRO B 557 -37.40 -0.19 -11.88
C PRO B 557 -36.92 0.20 -13.27
N THR B 558 -36.52 1.45 -13.49
CA THR B 558 -35.85 1.76 -14.75
C THR B 558 -34.44 1.19 -14.75
N LEU B 559 -33.67 1.47 -13.70
CA LEU B 559 -32.32 0.94 -13.60
C LEU B 559 -32.34 -0.56 -13.29
N LEU B 560 -33.36 -1.02 -12.58
CA LEU B 560 -33.43 -2.43 -12.19
C LEU B 560 -33.67 -3.33 -13.40
N ASP B 561 -34.57 -2.93 -14.29
CA ASP B 561 -34.86 -3.76 -15.45
C ASP B 561 -33.75 -3.68 -16.48
N GLU B 562 -32.90 -2.66 -16.36
CA GLU B 562 -31.69 -2.60 -17.17
C GLU B 562 -30.65 -3.62 -16.70
N LEU B 563 -30.50 -3.76 -15.39
CA LEU B 563 -29.42 -4.59 -14.87
C LEU B 563 -29.78 -6.08 -14.93
N ILE B 564 -31.06 -6.40 -15.09
CA ILE B 564 -31.44 -7.79 -15.35
C ILE B 564 -31.05 -8.17 -16.77
N CYS B 565 -30.94 -7.20 -17.66
CA CYS B 565 -30.42 -7.48 -18.99
C CYS B 565 -28.91 -7.66 -19.00
N HIS B 566 -28.25 -7.47 -17.86
CA HIS B 566 -26.81 -7.66 -17.71
C HIS B 566 -26.50 -8.48 -16.47
N ILE B 567 -27.17 -9.62 -16.26
CA ILE B 567 -27.06 -10.36 -15.01
C ILE B 567 -25.66 -10.93 -14.81
N GLY B 568 -25.09 -11.55 -15.82
CA GLY B 568 -23.77 -12.11 -15.65
C GLY B 568 -22.64 -11.11 -15.50
N SER B 569 -22.75 -9.95 -16.11
CA SER B 569 -21.62 -9.08 -16.37
C SER B 569 -21.30 -8.19 -15.17
N LEU B 570 -20.37 -7.25 -15.39
CA LEU B 570 -19.92 -6.36 -14.32
C LEU B 570 -20.91 -5.24 -14.03
N ALA B 571 -21.90 -5.06 -14.90
CA ALA B 571 -22.94 -4.08 -14.62
C ALA B 571 -23.80 -4.53 -13.44
N SER B 572 -23.91 -5.85 -13.24
CA SER B 572 -24.66 -6.37 -12.13
C SER B 572 -23.79 -6.60 -10.91
N VAL B 573 -22.48 -6.72 -11.09
CA VAL B 573 -21.59 -6.85 -9.95
C VAL B 573 -21.41 -5.51 -9.27
N TYR B 574 -21.49 -4.44 -10.05
CA TYR B 574 -21.35 -3.08 -9.53
C TYR B 574 -22.68 -2.43 -9.21
N HIS B 575 -23.80 -3.00 -9.69
CA HIS B 575 -25.13 -2.38 -9.65
C HIS B 575 -25.12 -0.99 -10.27
N LYS B 576 -24.40 -0.85 -11.37
CA LYS B 576 -24.29 0.38 -12.14
C LYS B 576 -24.49 0.05 -13.61
N PRO B 577 -25.12 0.95 -14.37
CA PRO B 577 -25.26 0.73 -15.80
C PRO B 577 -23.91 0.82 -16.49
N PRO B 578 -23.76 0.21 -17.67
CA PRO B 578 -22.43 0.13 -18.29
C PRO B 578 -21.87 1.45 -18.80
N ASN B 579 -22.63 2.54 -18.70
CA ASN B 579 -22.16 3.86 -19.09
C ASN B 579 -21.08 4.40 -18.15
N ALA B 580 -21.01 3.89 -16.92
CA ALA B 580 -20.01 4.37 -15.96
C ALA B 580 -18.75 3.51 -15.95
N PHE B 581 -18.47 2.77 -17.01
CA PHE B 581 -17.29 1.90 -17.02
C PHE B 581 -16.30 2.40 -18.06
N ILE C 2 -10.89 -9.67 -21.36
CA ILE C 2 -9.70 -9.65 -20.50
C ILE C 2 -8.55 -8.95 -21.20
N GLY C 3 -8.12 -7.81 -20.64
CA GLY C 3 -7.07 -7.05 -21.29
C GLY C 3 -5.68 -7.51 -20.97
N GLY C 4 -5.47 -8.13 -19.80
CA GLY C 4 -4.17 -8.67 -19.51
C GLY C 4 -4.03 -9.35 -18.16
N LEU C 5 -3.43 -10.53 -18.16
CA LEU C 5 -3.20 -11.28 -16.94
C LEU C 5 -1.90 -10.86 -16.30
N PHE C 6 -1.98 -10.48 -15.02
CA PHE C 6 -0.84 -10.00 -14.26
C PHE C 6 -0.63 -10.95 -13.09
N ILE C 7 0.61 -11.35 -12.87
CA ILE C 7 0.97 -12.24 -11.78
C ILE C 7 2.03 -11.53 -10.95
N TYR C 8 1.66 -11.12 -9.74
CA TYR C 8 2.53 -10.31 -8.90
C TYR C 8 3.02 -11.14 -7.73
N ASN C 9 4.18 -10.79 -7.19
CA ASN C 9 4.73 -11.59 -6.12
C ASN C 9 4.12 -11.21 -4.78
N HIS C 10 4.76 -11.67 -3.71
CA HIS C 10 4.29 -11.38 -2.36
C HIS C 10 4.41 -9.91 -2.02
N LYS C 11 5.45 -9.25 -2.53
CA LYS C 11 5.74 -7.88 -2.15
C LYS C 11 5.08 -6.86 -3.05
N GLY C 12 4.43 -7.28 -4.13
CA GLY C 12 3.79 -6.36 -5.03
C GLY C 12 4.59 -6.03 -6.27
N GLU C 13 5.54 -6.88 -6.65
CA GLU C 13 6.33 -6.67 -7.84
C GLU C 13 5.94 -7.67 -8.91
N VAL C 14 6.01 -7.25 -10.17
CA VAL C 14 5.48 -8.04 -11.27
C VAL C 14 6.43 -9.19 -11.55
N LEU C 15 5.98 -10.41 -11.34
CA LEU C 15 6.76 -11.56 -11.74
C LEU C 15 6.70 -11.77 -13.24
N ILE C 16 5.49 -11.91 -13.79
CA ILE C 16 5.33 -12.18 -15.21
C ILE C 16 3.97 -11.63 -15.61
N SER C 17 3.89 -11.07 -16.81
CA SER C 17 2.67 -10.40 -17.22
C SER C 17 2.52 -10.52 -18.72
N ARG C 18 1.28 -10.42 -19.18
CA ARG C 18 0.97 -10.48 -20.60
C ARG C 18 -0.31 -9.71 -20.83
N VAL C 19 -0.25 -8.72 -21.71
CA VAL C 19 -1.41 -7.91 -22.05
C VAL C 19 -1.95 -8.45 -23.37
N TYR C 20 -3.26 -8.34 -23.57
CA TYR C 20 -3.88 -8.87 -24.76
C TYR C 20 -4.56 -7.76 -25.53
N ARG C 21 -4.82 -6.65 -24.86
CA ARG C 21 -5.50 -5.51 -25.46
C ARG C 21 -4.74 -4.24 -25.14
N ASP C 22 -4.49 -3.43 -26.17
CA ASP C 22 -3.69 -2.22 -25.97
C ASP C 22 -4.53 -1.07 -25.41
N ASP C 23 -5.80 -1.32 -25.10
CA ASP C 23 -6.53 -0.39 -24.25
C ASP C 23 -5.93 -0.35 -22.87
N ILE C 24 -5.36 -1.48 -22.43
CA ILE C 24 -4.56 -1.52 -21.22
C ILE C 24 -3.21 -0.90 -21.50
N GLY C 25 -2.79 0.01 -20.63
CA GLY C 25 -1.51 0.65 -20.77
C GLY C 25 -0.53 0.09 -19.75
N ARG C 26 0.62 0.75 -19.68
CA ARG C 26 1.58 0.43 -18.62
C ARG C 26 1.25 1.17 -17.34
N ASN C 27 0.22 2.01 -17.39
CA ASN C 27 -0.30 2.63 -16.18
C ASN C 27 -1.12 1.65 -15.37
N ALA C 28 -1.60 0.57 -16.01
CA ALA C 28 -2.51 -0.34 -15.35
C ALA C 28 -1.77 -1.41 -14.56
N VAL C 29 -0.48 -1.60 -14.86
CA VAL C 29 0.30 -2.57 -14.10
C VAL C 29 0.64 -2.00 -12.73
N ASP C 30 0.59 -0.67 -12.60
CA ASP C 30 0.85 -0.05 -11.31
C ASP C 30 -0.44 0.49 -10.70
N ALA C 31 -1.51 0.53 -11.49
CA ALA C 31 -2.81 0.90 -10.98
C ALA C 31 -3.31 -0.16 -10.01
N PHE C 32 -2.93 -1.41 -10.28
CA PHE C 32 -3.29 -2.50 -9.39
C PHE C 32 -2.43 -2.49 -8.13
N ARG C 33 -1.16 -2.09 -8.26
CA ARG C 33 -0.25 -2.13 -7.13
C ARG C 33 -0.61 -1.07 -6.10
N VAL C 34 -0.93 0.13 -6.57
CA VAL C 34 -1.23 1.23 -5.65
C VAL C 34 -2.55 1.01 -4.94
N ASN C 35 -3.57 0.55 -5.67
CA ASN C 35 -4.92 0.68 -5.16
C ASN C 35 -5.57 -0.64 -4.80
N VAL C 36 -4.88 -1.77 -4.93
CA VAL C 36 -5.38 -3.06 -4.47
C VAL C 36 -4.45 -3.68 -3.43
N ILE C 37 -3.20 -3.95 -3.82
CA ILE C 37 -2.27 -4.61 -2.90
C ILE C 37 -1.91 -3.69 -1.75
N HIS C 38 -1.56 -2.44 -2.07
CA HIS C 38 -1.16 -1.48 -1.06
C HIS C 38 -2.30 -0.55 -0.68
N ALA C 39 -3.51 -1.09 -0.60
CA ALA C 39 -4.61 -0.35 -0.01
C ALA C 39 -4.45 -0.34 1.50
N ARG C 40 -4.34 0.85 2.07
CA ARG C 40 -4.03 0.98 3.50
C ARG C 40 -5.26 0.69 4.35
N GLN C 41 -6.40 1.32 4.03
CA GLN C 41 -7.60 1.20 4.82
C GLN C 41 -8.79 0.65 4.03
N GLN C 42 -8.62 0.40 2.73
CA GLN C 42 -9.74 -0.04 1.92
C GLN C 42 -10.07 -1.50 2.22
N VAL C 43 -11.36 -1.79 2.34
CA VAL C 43 -11.81 -3.14 2.64
C VAL C 43 -11.81 -3.97 1.37
N ARG C 44 -11.23 -5.17 1.46
CA ARG C 44 -10.93 -5.99 0.29
C ARG C 44 -12.19 -6.42 -0.44
N SER C 45 -12.09 -6.53 -1.77
CA SER C 45 -13.18 -6.95 -2.64
C SER C 45 -12.54 -7.66 -3.83
N PRO C 46 -13.15 -8.74 -4.32
CA PRO C 46 -12.49 -9.52 -5.39
C PRO C 46 -12.53 -8.83 -6.71
N VAL C 47 -13.35 -7.79 -6.85
CA VAL C 47 -13.45 -7.00 -8.05
C VAL C 47 -13.61 -5.54 -7.65
N THR C 48 -12.71 -4.71 -8.14
CA THR C 48 -12.73 -3.30 -7.83
C THR C 48 -12.57 -2.52 -9.12
N ASN C 49 -12.95 -1.25 -9.08
CA ASN C 49 -12.97 -0.40 -10.24
C ASN C 49 -12.31 0.92 -9.87
N ILE C 50 -11.23 1.25 -10.55
CA ILE C 50 -10.62 2.58 -10.43
C ILE C 50 -10.38 3.08 -11.85
N ALA C 51 -10.91 4.29 -12.12
CA ALA C 51 -10.62 5.10 -13.31
C ALA C 51 -10.90 4.33 -14.60
N ARG C 52 -12.15 3.88 -14.72
CA ARG C 52 -12.70 3.24 -15.92
C ARG C 52 -12.01 1.93 -16.25
N THR C 53 -11.46 1.26 -15.24
CA THR C 53 -10.72 0.03 -15.45
C THR C 53 -10.97 -0.91 -14.28
N SER C 54 -11.39 -2.13 -14.58
CA SER C 54 -11.84 -3.09 -13.57
C SER C 54 -10.73 -4.09 -13.27
N PHE C 55 -10.66 -4.55 -12.02
CA PHE C 55 -9.56 -5.35 -11.51
C PHE C 55 -10.07 -6.61 -10.85
N PHE C 56 -9.74 -7.76 -11.43
CA PHE C 56 -10.12 -9.07 -10.96
C PHE C 56 -8.90 -9.75 -10.35
N HIS C 57 -9.00 -10.20 -9.10
CA HIS C 57 -7.82 -10.87 -8.57
C HIS C 57 -8.20 -12.06 -7.70
N VAL C 58 -7.33 -13.06 -7.74
CA VAL C 58 -7.41 -14.27 -6.93
C VAL C 58 -6.03 -14.49 -6.34
N LYS C 59 -5.96 -14.71 -5.04
CA LYS C 59 -4.68 -15.02 -4.42
C LYS C 59 -4.53 -16.52 -4.24
N ARG C 60 -3.32 -17.01 -4.50
CA ARG C 60 -2.95 -18.39 -4.16
C ARG C 60 -1.76 -18.33 -3.23
N SER C 61 -2.06 -18.07 -1.95
CA SER C 61 -1.25 -18.15 -0.73
C SER C 61 -0.15 -17.11 -0.59
N ASN C 62 0.35 -16.58 -1.70
CA ASN C 62 1.21 -15.41 -1.66
C ASN C 62 0.85 -14.51 -2.81
N ILE C 63 0.55 -15.16 -3.94
CA ILE C 63 0.67 -14.59 -5.25
C ILE C 63 -0.60 -13.87 -5.66
N TRP C 64 -0.47 -12.63 -6.09
CA TRP C 64 -1.59 -11.89 -6.63
C TRP C 64 -1.72 -12.18 -8.11
N LEU C 65 -2.80 -12.86 -8.48
CA LEU C 65 -3.09 -13.18 -9.88
C LEU C 65 -4.13 -12.17 -10.35
N ALA C 66 -3.70 -11.09 -10.97
CA ALA C 66 -4.60 -10.02 -11.39
C ALA C 66 -5.08 -10.24 -12.80
N ALA C 67 -6.32 -9.85 -13.07
CA ALA C 67 -6.89 -9.88 -14.41
C ALA C 67 -7.56 -8.54 -14.67
N VAL C 68 -7.11 -7.86 -15.71
CA VAL C 68 -7.45 -6.46 -15.95
C VAL C 68 -8.30 -6.38 -17.21
N THR C 69 -9.35 -5.56 -17.18
CA THR C 69 -10.19 -5.42 -18.36
C THR C 69 -10.81 -4.03 -18.42
N LYS C 70 -11.32 -3.68 -19.59
CA LYS C 70 -11.95 -2.39 -19.85
C LYS C 70 -13.42 -2.53 -20.23
N GLN C 71 -13.89 -3.74 -20.49
CA GLN C 71 -15.21 -3.97 -21.03
C GLN C 71 -16.15 -4.45 -19.93
N ASN C 72 -17.42 -4.58 -20.27
CA ASN C 72 -18.42 -5.11 -19.35
C ASN C 72 -18.48 -6.63 -19.52
N VAL C 73 -17.39 -7.27 -19.10
CA VAL C 73 -17.23 -8.70 -19.36
C VAL C 73 -18.04 -9.47 -18.35
N ASN C 74 -18.31 -10.74 -18.66
CA ASN C 74 -18.93 -11.64 -17.71
C ASN C 74 -17.95 -11.86 -16.56
N ALA C 75 -18.33 -11.42 -15.37
CA ALA C 75 -17.41 -11.47 -14.24
C ALA C 75 -17.27 -12.87 -13.70
N ALA C 76 -18.32 -13.68 -13.80
CA ALA C 76 -18.20 -15.08 -13.41
C ALA C 76 -17.37 -15.86 -14.42
N MET C 77 -17.24 -15.35 -15.64
CA MET C 77 -16.36 -15.97 -16.62
C MET C 77 -14.91 -15.78 -16.24
N VAL C 78 -14.54 -14.58 -15.78
CA VAL C 78 -13.14 -14.30 -15.54
C VAL C 78 -12.66 -15.02 -14.29
N PHE C 79 -13.53 -15.12 -13.28
CA PHE C 79 -13.12 -15.82 -12.07
C PHE C 79 -13.04 -17.31 -12.27
N GLU C 80 -13.99 -17.90 -12.99
CA GLU C 80 -13.89 -19.31 -13.37
C GLU C 80 -12.71 -19.56 -14.29
N PHE C 81 -12.29 -18.53 -15.02
CA PHE C 81 -11.04 -18.64 -15.78
C PHE C 81 -9.84 -18.62 -14.86
N LEU C 82 -9.86 -17.76 -13.83
CA LEU C 82 -8.68 -17.60 -12.98
C LEU C 82 -8.49 -18.79 -12.04
N TYR C 83 -9.49 -19.65 -11.91
CA TYR C 83 -9.26 -20.90 -11.20
C TYR C 83 -8.67 -21.94 -12.13
N LYS C 84 -9.11 -21.95 -13.38
CA LYS C 84 -8.58 -22.91 -14.32
C LYS C 84 -7.30 -22.40 -14.96
N MET C 85 -6.99 -21.13 -14.79
CA MET C 85 -5.66 -20.66 -15.16
C MET C 85 -4.62 -21.17 -14.18
N CYS C 86 -5.02 -21.34 -12.91
CA CYS C 86 -4.04 -21.76 -11.92
C CYS C 86 -4.15 -23.25 -11.59
N ASP C 87 -5.14 -23.95 -12.14
CA ASP C 87 -5.11 -25.41 -12.05
C ASP C 87 -4.29 -26.02 -13.17
N VAL C 88 -4.18 -25.31 -14.29
CA VAL C 88 -3.22 -25.68 -15.32
C VAL C 88 -1.81 -25.51 -14.81
N MET C 89 -1.55 -24.41 -14.10
CA MET C 89 -0.20 -24.16 -13.61
C MET C 89 0.17 -25.11 -12.49
N ALA C 90 -0.79 -25.42 -11.61
CA ALA C 90 -0.51 -26.32 -10.49
C ALA C 90 -0.28 -27.75 -10.95
N ALA C 91 -0.88 -28.14 -12.08
CA ALA C 91 -0.62 -29.46 -12.63
C ALA C 91 0.76 -29.58 -13.25
N TYR C 92 1.42 -28.45 -13.53
CA TYR C 92 2.78 -28.43 -14.05
C TYR C 92 3.81 -28.04 -13.02
N PHE C 93 3.46 -27.23 -12.02
CA PHE C 93 4.43 -26.70 -11.09
C PHE C 93 4.42 -27.44 -9.76
N GLY C 94 3.29 -28.03 -9.41
CA GLY C 94 3.05 -28.42 -8.04
C GLY C 94 2.16 -27.40 -7.37
N LYS C 95 2.76 -26.48 -6.61
CA LYS C 95 2.02 -25.37 -6.04
C LYS C 95 2.32 -24.09 -6.79
N ILE C 96 1.72 -23.00 -6.35
CA ILE C 96 1.93 -21.69 -6.95
C ILE C 96 2.70 -20.83 -5.95
N SER C 97 3.92 -20.47 -6.32
CA SER C 97 4.77 -19.61 -5.50
C SER C 97 5.81 -18.98 -6.42
N GLU C 98 6.50 -17.96 -5.92
CA GLU C 98 7.42 -17.25 -6.79
C GLU C 98 8.69 -18.04 -7.04
N GLU C 99 8.96 -19.05 -6.21
CA GLU C 99 10.10 -19.91 -6.49
C GLU C 99 9.77 -20.87 -7.62
N ASN C 100 8.49 -21.16 -7.84
CA ASN C 100 8.12 -22.00 -8.96
C ASN C 100 7.88 -21.20 -10.22
N ILE C 101 7.42 -19.96 -10.09
CA ILE C 101 7.15 -19.14 -11.27
C ILE C 101 8.46 -18.65 -11.89
N LYS C 102 9.43 -18.29 -11.04
CA LYS C 102 10.72 -17.85 -11.56
C LYS C 102 11.48 -18.98 -12.24
N ASN C 103 11.19 -20.22 -11.91
CA ASN C 103 11.76 -21.33 -12.65
C ASN C 103 11.03 -21.63 -13.94
N ASN C 104 9.92 -20.95 -14.19
CA ASN C 104 8.99 -21.32 -15.24
C ASN C 104 8.47 -20.11 -15.99
N PHE C 105 9.35 -19.18 -16.34
CA PHE C 105 8.94 -18.04 -17.15
C PHE C 105 8.58 -18.47 -18.56
N VAL C 106 9.16 -19.57 -19.03
CA VAL C 106 8.97 -20.00 -20.41
C VAL C 106 7.68 -20.80 -20.54
N LEU C 107 7.34 -21.58 -19.51
CA LEU C 107 6.13 -22.38 -19.57
C LEU C 107 4.87 -21.52 -19.44
N ILE C 108 4.94 -20.48 -18.63
CA ILE C 108 3.78 -19.60 -18.43
C ILE C 108 3.47 -18.83 -19.70
N TYR C 109 4.50 -18.35 -20.39
CA TYR C 109 4.32 -17.65 -21.65
C TYR C 109 3.73 -18.56 -22.74
N GLU C 110 4.06 -19.84 -22.71
CA GLU C 110 3.44 -20.76 -23.66
C GLU C 110 2.01 -21.08 -23.25
N LEU C 111 1.72 -20.99 -21.95
CA LEU C 111 0.34 -21.18 -21.50
C LEU C 111 -0.49 -19.93 -21.76
N LEU C 112 0.05 -18.75 -21.45
CA LEU C 112 -0.72 -17.52 -21.57
C LEU C 112 -1.03 -17.11 -23.00
N ASP C 113 -0.59 -17.87 -24.00
CA ASP C 113 -1.08 -17.72 -25.35
C ASP C 113 -2.08 -18.80 -25.73
N GLU C 114 -1.84 -20.03 -25.32
CA GLU C 114 -2.70 -21.13 -25.74
C GLU C 114 -4.00 -21.16 -24.94
N ILE C 115 -4.01 -20.54 -23.78
CA ILE C 115 -5.20 -20.57 -22.94
C ILE C 115 -6.09 -19.37 -23.22
N LEU C 116 -5.49 -18.19 -23.37
CA LEU C 116 -6.25 -16.96 -23.53
C LEU C 116 -5.81 -16.30 -24.83
N ASP C 117 -6.76 -15.96 -25.69
CA ASP C 117 -6.48 -15.47 -27.03
C ASP C 117 -7.30 -14.22 -27.28
N PHE C 118 -6.65 -13.06 -27.19
CA PHE C 118 -7.29 -11.73 -27.27
C PHE C 118 -8.40 -11.60 -26.22
N GLY C 119 -8.13 -12.05 -25.01
CA GLY C 119 -9.10 -12.00 -23.94
C GLY C 119 -10.21 -13.02 -24.03
N TYR C 120 -10.12 -13.97 -24.95
CA TYR C 120 -11.17 -14.95 -25.13
C TYR C 120 -10.65 -16.28 -24.65
N PRO C 121 -11.19 -16.85 -23.58
CA PRO C 121 -10.62 -18.08 -23.02
C PRO C 121 -10.85 -19.27 -23.94
N GLN C 122 -9.76 -19.94 -24.27
CA GLN C 122 -9.78 -21.10 -25.14
C GLN C 122 -9.89 -22.35 -24.28
N ASN C 123 -9.70 -23.50 -24.91
CA ASN C 123 -9.85 -24.78 -24.24
C ASN C 123 -8.72 -24.99 -23.25
N SER C 124 -9.04 -24.90 -21.96
CA SER C 124 -8.07 -25.03 -20.89
C SER C 124 -7.95 -26.46 -20.37
N GLU C 125 -8.27 -27.46 -21.16
CA GLU C 125 -8.18 -28.84 -20.70
C GLU C 125 -6.75 -29.31 -20.72
N THR C 126 -6.28 -29.85 -19.58
CA THR C 126 -4.87 -30.23 -19.46
C THR C 126 -4.54 -31.46 -20.28
N GLY C 127 -5.55 -32.23 -20.69
CA GLY C 127 -5.30 -33.30 -21.65
C GLY C 127 -5.10 -32.77 -23.06
N ALA C 128 -5.80 -31.70 -23.40
CA ALA C 128 -5.66 -31.13 -24.74
C ALA C 128 -4.41 -30.29 -24.85
N LEU C 129 -3.86 -29.83 -23.72
CA LEU C 129 -2.70 -28.96 -23.78
C LEU C 129 -1.41 -29.73 -24.04
N LYS C 130 -1.41 -31.04 -23.80
CA LYS C 130 -0.22 -31.83 -24.05
C LYS C 130 0.12 -31.92 -25.53
N THR C 131 -0.86 -31.70 -26.40
CA THR C 131 -0.63 -31.62 -27.82
C THR C 131 -0.20 -30.23 -28.27
N PHE C 132 -0.34 -29.23 -27.42
CA PHE C 132 -0.04 -27.84 -27.79
C PHE C 132 1.11 -27.25 -27.01
N ILE C 133 1.35 -27.70 -25.79
CA ILE C 133 2.41 -27.14 -24.95
C ILE C 133 3.63 -28.03 -25.06
N THR C 134 4.74 -27.45 -25.52
CA THR C 134 5.96 -28.20 -25.75
C THR C 134 6.89 -28.25 -24.55
N GLN C 135 6.89 -27.20 -23.72
CA GLN C 135 7.80 -27.11 -22.59
C GLN C 135 7.36 -28.00 -21.45
N GLN C 136 8.22 -28.14 -20.45
CA GLN C 136 7.96 -29.00 -19.31
C GLN C 136 8.12 -28.22 -18.02
N GLY C 137 7.32 -28.61 -17.02
CA GLY C 137 7.36 -27.92 -15.74
C GLY C 137 8.55 -28.34 -14.90
N ILE C 138 9.16 -27.38 -14.23
CA ILE C 138 10.26 -27.64 -13.33
C ILE C 138 9.70 -27.84 -11.93
N LYS C 139 9.57 -29.08 -11.52
CA LYS C 139 9.09 -29.40 -10.19
C LYS C 139 10.15 -29.05 -9.15
N SER C 140 9.70 -28.88 -7.90
CA SER C 140 10.60 -28.58 -6.80
C SER C 140 10.09 -29.27 -5.56
N GLN C 154 3.62 -38.31 14.95
CA GLN C 154 2.18 -38.49 15.03
C GLN C 154 1.69 -38.54 16.48
N VAL C 155 0.39 -38.27 16.64
CA VAL C 155 -0.39 -38.39 17.88
C VAL C 155 0.09 -37.50 19.02
N GLY C 157 -0.27 -36.53 22.65
CA GLY C 157 -0.80 -37.17 23.83
C GLY C 157 -1.48 -36.19 24.76
N GLN C 158 -0.71 -35.64 25.68
CA GLN C 158 -1.29 -34.76 26.67
C GLN C 158 -0.84 -33.32 26.45
N ILE C 159 -1.75 -32.38 26.68
CA ILE C 159 -1.47 -30.96 26.58
C ILE C 159 -0.65 -30.52 27.78
N GLY C 160 0.52 -29.95 27.54
CA GLY C 160 1.37 -29.53 28.65
C GLY C 160 0.99 -28.18 29.21
N TRP C 161 0.53 -27.27 28.35
CA TRP C 161 0.34 -25.89 28.74
C TRP C 161 -1.00 -25.63 29.41
N ARG C 162 -1.93 -26.57 29.38
CA ARG C 162 -3.27 -26.34 29.92
C ARG C 162 -3.61 -27.49 30.85
N ARG C 163 -4.12 -27.18 32.03
CA ARG C 163 -4.43 -28.22 32.99
C ARG C 163 -5.83 -28.76 32.74
N GLU C 164 -6.16 -29.83 33.44
CA GLU C 164 -7.40 -30.56 33.21
C GLU C 164 -8.51 -30.07 34.13
N GLY C 165 -9.75 -30.31 33.70
CA GLY C 165 -10.93 -30.11 34.51
C GLY C 165 -11.22 -28.69 34.94
N ILE C 166 -10.98 -27.72 34.06
CA ILE C 166 -11.21 -26.32 34.38
C ILE C 166 -12.69 -26.03 34.17
N LYS C 167 -13.31 -25.33 35.12
CA LYS C 167 -14.72 -24.96 35.01
C LYS C 167 -14.90 -23.51 35.42
N TYR C 168 -15.89 -22.87 34.81
CA TYR C 168 -16.21 -21.49 35.09
C TYR C 168 -17.72 -21.30 35.13
N ARG C 169 -18.13 -20.28 35.88
CA ARG C 169 -19.53 -19.92 35.97
C ARG C 169 -20.06 -19.41 34.63
N ARG C 170 -19.27 -18.66 33.90
CA ARG C 170 -19.68 -18.11 32.62
C ARG C 170 -18.46 -18.01 31.72
N ASN C 171 -18.52 -18.67 30.57
CA ASN C 171 -17.41 -18.67 29.63
C ASN C 171 -17.30 -17.32 28.94
N GLU C 172 -16.09 -16.78 28.89
CA GLU C 172 -15.87 -15.50 28.24
C GLU C 172 -14.45 -15.48 27.69
N LEU C 173 -14.18 -14.54 26.80
CA LEU C 173 -12.94 -14.56 26.07
C LEU C 173 -12.61 -13.13 25.64
N PHE C 174 -11.37 -12.71 25.88
CA PHE C 174 -10.95 -11.34 25.65
C PHE C 174 -9.75 -11.32 24.71
N LEU C 175 -9.81 -10.50 23.67
CA LEU C 175 -8.68 -10.29 22.76
C LEU C 175 -8.23 -8.85 22.85
N ASP C 176 -6.94 -8.64 22.79
CA ASP C 176 -6.34 -7.32 22.76
C ASP C 176 -5.30 -7.32 21.66
N VAL C 177 -5.50 -6.55 20.62
CA VAL C 177 -4.49 -6.39 19.58
C VAL C 177 -3.70 -5.15 19.93
N LEU C 178 -2.50 -5.35 20.48
CA LEU C 178 -1.72 -4.30 21.11
C LEU C 178 -0.53 -3.98 20.23
N GLU C 179 -0.50 -2.79 19.63
CA GLU C 179 0.61 -2.54 18.73
C GLU C 179 1.00 -1.08 18.69
N SER C 180 2.28 -0.85 18.35
CA SER C 180 2.97 0.42 18.53
C SER C 180 3.56 0.88 17.21
N VAL C 181 3.39 2.15 16.89
CA VAL C 181 3.78 2.71 15.59
C VAL C 181 5.13 3.37 15.77
N ASN C 182 6.02 3.17 14.82
CA ASN C 182 7.26 3.90 14.75
C ASN C 182 7.36 4.57 13.39
N LEU C 183 7.86 5.79 13.37
CA LEU C 183 7.84 6.57 12.15
C LEU C 183 8.94 7.63 12.16
N LEU C 184 9.68 7.73 11.05
CA LEU C 184 10.47 8.90 10.76
C LEU C 184 9.94 9.48 9.45
N MET C 185 9.62 10.76 9.46
CA MET C 185 9.05 11.42 8.29
C MET C 185 9.73 12.75 8.06
N SER C 186 10.00 13.06 6.80
CA SER C 186 10.63 14.31 6.40
C SER C 186 9.65 15.46 6.62
N PRO C 187 10.13 16.72 6.67
CA PRO C 187 9.18 17.82 6.81
C PRO C 187 8.37 18.12 5.57
N GLN C 188 8.66 17.44 4.46
CA GLN C 188 7.91 17.59 3.23
C GLN C 188 6.71 16.67 3.16
N GLY C 189 6.66 15.62 3.99
CA GLY C 189 5.60 14.67 3.95
C GLY C 189 5.98 13.31 3.43
N GLN C 190 7.24 13.12 3.06
CA GLN C 190 7.72 11.82 2.61
C GLN C 190 7.95 10.90 3.80
N VAL C 191 7.31 9.74 3.79
CA VAL C 191 7.53 8.74 4.82
C VAL C 191 8.87 8.07 4.61
N LEU C 192 9.82 8.34 5.51
CA LEU C 192 11.17 7.81 5.38
C LEU C 192 11.31 6.40 5.92
N SER C 193 10.74 6.13 7.10
CA SER C 193 10.80 4.79 7.66
C SER C 193 9.63 4.62 8.60
N ALA C 194 9.01 3.45 8.55
CA ALA C 194 7.87 3.15 9.41
C ALA C 194 7.78 1.65 9.61
N HIS C 195 7.39 1.25 10.82
CA HIS C 195 7.07 -0.14 11.11
C HIS C 195 6.19 -0.19 12.35
N VAL C 196 5.46 -1.29 12.50
CA VAL C 196 4.53 -1.48 13.61
C VAL C 196 4.91 -2.77 14.32
N SER C 197 5.08 -2.70 15.64
CA SER C 197 5.42 -3.85 16.45
C SER C 197 4.23 -4.20 17.33
N GLY C 198 3.76 -5.43 17.23
CA GLY C 198 2.54 -5.76 17.93
C GLY C 198 2.50 -7.16 18.45
N ARG C 199 1.41 -7.45 19.15
CA ARG C 199 1.17 -8.76 19.73
C ARG C 199 -0.31 -8.92 20.04
N VAL C 200 -0.80 -10.14 19.88
CA VAL C 200 -2.18 -10.50 20.17
C VAL C 200 -2.20 -11.15 21.54
N VAL C 201 -2.67 -10.42 22.54
CA VAL C 201 -2.78 -10.91 23.90
C VAL C 201 -4.18 -11.43 24.11
N MET C 202 -4.31 -12.72 24.37
CA MET C 202 -5.60 -13.37 24.56
C MET C 202 -5.77 -13.76 26.02
N LYS C 203 -6.97 -13.54 26.55
CA LYS C 203 -7.30 -13.87 27.94
C LYS C 203 -8.43 -14.87 27.93
N SER C 204 -8.12 -16.13 28.23
CA SER C 204 -9.05 -17.23 28.03
C SER C 204 -9.66 -17.67 29.35
N TYR C 205 -10.94 -17.40 29.54
CA TYR C 205 -11.69 -17.92 30.67
C TYR C 205 -12.73 -18.89 30.12
N LEU C 206 -12.31 -20.13 29.89
CA LEU C 206 -13.08 -21.12 29.16
C LEU C 206 -13.04 -22.45 29.88
N SER C 207 -14.21 -22.96 30.23
CA SER C 207 -14.31 -24.24 30.89
C SER C 207 -13.96 -25.36 29.91
N GLY C 208 -13.63 -26.52 30.46
CA GLY C 208 -13.30 -27.66 29.64
C GLY C 208 -11.92 -27.52 29.05
N MET C 209 -11.69 -28.20 27.93
CA MET C 209 -10.48 -28.00 27.14
C MET C 209 -10.85 -27.70 25.71
N PRO C 210 -11.16 -26.44 25.41
CA PRO C 210 -11.64 -26.09 24.08
C PRO C 210 -10.53 -26.06 23.05
N GLU C 211 -10.85 -26.58 21.89
CA GLU C 211 -10.04 -26.34 20.71
C GLU C 211 -10.68 -25.23 19.91
N CYS C 212 -9.90 -24.20 19.59
CA CYS C 212 -10.48 -23.03 18.99
C CYS C 212 -9.67 -22.60 17.79
N LYS C 213 -10.38 -22.04 16.81
CA LYS C 213 -9.78 -21.61 15.56
C LYS C 213 -9.82 -20.09 15.48
N PHE C 214 -8.69 -19.49 15.13
CA PHE C 214 -8.55 -18.05 15.05
C PHE C 214 -8.27 -17.66 13.61
N GLY C 215 -8.83 -16.54 13.18
CA GLY C 215 -8.72 -16.11 11.80
C GLY C 215 -8.61 -14.60 11.69
N MET C 216 -7.74 -14.14 10.82
CA MET C 216 -7.43 -12.73 10.68
C MET C 216 -7.29 -12.43 9.21
N ASN C 217 -7.10 -11.15 8.88
CA ASN C 217 -6.84 -10.83 7.49
C ASN C 217 -5.36 -11.02 7.19
N ASP C 218 -4.94 -10.65 5.98
CA ASP C 218 -3.65 -11.09 5.46
C ASP C 218 -2.56 -10.03 5.59
N LYS C 219 -2.54 -9.26 6.68
CA LYS C 219 -1.52 -8.24 6.84
C LYS C 219 -0.26 -8.74 7.52
N ILE C 220 -0.14 -10.04 7.79
CA ILE C 220 0.98 -10.60 8.54
C ILE C 220 1.73 -11.57 7.65
N VAL C 221 3.05 -11.49 7.66
CA VAL C 221 3.88 -12.37 6.84
C VAL C 221 4.29 -13.55 7.69
N ILE C 222 3.58 -14.67 7.52
CA ILE C 222 3.77 -15.82 8.40
C ILE C 222 5.06 -16.54 8.09
N ILE C 241 16.95 -1.38 11.84
CA ILE C 241 16.28 -1.80 10.61
C ILE C 241 15.28 -2.88 10.92
N ALA C 242 14.00 -2.56 10.86
CA ALA C 242 12.97 -3.55 11.15
C ALA C 242 12.74 -4.46 9.96
N ILE C 243 12.52 -5.74 10.23
CA ILE C 243 12.26 -6.75 9.21
C ILE C 243 10.95 -7.42 9.55
N ASP C 244 10.12 -7.67 8.52
CA ASP C 244 8.83 -8.32 8.70
C ASP C 244 9.00 -9.70 9.31
N ASP C 245 8.41 -9.88 10.48
CA ASP C 245 8.72 -10.99 11.35
C ASP C 245 7.46 -11.35 12.12
N CYS C 246 7.23 -12.65 12.28
CA CYS C 246 6.09 -13.09 13.07
C CYS C 246 6.43 -14.40 13.74
N THR C 247 6.47 -14.41 15.07
CA THR C 247 6.55 -15.65 15.82
C THR C 247 5.23 -15.89 16.48
N PHE C 248 5.01 -17.12 16.90
CA PHE C 248 3.80 -17.51 17.58
C PHE C 248 4.13 -18.11 18.94
N HIS C 249 3.09 -18.30 19.72
CA HIS C 249 3.17 -19.13 20.90
C HIS C 249 3.31 -20.57 20.46
N GLN C 250 3.86 -21.43 21.34
CA GLN C 250 4.13 -22.81 20.92
C GLN C 250 2.85 -23.64 20.83
N CYS C 251 1.74 -23.11 21.33
CA CYS C 251 0.46 -23.80 21.25
C CYS C 251 -0.10 -23.81 19.83
N VAL C 252 0.17 -22.75 19.09
CA VAL C 252 -0.38 -22.55 17.75
C VAL C 252 0.20 -23.58 16.79
N ARG C 253 -0.67 -24.22 16.03
CA ARG C 253 -0.27 -25.09 14.93
C ARG C 253 -0.67 -24.47 13.60
N LEU C 254 0.30 -24.30 12.72
CA LEU C 254 0.06 -23.74 11.40
C LEU C 254 0.05 -24.84 10.35
N SER C 255 -1.04 -24.91 9.60
CA SER C 255 -1.09 -25.80 8.44
C SER C 255 -2.14 -25.32 7.45
N GLU C 260 -5.34 -21.94 3.36
CA GLU C 260 -6.12 -21.03 4.20
C GLU C 260 -5.23 -20.19 5.08
N ARG C 261 -5.83 -19.23 5.77
CA ARG C 261 -5.12 -18.35 6.68
C ARG C 261 -5.70 -18.48 8.08
N SER C 262 -5.88 -19.71 8.51
CA SER C 262 -6.49 -19.99 9.81
C SER C 262 -5.48 -20.61 10.75
N ILE C 263 -5.80 -20.58 12.04
CA ILE C 263 -4.93 -21.00 13.12
C ILE C 263 -5.76 -21.75 14.13
N SER C 264 -5.38 -22.98 14.44
CA SER C 264 -6.05 -23.76 15.46
C SER C 264 -5.12 -23.93 16.64
N PHE C 265 -5.67 -23.86 17.86
CA PHE C 265 -4.86 -23.99 19.07
C PHE C 265 -5.78 -24.36 20.23
N ILE C 266 -5.15 -24.71 21.36
CA ILE C 266 -5.89 -25.00 22.60
C ILE C 266 -5.38 -24.05 23.68
N PRO C 267 -6.14 -23.02 24.02
CA PRO C 267 -5.56 -21.87 24.73
C PRO C 267 -5.22 -22.19 26.17
N PRO C 268 -4.05 -21.75 26.64
CA PRO C 268 -3.79 -21.77 28.07
C PRO C 268 -4.75 -20.90 28.84
N ASP C 269 -4.97 -21.26 30.10
CA ASP C 269 -5.91 -20.55 30.95
C ASP C 269 -5.28 -19.23 31.39
N GLY C 270 -5.94 -18.11 31.10
CA GLY C 270 -5.50 -16.83 31.60
C GLY C 270 -4.82 -15.97 30.57
N GLU C 271 -3.96 -15.07 31.03
CA GLU C 271 -3.15 -14.22 30.17
C GLU C 271 -2.19 -15.03 29.34
N PHE C 272 -2.07 -14.65 28.07
CA PHE C 272 -1.53 -15.53 27.05
C PHE C 272 -1.23 -14.74 25.79
N GLU C 273 0.03 -14.73 25.35
CA GLU C 273 0.40 -13.98 24.15
C GLU C 273 0.30 -14.88 22.94
N LEU C 274 -0.74 -14.68 22.15
CA LEU C 274 -1.07 -15.60 21.07
C LEU C 274 -0.12 -15.44 19.90
N MET C 275 0.22 -14.21 19.55
CA MET C 275 0.98 -13.93 18.35
C MET C 275 1.87 -12.73 18.68
N ARG C 276 2.99 -12.59 17.98
CA ARG C 276 3.93 -11.51 18.19
C ARG C 276 4.54 -11.15 16.85
N TYR C 277 4.35 -9.92 16.41
CA TYR C 277 4.70 -9.64 15.03
C TYR C 277 5.30 -8.26 14.87
N ARG C 278 5.97 -8.08 13.75
CA ARG C 278 6.30 -6.77 13.22
C ARG C 278 5.86 -6.73 11.78
N THR C 279 5.49 -5.55 11.30
CA THR C 279 5.23 -5.39 9.88
C THR C 279 5.76 -4.05 9.44
N THR C 280 6.09 -3.94 8.15
CA THR C 280 6.67 -2.72 7.60
C THR C 280 5.89 -2.15 6.43
N LYS C 281 5.13 -2.96 5.70
CA LYS C 281 4.38 -2.49 4.55
C LYS C 281 3.03 -1.91 5.00
N ASP C 282 2.48 -1.04 4.14
CA ASP C 282 1.16 -0.37 4.21
C ASP C 282 0.71 0.00 5.63
N ILE C 283 1.57 0.76 6.30
CA ILE C 283 1.33 1.18 7.67
C ILE C 283 0.31 2.30 7.68
N ILE C 284 -0.73 2.15 8.48
CA ILE C 284 -1.70 3.21 8.69
C ILE C 284 -1.15 4.21 9.69
N LEU C 285 -0.95 5.45 9.25
CA LEU C 285 -0.36 6.48 10.09
C LEU C 285 -1.46 7.37 10.63
N PRO C 286 -1.69 7.41 11.94
CA PRO C 286 -2.87 8.14 12.45
C PRO C 286 -2.76 9.65 12.38
N PHE C 287 -1.56 10.20 12.52
CA PHE C 287 -1.39 11.64 12.63
C PHE C 287 -0.35 12.10 11.63
N ARG C 288 -0.34 13.39 11.37
CA ARG C 288 0.70 14.00 10.56
C ARG C 288 1.07 15.36 11.14
N VAL C 289 2.36 15.57 11.36
CA VAL C 289 2.91 16.84 11.83
C VAL C 289 3.46 17.58 10.63
N ILE C 290 3.10 18.86 10.49
CA ILE C 290 3.57 19.66 9.37
C ILE C 290 4.36 20.84 9.94
N PRO C 291 5.66 20.71 10.11
CA PRO C 291 6.45 21.73 10.84
C PRO C 291 6.91 22.91 10.00
N LEU C 292 6.11 23.96 9.89
CA LEU C 292 6.54 25.17 9.19
C LEU C 292 7.34 26.05 10.15
N VAL C 293 8.66 25.99 10.04
CA VAL C 293 9.57 26.69 10.95
C VAL C 293 10.38 27.70 10.17
N ARG C 294 10.31 28.96 10.58
CA ARG C 294 10.96 30.05 9.87
C ARG C 294 11.95 30.74 10.78
N GLU C 295 13.19 30.89 10.32
CA GLU C 295 14.24 31.59 11.04
C GLU C 295 14.30 33.03 10.55
N VAL C 296 14.25 33.98 11.47
CA VAL C 296 14.29 35.40 11.14
C VAL C 296 15.59 35.95 11.71
N GLY C 297 16.59 36.09 10.85
CA GLY C 297 17.88 36.56 11.32
C GLY C 297 18.61 35.46 12.06
N ARG C 298 19.06 35.77 13.27
CA ARG C 298 19.58 34.76 14.18
C ARG C 298 19.08 35.02 15.58
N THR C 299 18.19 35.99 15.72
CA THR C 299 17.69 36.43 17.02
C THR C 299 16.26 36.03 17.30
N LYS C 300 15.44 35.81 16.28
CA LYS C 300 14.04 35.45 16.48
C LYS C 300 13.74 34.17 15.73
N LEU C 301 12.68 33.50 16.16
CA LEU C 301 12.30 32.21 15.59
C LEU C 301 10.80 32.03 15.80
N GLU C 302 10.06 31.69 14.75
CA GLU C 302 8.65 31.33 14.89
C GLU C 302 8.41 29.92 14.37
N VAL C 303 7.61 29.17 15.11
CA VAL C 303 7.36 27.76 14.80
C VAL C 303 5.86 27.56 14.67
N LYS C 304 5.44 27.10 13.49
CA LYS C 304 4.06 26.70 13.24
C LYS C 304 4.05 25.20 13.03
N VAL C 305 3.21 24.50 13.79
CA VAL C 305 3.08 23.06 13.71
C VAL C 305 1.61 22.74 13.53
N VAL C 306 1.29 21.91 12.54
CA VAL C 306 -0.09 21.56 12.22
C VAL C 306 -0.25 20.06 12.40
N ILE C 307 -1.28 19.65 13.12
CA ILE C 307 -1.59 18.25 13.36
C ILE C 307 -2.83 17.91 12.57
N LYS C 308 -2.78 16.84 11.80
CA LYS C 308 -3.92 16.35 11.07
C LYS C 308 -4.18 14.91 11.44
N SER C 309 -5.31 14.64 12.08
CA SER C 309 -5.69 13.30 12.46
C SER C 309 -6.17 12.57 11.22
N ASN C 310 -5.43 11.55 10.81
CA ASN C 310 -5.66 10.86 9.54
C ASN C 310 -6.37 9.52 9.77
N PHE C 311 -7.60 9.61 10.28
CA PHE C 311 -8.43 8.43 10.49
C PHE C 311 -9.89 8.85 10.55
N LYS C 312 -10.78 7.86 10.57
CA LYS C 312 -12.19 8.11 10.34
C LYS C 312 -12.82 8.80 11.55
N PRO C 313 -13.83 9.65 11.37
CA PRO C 313 -14.26 10.54 12.46
C PRO C 313 -15.04 9.86 13.58
N SER C 314 -15.50 8.63 13.39
CA SER C 314 -16.17 7.94 14.48
C SER C 314 -15.20 7.47 15.55
N LEU C 315 -13.90 7.41 15.26
CA LEU C 315 -12.88 7.03 16.22
C LEU C 315 -12.39 8.28 16.94
N LEU C 316 -11.56 8.08 17.96
CA LEU C 316 -11.20 9.18 18.85
C LEU C 316 -9.86 8.90 19.51
N ALA C 317 -8.82 9.60 19.07
CA ALA C 317 -7.50 9.45 19.66
C ALA C 317 -7.41 10.16 21.00
N GLN C 318 -6.53 9.66 21.86
CA GLN C 318 -6.41 10.15 23.23
C GLN C 318 -4.95 10.22 23.62
N LYS C 319 -4.68 10.98 24.69
CA LYS C 319 -3.36 11.14 25.32
C LYS C 319 -2.32 11.63 24.33
N ILE C 320 -2.58 12.78 23.76
CA ILE C 320 -1.81 13.28 22.62
C ILE C 320 -0.88 14.37 23.09
N GLU C 321 0.41 14.16 22.84
CA GLU C 321 1.46 15.02 23.36
C GLU C 321 2.50 15.24 22.26
N VAL C 322 2.59 16.47 21.78
CA VAL C 322 3.50 16.84 20.71
C VAL C 322 4.56 17.74 21.32
N ARG C 323 5.79 17.26 21.41
CA ARG C 323 6.86 18.05 22.01
C ARG C 323 7.72 18.65 20.89
N ILE C 324 7.83 19.97 20.90
CA ILE C 324 8.42 20.76 19.83
C ILE C 324 9.74 21.32 20.33
N PRO C 325 10.87 20.96 19.73
CA PRO C 325 12.15 21.39 20.27
C PRO C 325 12.47 22.84 19.97
N THR C 326 13.15 23.47 20.91
CA THR C 326 13.59 24.85 20.83
C THR C 326 15.10 24.89 20.89
N PRO C 327 15.74 25.95 20.40
CA PRO C 327 17.19 26.03 20.48
C PRO C 327 17.72 26.18 21.90
N LEU C 328 19.02 25.99 22.04
CA LEU C 328 19.66 25.98 23.35
C LEU C 328 19.76 27.39 23.93
N ASN C 329 19.76 28.41 23.08
CA ASN C 329 19.84 29.80 23.51
C ASN C 329 18.49 30.49 23.53
N THR C 330 17.44 29.79 23.95
CA THR C 330 16.11 30.37 23.99
C THR C 330 15.95 31.23 25.23
N SER C 331 15.49 32.47 25.05
CA SER C 331 15.20 33.34 26.18
C SER C 331 13.83 33.07 26.78
N GLY C 332 12.77 33.28 26.00
CA GLY C 332 11.41 33.04 26.46
C GLY C 332 10.48 33.09 25.27
N VAL C 333 9.43 32.26 25.29
CA VAL C 333 8.60 32.10 24.10
C VAL C 333 7.18 32.56 24.40
N GLN C 334 6.42 32.74 23.32
CA GLN C 334 5.01 33.12 23.38
C GLN C 334 4.22 32.13 22.55
N VAL C 335 3.41 31.31 23.22
CA VAL C 335 2.74 30.18 22.59
C VAL C 335 1.24 30.43 22.63
N ILE C 336 0.59 30.35 21.47
CA ILE C 336 -0.87 30.36 21.40
C ILE C 336 -1.30 29.06 20.75
N CYS C 337 -2.39 28.47 21.27
CA CYS C 337 -2.87 27.17 20.85
C CYS C 337 -4.34 27.27 20.45
N MET C 338 -4.72 26.51 19.43
CA MET C 338 -6.13 26.45 19.09
C MET C 338 -6.91 25.62 20.10
N LYS C 339 -6.44 24.42 20.38
CA LYS C 339 -7.10 23.54 21.33
C LYS C 339 -6.04 22.69 22.01
N GLY C 340 -6.33 22.27 23.23
CA GLY C 340 -5.30 21.72 24.06
C GLY C 340 -4.55 22.83 24.76
N LYS C 341 -3.41 22.49 25.33
CA LYS C 341 -2.63 23.49 26.03
C LYS C 341 -1.15 23.15 25.90
N ALA C 342 -0.32 24.19 25.90
CA ALA C 342 1.12 24.01 25.75
C ALA C 342 1.84 24.83 26.79
N LYS C 343 3.04 24.38 27.13
CA LYS C 343 3.87 25.10 28.10
C LYS C 343 5.32 24.88 27.75
N TYR C 344 6.12 25.92 27.89
CA TYR C 344 7.52 25.86 27.56
C TYR C 344 8.29 25.28 28.73
N LYS C 345 9.21 24.37 28.44
CA LYS C 345 10.00 23.69 29.46
C LYS C 345 11.48 23.88 29.11
N ALA C 346 12.12 24.83 29.79
CA ALA C 346 13.51 25.13 29.50
C ALA C 346 14.45 24.05 30.03
N SER C 347 13.98 23.23 30.97
CA SER C 347 14.77 22.09 31.43
C SER C 347 14.89 21.01 30.37
N GLU C 348 13.91 20.91 29.47
CA GLU C 348 13.94 19.97 28.36
C GLU C 348 14.34 20.64 27.05
N ASN C 349 14.31 21.98 27.00
CA ASN C 349 14.46 22.77 25.78
C ASN C 349 13.44 22.36 24.73
N ALA C 350 12.17 22.27 25.14
CA ALA C 350 11.13 21.91 24.21
C ALA C 350 9.79 22.46 24.67
N ILE C 351 8.94 22.78 23.71
CA ILE C 351 7.55 23.14 23.96
C ILE C 351 6.72 21.88 23.95
N VAL C 352 6.08 21.57 25.07
CA VAL C 352 5.28 20.36 25.18
C VAL C 352 3.83 20.75 25.05
N TRP C 353 3.13 20.17 24.08
CA TRP C 353 1.76 20.53 23.76
C TRP C 353 0.87 19.32 23.91
N LYS C 354 -0.02 19.37 24.89
CA LYS C 354 -0.88 18.24 25.25
C LYS C 354 -2.32 18.52 24.86
N ILE C 355 -2.92 17.56 24.15
CA ILE C 355 -4.33 17.60 23.81
C ILE C 355 -4.97 16.40 24.48
N LYS C 356 -6.15 16.59 25.05
CA LYS C 356 -6.83 15.47 25.70
C LYS C 356 -7.38 14.50 24.66
N ARG C 357 -8.22 14.98 23.74
CA ARG C 357 -8.80 14.13 22.72
C ARG C 357 -8.75 14.82 21.37
N MET C 358 -8.79 14.02 20.32
CA MET C 358 -8.81 14.49 18.94
C MET C 358 -9.68 13.55 18.14
N ALA C 359 -10.75 14.05 17.55
CA ALA C 359 -11.55 13.22 16.66
C ALA C 359 -10.85 13.12 15.30
N GLY C 360 -11.24 12.11 14.54
CA GLY C 360 -10.58 11.87 13.27
C GLY C 360 -11.03 12.84 12.20
N MET C 361 -10.20 12.95 11.15
CA MET C 361 -10.41 13.86 10.02
C MET C 361 -10.60 15.31 10.46
N LYS C 362 -9.68 15.78 11.29
CA LYS C 362 -9.68 17.15 11.77
C LYS C 362 -8.27 17.72 11.71
N GLU C 363 -8.11 18.92 12.26
CA GLU C 363 -6.86 19.66 12.12
C GLU C 363 -6.70 20.67 13.24
N SER C 364 -5.53 20.66 13.88
CA SER C 364 -5.16 21.61 14.91
C SER C 364 -3.86 22.29 14.53
N GLN C 365 -3.61 23.43 15.16
CA GLN C 365 -2.42 24.22 14.87
C GLN C 365 -1.95 24.88 16.15
N ILE C 366 -0.64 24.90 16.35
CA ILE C 366 -0.01 25.65 17.44
C ILE C 366 0.91 26.68 16.80
N SER C 367 1.03 27.84 17.43
CA SER C 367 1.94 28.88 17.02
C SER C 367 2.84 29.26 18.19
N ALA C 368 4.08 29.61 17.87
CA ALA C 368 5.07 29.94 18.89
C ALA C 368 6.00 31.01 18.34
N GLU C 369 6.54 31.84 19.24
CA GLU C 369 7.42 32.93 18.87
C GLU C 369 8.62 32.93 19.82
N ILE C 370 9.77 32.54 19.32
CA ILE C 370 10.96 32.31 20.13
C ILE C 370 11.88 33.50 19.98
N GLU C 371 12.43 33.99 21.09
CA GLU C 371 13.47 35.02 21.08
C GLU C 371 14.77 34.40 21.53
N LEU C 372 15.85 34.70 20.82
CA LEU C 372 17.13 34.03 21.00
C LEU C 372 18.21 35.00 21.47
N LEU C 373 19.32 34.43 21.94
CA LEU C 373 20.48 35.20 22.38
C LEU C 373 21.65 34.92 21.45
N PRO C 374 21.96 35.78 20.49
CA PRO C 374 23.10 35.56 19.60
C PRO C 374 24.43 35.80 20.28
N LYS C 379 27.10 29.46 15.27
CA LYS C 379 26.71 28.35 14.40
C LYS C 379 25.22 28.35 14.14
N LYS C 380 24.74 27.31 13.47
CA LYS C 380 23.34 27.14 13.15
C LYS C 380 22.75 26.05 14.03
N TRP C 381 21.43 26.05 14.15
CA TRP C 381 20.73 25.16 15.06
C TRP C 381 20.44 23.82 14.43
N ALA C 382 21.05 22.76 14.96
CA ALA C 382 20.69 21.41 14.58
C ALA C 382 19.33 21.08 15.14
N ARG C 383 18.44 20.59 14.29
CA ARG C 383 17.02 20.48 14.62
C ARG C 383 16.67 19.08 15.10
N PRO C 384 16.22 18.93 16.34
CA PRO C 384 15.69 17.65 16.77
C PRO C 384 14.35 17.40 16.10
N PRO C 385 13.98 16.15 15.90
CA PRO C 385 12.67 15.87 15.31
C PRO C 385 11.56 16.18 16.28
N ILE C 386 10.43 16.63 15.72
CA ILE C 386 9.23 16.82 16.52
C ILE C 386 8.64 15.46 16.84
N SER C 387 8.80 15.03 18.08
CA SER C 387 8.32 13.74 18.51
C SER C 387 6.86 13.85 18.93
N MET C 388 6.17 12.73 18.99
CA MET C 388 4.73 12.75 19.23
C MET C 388 4.30 11.47 19.94
N ASN C 389 3.49 11.63 20.99
CA ASN C 389 2.85 10.51 21.66
C ASN C 389 1.35 10.58 21.42
N PHE C 390 0.73 9.42 21.27
CA PHE C 390 -0.73 9.34 21.15
C PHE C 390 -1.17 7.93 21.52
N GLU C 391 -2.46 7.71 21.37
CA GLU C 391 -3.09 6.40 21.55
C GLU C 391 -4.42 6.39 20.82
N VAL C 392 -4.57 5.47 19.88
CA VAL C 392 -5.74 5.44 19.02
C VAL C 392 -6.49 4.13 19.23
N PRO C 393 -7.80 4.09 19.07
CA PRO C 393 -8.54 2.83 19.21
C PRO C 393 -8.70 2.05 17.91
N PHE C 394 -7.60 1.92 17.18
CA PHE C 394 -7.59 1.00 16.05
C PHE C 394 -6.17 0.48 15.94
N ALA C 395 -6.01 -0.56 15.15
CA ALA C 395 -4.74 -1.22 15.03
C ALA C 395 -4.03 -0.67 13.82
N PRO C 396 -2.91 0.05 13.97
CA PRO C 396 -2.36 0.78 12.83
C PRO C 396 -1.60 -0.07 11.84
N SER C 397 -1.47 -1.38 12.08
CA SER C 397 -0.85 -2.23 11.07
C SER C 397 -1.85 -2.72 10.05
N GLY C 398 -3.14 -2.51 10.29
CA GLY C 398 -4.17 -3.04 9.44
C GLY C 398 -4.72 -4.38 9.90
N LEU C 399 -4.24 -4.90 11.03
CA LEU C 399 -4.66 -6.20 11.50
C LEU C 399 -6.09 -6.13 12.00
N LYS C 400 -6.90 -7.08 11.59
CA LYS C 400 -8.27 -7.20 12.06
C LYS C 400 -8.53 -8.67 12.35
N VAL C 401 -9.48 -8.92 13.22
CA VAL C 401 -9.88 -10.27 13.56
C VAL C 401 -11.13 -10.60 12.79
N ARG C 402 -11.12 -11.70 12.05
CA ARG C 402 -12.28 -12.03 11.24
C ARG C 402 -13.23 -13.01 11.91
N TYR C 403 -12.71 -14.05 12.56
CA TYR C 403 -13.56 -14.99 13.25
C TYR C 403 -12.74 -15.65 14.35
N LEU C 404 -13.45 -16.16 15.35
CA LEU C 404 -12.82 -16.90 16.43
C LEU C 404 -13.84 -17.90 16.95
N LYS C 405 -13.74 -19.12 16.48
CA LYS C 405 -14.73 -20.15 16.71
C LYS C 405 -14.23 -21.05 17.81
N VAL C 406 -14.94 -21.12 18.92
CA VAL C 406 -14.52 -21.92 20.06
C VAL C 406 -15.37 -23.16 20.14
N PHE C 407 -14.73 -24.33 20.12
CA PHE C 407 -15.43 -25.60 20.16
C PHE C 407 -14.93 -26.47 21.29
N GLU C 408 -15.83 -26.87 22.18
CA GLU C 408 -15.54 -27.84 23.23
C GLU C 408 -16.15 -29.17 22.84
N PRO C 409 -15.38 -30.25 22.84
CA PRO C 409 -15.91 -31.53 22.36
C PRO C 409 -16.86 -32.21 23.33
N LYS C 410 -16.71 -31.99 24.63
CA LYS C 410 -17.41 -32.82 25.59
C LYS C 410 -18.23 -32.06 26.61
N LEU C 411 -18.53 -30.79 26.39
CA LEU C 411 -19.42 -30.07 27.28
C LEU C 411 -20.57 -29.44 26.51
N ASN C 412 -21.52 -28.89 27.27
CA ASN C 412 -22.75 -28.35 26.72
C ASN C 412 -22.64 -26.83 26.52
N TYR C 413 -21.62 -26.43 25.78
CA TYR C 413 -21.57 -25.04 25.33
C TYR C 413 -20.91 -25.01 23.97
N SER C 414 -21.17 -23.95 23.23
CA SER C 414 -20.49 -23.70 21.97
C SER C 414 -20.21 -22.22 21.85
N ASP C 415 -19.92 -21.79 20.63
CA ASP C 415 -19.35 -20.46 20.42
C ASP C 415 -20.33 -19.35 20.71
N HIS C 416 -21.61 -19.55 20.40
CA HIS C 416 -22.55 -18.49 20.66
C HIS C 416 -22.94 -18.38 22.13
N ASP C 417 -22.63 -19.39 22.94
CA ASP C 417 -22.74 -19.27 24.38
C ASP C 417 -21.54 -18.58 25.02
N VAL C 418 -20.50 -18.32 24.24
CA VAL C 418 -19.27 -17.73 24.74
C VAL C 418 -19.27 -16.25 24.42
N ILE C 419 -19.14 -15.42 25.45
CA ILE C 419 -19.10 -13.98 25.24
C ILE C 419 -17.68 -13.61 24.83
N LYS C 420 -17.55 -12.97 23.67
CA LYS C 420 -16.24 -12.58 23.17
C LYS C 420 -16.14 -11.06 23.03
N TRP C 421 -14.97 -10.53 23.35
CA TRP C 421 -14.70 -9.09 23.35
C TRP C 421 -13.47 -8.87 22.50
N VAL C 422 -13.45 -7.78 21.73
CA VAL C 422 -12.30 -7.41 20.93
C VAL C 422 -11.97 -5.95 21.19
N ARG C 423 -10.70 -5.66 21.47
CA ARG C 423 -10.29 -4.29 21.73
C ARG C 423 -8.97 -4.01 21.03
N TYR C 424 -8.93 -2.89 20.31
CA TYR C 424 -7.79 -2.46 19.53
C TYR C 424 -7.14 -1.28 20.22
N ILE C 425 -5.88 -1.41 20.58
CA ILE C 425 -5.17 -0.34 21.29
C ILE C 425 -3.95 0.01 20.45
N GLY C 426 -4.06 1.05 19.65
CA GLY C 426 -2.94 1.59 18.92
C GLY C 426 -2.18 2.53 19.82
N ARG C 427 -0.90 2.72 19.51
CA ARG C 427 0.00 3.41 20.42
C ARG C 427 1.18 3.88 19.61
N SER C 428 1.84 4.95 20.05
CA SER C 428 3.03 5.40 19.36
C SER C 428 4.28 4.87 20.02
N GLY C 429 5.33 4.74 19.23
CA GLY C 429 6.64 4.48 19.78
C GLY C 429 7.55 5.64 19.49
N ILE C 430 8.45 5.46 18.53
CA ILE C 430 9.25 6.58 18.05
C ILE C 430 8.51 7.18 16.87
N TYR C 431 7.65 8.16 17.14
CA TYR C 431 6.77 8.71 16.11
C TYR C 431 7.21 10.15 15.89
N GLU C 432 8.19 10.36 15.02
CA GLU C 432 8.85 11.67 14.96
C GLU C 432 8.96 12.19 13.53
N THR C 433 8.82 13.51 13.42
CA THR C 433 8.83 14.24 12.16
C THR C 433 9.98 15.23 12.20
N ARG C 434 10.78 15.26 11.14
CA ARG C 434 11.91 16.18 11.09
C ARG C 434 11.46 17.63 11.03
N CYS C 435 12.12 18.47 11.80
CA CYS C 435 11.71 19.85 11.97
C CYS C 435 12.13 20.70 10.79
N MET D 1 29.78 10.83 5.98
CA MET D 1 30.57 9.65 5.63
C MET D 1 29.76 8.69 4.82
N ILE D 2 30.44 7.82 4.07
CA ILE D 2 29.79 6.81 3.25
C ILE D 2 29.34 5.70 4.17
N ARG D 3 28.14 5.18 3.96
CA ARG D 3 27.69 4.09 4.80
C ARG D 3 27.62 2.75 4.10
N PHE D 4 27.39 2.72 2.79
CA PHE D 4 27.67 1.54 1.98
C PHE D 4 27.79 1.95 0.52
N ILE D 5 28.26 1.00 -0.29
CA ILE D 5 28.37 1.17 -1.73
C ILE D 5 27.71 -0.05 -2.35
N LEU D 6 26.74 0.18 -3.22
CA LEU D 6 26.05 -0.90 -3.90
C LEU D 6 26.35 -0.88 -5.38
N ILE D 7 26.39 -2.07 -5.97
CA ILE D 7 26.35 -2.24 -7.41
C ILE D 7 25.33 -3.31 -7.71
N GLN D 8 24.28 -2.96 -8.44
CA GLN D 8 23.25 -3.93 -8.73
C GLN D 8 22.61 -3.60 -10.07
N ASN D 9 22.16 -4.64 -10.77
CA ASN D 9 21.58 -4.46 -12.09
C ASN D 9 20.08 -4.17 -12.00
N ARG D 10 19.44 -4.11 -13.16
CA ARG D 10 18.00 -3.94 -13.18
C ARG D 10 17.27 -5.22 -12.79
N ALA D 11 17.97 -6.35 -12.84
CA ALA D 11 17.40 -7.60 -12.39
C ALA D 11 17.23 -7.65 -10.88
N GLY D 12 17.94 -6.80 -10.16
CA GLY D 12 17.84 -6.74 -8.72
C GLY D 12 18.96 -7.40 -7.97
N LYS D 13 19.77 -8.21 -8.63
CA LYS D 13 20.81 -8.98 -7.95
C LYS D 13 22.12 -8.22 -7.96
N THR D 14 22.79 -8.20 -6.81
CA THR D 14 23.91 -7.30 -6.61
C THR D 14 25.19 -7.85 -7.21
N ARG D 15 26.10 -6.93 -7.47
CA ARG D 15 27.35 -7.23 -8.14
C ARG D 15 28.50 -6.82 -7.24
N LEU D 16 28.20 -5.99 -6.24
CA LEU D 16 29.11 -5.58 -5.21
C LEU D 16 28.31 -4.94 -4.09
N ALA D 17 28.60 -5.33 -2.86
CA ALA D 17 28.04 -4.65 -1.72
C ALA D 17 29.12 -4.56 -0.65
N LYS D 18 29.63 -3.36 -0.42
CA LYS D 18 30.57 -3.18 0.68
C LYS D 18 29.95 -2.31 1.76
N TRP D 19 30.04 -2.79 2.99
CA TRP D 19 29.35 -2.16 4.11
C TRP D 19 30.36 -1.44 4.99
N TYR D 20 29.97 -0.25 5.43
CA TYR D 20 30.80 0.62 6.25
C TYR D 20 30.15 0.87 7.59
N MET D 21 29.15 0.08 7.95
CA MET D 21 28.33 0.32 9.11
C MET D 21 27.88 -1.04 9.64
N GLN D 22 27.67 -1.14 10.95
CA GLN D 22 27.45 -2.44 11.57
C GLN D 22 25.98 -2.82 11.48
N PHE D 23 25.66 -3.75 10.59
CA PHE D 23 24.31 -4.24 10.37
C PHE D 23 24.28 -5.76 10.52
N ASP D 24 23.10 -6.29 10.81
CA ASP D 24 22.94 -7.73 10.79
C ASP D 24 22.82 -8.24 9.36
N ASP D 25 22.99 -9.55 9.20
CA ASP D 25 23.07 -10.14 7.87
C ASP D 25 21.73 -10.11 7.16
N ASP D 26 20.63 -10.13 7.91
CA ASP D 26 19.31 -10.01 7.30
C ASP D 26 18.92 -8.55 7.14
N GLU D 27 19.49 -7.67 7.95
CA GLU D 27 19.27 -6.24 7.76
C GLU D 27 20.03 -5.74 6.54
N LYS D 28 21.16 -6.36 6.22
CA LYS D 28 21.89 -6.01 5.01
C LYS D 28 21.11 -6.44 3.78
N GLN D 29 20.43 -7.58 3.86
CA GLN D 29 19.61 -8.01 2.74
C GLN D 29 18.36 -7.16 2.62
N LYS D 30 17.88 -6.63 3.75
CA LYS D 30 16.65 -5.84 3.74
C LYS D 30 16.87 -4.49 3.07
N LEU D 31 18.03 -3.88 3.31
CA LEU D 31 18.31 -2.58 2.70
C LEU D 31 18.55 -2.71 1.22
N ILE D 32 19.21 -3.78 0.81
CA ILE D 32 19.57 -4.01 -0.59
C ILE D 32 18.32 -4.10 -1.46
N GLU D 33 17.30 -4.80 -1.00
CA GLU D 33 16.11 -4.98 -1.81
C GLU D 33 15.27 -3.71 -1.85
N GLU D 34 15.45 -2.82 -0.88
CA GLU D 34 14.65 -1.59 -0.90
C GLU D 34 15.46 -0.42 -1.40
N VAL D 35 16.68 -0.65 -1.88
CA VAL D 35 17.39 0.36 -2.64
C VAL D 35 16.93 0.36 -4.09
N HIS D 36 16.89 -0.83 -4.72
CA HIS D 36 16.42 -0.85 -6.10
C HIS D 36 14.91 -0.76 -6.19
N ALA D 37 14.20 -0.82 -5.07
CA ALA D 37 12.80 -0.38 -5.07
C ALA D 37 12.72 1.14 -5.21
N VAL D 38 13.81 1.84 -4.90
CA VAL D 38 13.85 3.29 -5.08
C VAL D 38 14.47 3.65 -6.42
N VAL D 39 15.55 2.97 -6.80
CA VAL D 39 16.37 3.42 -7.92
C VAL D 39 15.74 3.05 -9.25
N THR D 40 15.15 1.85 -9.36
CA THR D 40 14.53 1.42 -10.61
C THR D 40 13.28 2.22 -10.96
N VAL D 41 12.60 2.81 -9.98
CA VAL D 41 11.39 3.56 -10.25
C VAL D 41 11.71 4.90 -10.90
N ARG D 42 12.81 5.52 -10.50
CA ARG D 42 13.13 6.87 -10.93
C ARG D 42 13.63 6.87 -12.38
N ASP D 43 13.27 7.91 -13.11
CA ASP D 43 13.63 8.02 -14.52
C ASP D 43 14.88 8.87 -14.69
N ALA D 44 15.21 9.16 -15.94
CA ALA D 44 16.42 9.89 -16.26
C ALA D 44 16.31 11.39 -16.02
N LYS D 45 15.12 11.90 -15.71
CA LYS D 45 14.98 13.31 -15.41
C LYS D 45 14.73 13.60 -13.94
N HIS D 46 14.62 12.57 -13.10
CA HIS D 46 14.64 12.79 -11.67
C HIS D 46 16.05 13.13 -11.21
N THR D 47 16.13 13.74 -10.04
CA THR D 47 17.42 14.06 -9.46
C THR D 47 18.03 12.78 -8.88
N ASN D 48 19.34 12.78 -8.66
CA ASN D 48 20.05 11.62 -8.18
C ASN D 48 20.05 11.51 -6.66
N PHE D 49 19.26 12.31 -5.98
CA PHE D 49 19.37 12.51 -4.54
C PHE D 49 18.07 12.03 -3.92
N VAL D 50 18.11 10.91 -3.22
CA VAL D 50 16.93 10.40 -2.52
C VAL D 50 17.27 10.30 -1.04
N GLU D 51 16.44 10.88 -0.19
CA GLU D 51 16.54 10.60 1.23
C GLU D 51 16.10 9.17 1.50
N PHE D 52 16.80 8.48 2.38
CA PHE D 52 16.61 7.04 2.54
C PHE D 52 16.77 6.67 4.00
N ARG D 53 15.67 6.69 4.73
CA ARG D 53 15.38 6.18 6.06
C ARG D 53 15.99 6.91 7.25
N ASN D 54 17.19 7.49 7.12
CA ASN D 54 17.60 8.71 7.86
C ASN D 54 18.78 9.38 7.19
N PHE D 55 19.25 8.85 6.07
CA PHE D 55 20.41 9.35 5.36
C PHE D 55 20.06 9.33 3.88
N LYS D 56 20.99 9.70 3.02
CA LYS D 56 20.62 9.84 1.62
C LYS D 56 21.46 8.95 0.72
N ILE D 57 20.83 8.52 -0.37
CA ILE D 57 21.43 7.61 -1.33
C ILE D 57 21.68 8.40 -2.62
N ILE D 58 22.79 8.10 -3.28
CA ILE D 58 23.22 8.82 -4.48
C ILE D 58 23.56 7.78 -5.53
N TYR D 59 22.98 7.91 -6.72
CA TYR D 59 23.11 6.87 -7.72
C TYR D 59 23.39 7.49 -9.08
N ARG D 60 23.83 6.64 -10.00
CA ARG D 60 23.88 6.95 -11.41
C ARG D 60 23.88 5.63 -12.14
N ARG D 61 23.11 5.51 -13.22
CA ARG D 61 23.03 4.24 -13.91
C ARG D 61 23.97 4.25 -15.11
N TYR D 62 24.55 3.10 -15.38
CA TYR D 62 25.52 2.95 -16.46
C TYR D 62 25.02 1.85 -17.38
N ALA D 63 23.76 1.98 -17.76
CA ALA D 63 23.07 1.31 -18.86
C ALA D 63 22.78 -0.16 -18.60
N GLY D 64 23.35 -0.75 -17.56
CA GLY D 64 22.80 -1.99 -17.05
C GLY D 64 22.95 -2.11 -15.56
N LEU D 65 23.60 -1.15 -14.94
CA LEU D 65 24.01 -1.25 -13.54
C LEU D 65 23.79 0.06 -12.83
N TYR D 66 23.60 -0.03 -11.52
CA TYR D 66 23.39 1.10 -10.65
C TYR D 66 24.56 1.16 -9.70
N PHE D 67 25.19 2.31 -9.56
CA PHE D 67 26.21 2.46 -8.53
C PHE D 67 25.63 3.38 -7.47
N CYS D 68 25.33 2.82 -6.31
CA CYS D 68 24.64 3.53 -5.26
C CYS D 68 25.60 3.75 -4.10
N ILE D 69 25.84 5.00 -3.74
CA ILE D 69 26.58 5.35 -2.55
C ILE D 69 25.62 5.97 -1.56
N CYS D 70 25.69 5.55 -0.31
CA CYS D 70 24.76 5.95 0.72
C CYS D 70 25.49 6.73 1.81
N VAL D 71 25.21 8.03 1.89
CA VAL D 71 25.96 8.95 2.73
C VAL D 71 25.00 9.64 3.66
N ASP D 72 25.57 10.43 4.57
CA ASP D 72 24.75 11.16 5.54
C ASP D 72 24.04 12.33 4.89
N VAL D 73 23.13 12.94 5.64
CA VAL D 73 22.31 14.02 5.09
C VAL D 73 23.11 15.30 4.90
N ASN D 74 24.19 15.49 5.65
CA ASN D 74 25.00 16.69 5.55
C ASN D 74 25.95 16.67 4.37
N ASP D 75 26.11 15.54 3.72
CA ASP D 75 27.24 15.36 2.82
C ASP D 75 27.00 16.03 1.47
N ASN D 76 28.10 16.41 0.83
CA ASN D 76 28.06 17.09 -0.45
C ASN D 76 27.65 16.07 -1.51
N ASN D 77 26.37 16.10 -1.84
CA ASN D 77 25.80 15.12 -2.75
C ASN D 77 26.18 15.36 -4.20
N LEU D 78 26.78 16.51 -4.51
CA LEU D 78 27.21 16.73 -5.87
C LEU D 78 28.68 16.34 -6.04
N ALA D 79 29.38 16.12 -4.93
CA ALA D 79 30.75 15.61 -5.00
C ALA D 79 30.78 14.10 -4.96
N TYR D 80 29.84 13.49 -4.22
CA TYR D 80 29.73 12.05 -4.17
C TYR D 80 29.11 11.48 -5.44
N LEU D 81 28.49 12.32 -6.27
CA LEU D 81 28.03 11.86 -7.56
C LEU D 81 29.21 11.67 -8.51
N GLU D 82 30.26 12.45 -8.32
CA GLU D 82 31.42 12.34 -9.20
C GLU D 82 32.43 11.33 -8.67
N ALA D 83 32.38 11.01 -7.39
CA ALA D 83 33.26 9.95 -6.90
C ALA D 83 32.73 8.60 -7.32
N ILE D 84 31.42 8.49 -7.55
CA ILE D 84 30.86 7.33 -8.24
C ILE D 84 31.48 7.20 -9.62
N HIS D 85 31.43 8.28 -10.40
CA HIS D 85 31.89 8.21 -11.78
C HIS D 85 33.40 8.09 -11.86
N ASN D 86 34.09 8.56 -10.83
CA ASN D 86 35.53 8.36 -10.76
C ASN D 86 35.86 6.91 -10.52
N PHE D 87 34.98 6.21 -9.79
CA PHE D 87 35.22 4.81 -9.48
C PHE D 87 34.94 3.91 -10.67
N VAL D 88 34.04 4.33 -11.55
CA VAL D 88 33.75 3.53 -12.74
C VAL D 88 34.90 3.63 -13.73
N GLU D 89 35.48 4.83 -13.85
CA GLU D 89 36.55 5.03 -14.82
C GLU D 89 37.81 4.28 -14.41
N VAL D 90 38.03 4.13 -13.10
CA VAL D 90 39.14 3.30 -12.64
C VAL D 90 38.85 1.84 -12.98
N LEU D 91 37.60 1.40 -12.84
CA LEU D 91 37.24 0.05 -13.23
C LEU D 91 37.27 -0.13 -14.74
N ASN D 92 37.16 0.98 -15.47
CA ASN D 92 37.15 0.90 -16.92
C ASN D 92 38.53 0.57 -17.46
N GLU D 93 39.58 1.23 -16.96
CA GLU D 93 40.91 0.92 -17.48
C GLU D 93 41.51 -0.29 -16.78
N TYR D 94 41.05 -0.63 -15.59
CA TYR D 94 41.62 -1.78 -14.90
C TYR D 94 41.10 -3.07 -15.50
N PHE D 95 39.95 -3.01 -16.16
CA PHE D 95 39.36 -4.20 -16.76
C PHE D 95 39.24 -4.10 -18.27
N HIS D 96 39.76 -3.01 -18.87
CA HIS D 96 39.86 -2.82 -20.31
C HIS D 96 38.50 -2.87 -21.01
N ASN D 97 37.71 -1.80 -20.87
CA ASN D 97 36.30 -1.73 -21.29
C ASN D 97 35.46 -2.75 -20.53
N VAL D 98 35.32 -2.46 -19.24
CA VAL D 98 34.69 -3.34 -18.27
C VAL D 98 33.25 -3.66 -18.65
N CYS D 99 32.87 -4.92 -18.47
CA CYS D 99 31.51 -5.39 -18.62
C CYS D 99 30.94 -5.69 -17.25
N GLU D 100 29.73 -6.23 -17.22
CA GLU D 100 29.14 -6.62 -15.95
C GLU D 100 29.78 -7.90 -15.42
N LEU D 101 30.23 -8.78 -16.31
CA LEU D 101 30.74 -10.07 -15.87
C LEU D 101 32.17 -10.01 -15.37
N ASP D 102 32.86 -8.89 -15.55
CA ASP D 102 34.13 -8.70 -14.87
C ASP D 102 33.91 -8.50 -13.38
N LEU D 103 32.75 -7.98 -13.00
CA LEU D 103 32.46 -7.81 -11.58
C LEU D 103 32.03 -9.14 -10.96
N VAL D 104 31.56 -10.07 -11.78
CA VAL D 104 31.12 -11.36 -11.27
C VAL D 104 32.31 -12.28 -11.06
N PHE D 105 33.15 -12.42 -12.08
CA PHE D 105 34.27 -13.35 -12.06
C PHE D 105 35.46 -12.84 -11.28
N ASN D 106 35.58 -11.53 -11.10
CA ASN D 106 36.77 -10.96 -10.50
C ASN D 106 36.36 -10.06 -9.33
N PHE D 107 35.48 -10.57 -8.48
CA PHE D 107 34.95 -9.77 -7.37
C PHE D 107 36.04 -9.44 -6.35
N TYR D 108 37.00 -10.34 -6.18
CA TYR D 108 38.08 -10.09 -5.24
C TYR D 108 39.01 -8.99 -5.70
N LYS D 109 39.09 -8.75 -7.01
CA LYS D 109 39.83 -7.61 -7.52
C LYS D 109 39.04 -6.32 -7.39
N VAL D 110 37.71 -6.42 -7.31
CA VAL D 110 36.89 -5.22 -7.18
C VAL D 110 37.00 -4.67 -5.76
N TYR D 111 37.09 -5.55 -4.76
CA TYR D 111 37.31 -5.09 -3.39
C TYR D 111 38.68 -4.45 -3.21
N THR D 112 39.63 -4.79 -4.08
CA THR D 112 40.92 -4.12 -4.04
C THR D 112 40.80 -2.69 -4.52
N VAL D 113 39.95 -2.46 -5.53
CA VAL D 113 39.76 -1.13 -6.07
C VAL D 113 39.00 -0.25 -5.08
N VAL D 114 38.00 -0.83 -4.40
CA VAL D 114 37.18 -0.05 -3.48
C VAL D 114 37.97 0.34 -2.25
N ASP D 115 38.79 -0.59 -1.74
CA ASP D 115 39.73 -0.26 -0.66
C ASP D 115 40.77 0.76 -1.11
N GLU D 116 41.12 0.76 -2.39
CA GLU D 116 42.10 1.71 -2.88
C GLU D 116 41.51 3.11 -2.93
N MET D 117 40.21 3.21 -3.16
CA MET D 117 39.59 4.50 -3.39
C MET D 117 38.70 4.97 -2.25
N PHE D 118 37.96 4.07 -1.61
CA PHE D 118 37.07 4.44 -0.51
C PHE D 118 37.42 3.62 0.71
N LEU D 119 38.03 4.26 1.70
CA LEU D 119 38.47 3.52 2.87
C LEU D 119 37.83 4.10 4.11
N ALA D 120 37.23 3.23 4.93
CA ALA D 120 36.65 3.57 6.24
C ALA D 120 35.57 4.64 6.14
N GLY D 121 34.75 4.59 5.11
CA GLY D 121 33.65 5.52 4.98
C GLY D 121 34.02 6.89 4.46
N GLU D 122 35.23 7.06 3.93
CA GLU D 122 35.64 8.31 3.34
C GLU D 122 36.26 8.06 1.98
N ILE D 123 36.59 9.13 1.28
CA ILE D 123 37.28 9.03 0.00
C ILE D 123 38.78 8.99 0.26
N ARG D 124 39.43 7.89 -0.11
CA ARG D 124 40.85 7.76 0.14
C ARG D 124 41.68 8.43 -0.96
N GLU D 125 41.60 7.92 -2.17
CA GLU D 125 42.43 8.45 -3.24
C GLU D 125 41.56 8.78 -4.44
N THR D 126 41.65 10.02 -4.89
CA THR D 126 40.86 10.50 -6.01
C THR D 126 41.58 10.40 -7.34
N SER D 127 42.90 10.30 -7.35
CA SER D 127 43.68 10.36 -8.58
C SER D 127 43.55 9.06 -9.36
N GLN D 128 43.14 9.15 -10.61
CA GLN D 128 43.07 7.95 -11.44
C GLN D 128 44.47 7.47 -11.81
N THR D 129 45.41 8.41 -11.93
CA THR D 129 46.78 8.04 -12.28
C THR D 129 47.44 7.28 -11.15
N LYS D 130 47.23 7.71 -9.92
CA LYS D 130 47.91 7.07 -8.79
C LYS D 130 47.26 5.74 -8.42
N VAL D 131 45.97 5.60 -8.68
CA VAL D 131 45.31 4.33 -8.40
C VAL D 131 45.71 3.28 -9.42
N LEU D 132 45.77 3.67 -10.70
CA LEU D 132 46.19 2.73 -11.73
C LEU D 132 47.68 2.45 -11.63
N LYS D 133 48.45 3.37 -11.06
CA LYS D 133 49.83 3.08 -10.71
C LYS D 133 49.91 2.04 -9.60
N GLN D 134 48.95 2.09 -8.66
CA GLN D 134 49.00 1.18 -7.51
C GLN D 134 48.40 -0.18 -7.85
N LEU D 135 47.33 -0.20 -8.65
CA LEU D 135 46.65 -1.46 -8.90
C LEU D 135 47.45 -2.35 -9.85
N LEU D 136 48.17 -1.77 -10.80
CA LEU D 136 48.98 -2.59 -11.69
C LEU D 136 50.24 -3.07 -11.01
N MET D 137 50.72 -2.31 -10.00
CA MET D 137 51.86 -2.75 -9.23
C MET D 137 51.49 -3.96 -8.36
N LEU D 138 50.26 -3.98 -7.83
CA LEU D 138 49.80 -5.13 -7.08
C LEU D 138 49.47 -6.29 -8.00
N GLN D 139 49.23 -6.00 -9.29
CA GLN D 139 48.88 -7.04 -10.23
C GLN D 139 50.09 -7.90 -10.54
N SER D 140 51.28 -7.30 -10.60
CA SER D 140 52.48 -8.01 -10.96
C SER D 140 53.29 -8.48 -9.77
N LEU D 141 52.84 -8.18 -8.55
CA LEU D 141 53.61 -8.57 -7.37
C LEU D 141 53.45 -10.05 -7.10
N GLU E 7 -31.26 -33.65 -0.61
CA GLU E 7 -30.44 -33.58 0.60
C GLU E 7 -29.37 -32.52 0.50
N SER E 8 -28.98 -31.97 1.63
CA SER E 8 -27.92 -30.98 1.69
C SER E 8 -26.63 -31.63 2.16
N VAL E 9 -25.51 -31.03 1.78
CA VAL E 9 -24.19 -31.56 2.09
C VAL E 9 -23.51 -30.62 3.07
N LEU E 10 -23.18 -31.13 4.25
CA LEU E 10 -22.65 -30.28 5.30
C LEU E 10 -21.16 -30.03 5.16
N CYS E 11 -20.40 -31.04 4.73
CA CYS E 11 -18.95 -30.95 4.76
C CYS E 11 -18.39 -31.95 3.78
N VAL E 12 -17.34 -31.58 3.07
CA VAL E 12 -16.62 -32.47 2.17
C VAL E 12 -15.14 -32.35 2.50
N LYS E 13 -14.53 -33.47 2.88
CA LYS E 13 -13.12 -33.48 3.21
C LYS E 13 -12.39 -34.54 2.40
N PRO E 14 -11.37 -34.14 1.66
CA PRO E 14 -10.48 -35.14 1.03
C PRO E 14 -9.40 -35.60 1.99
N GLU E 15 -8.67 -36.65 1.61
CA GLU E 15 -7.51 -37.18 2.33
C GLU E 15 -7.87 -37.58 3.75
N VAL E 16 -8.81 -38.52 3.88
CA VAL E 16 -9.28 -39.01 5.16
C VAL E 16 -9.00 -40.50 5.26
N HIS E 17 -8.38 -40.92 6.36
CA HIS E 17 -7.91 -42.27 6.53
C HIS E 17 -8.87 -43.07 7.40
N VAL E 18 -8.96 -44.36 7.12
CA VAL E 18 -9.79 -45.28 7.88
C VAL E 18 -8.91 -46.37 8.47
N TYR E 19 -8.94 -46.47 9.78
CA TYR E 19 -8.11 -47.42 10.51
C TYR E 19 -9.01 -48.50 11.08
N ARG E 20 -8.71 -49.75 10.76
CA ARG E 20 -9.41 -50.84 11.41
C ARG E 20 -8.93 -50.93 12.85
N ILE E 21 -9.86 -51.11 13.76
CA ILE E 21 -9.61 -50.94 15.19
C ILE E 21 -9.23 -52.29 15.79
N PRO E 22 -8.08 -52.41 16.44
CA PRO E 22 -7.69 -53.71 17.03
C PRO E 22 -8.36 -54.01 18.37
N PRO E 23 -8.69 -53.01 19.25
CA PRO E 23 -9.52 -53.57 20.32
C PRO E 23 -11.00 -53.60 19.99
N GLY E 29 -11.87 -46.07 27.93
CA GLY E 29 -11.05 -46.70 26.92
C GLY E 29 -10.76 -45.79 25.75
N TYR E 30 -10.49 -46.39 24.60
CA TYR E 30 -10.24 -45.71 23.32
C TYR E 30 -9.06 -44.74 23.40
N ARG E 31 -7.88 -45.35 23.45
CA ARG E 31 -6.63 -44.63 23.21
C ARG E 31 -6.26 -44.77 21.74
N ALA E 32 -5.42 -43.85 21.26
CA ALA E 32 -5.13 -43.80 19.83
C ALA E 32 -3.88 -44.58 19.47
N SER E 33 -2.91 -44.65 20.39
CA SER E 33 -1.69 -45.39 20.11
C SER E 33 -1.92 -46.89 20.09
N GLU E 34 -3.03 -47.35 20.67
CA GLU E 34 -3.41 -48.75 20.62
C GLU E 34 -3.70 -49.22 19.19
N TRP E 35 -4.13 -48.32 18.32
CA TRP E 35 -4.43 -48.71 16.95
C TRP E 35 -3.13 -48.85 16.17
N GLN E 36 -3.27 -49.14 14.87
CA GLN E 36 -2.09 -49.36 14.05
C GLN E 36 -1.38 -48.06 13.75
N LEU E 37 -2.11 -47.07 13.21
CA LEU E 37 -1.68 -45.71 12.93
C LEU E 37 -0.61 -45.61 11.85
N ASP E 38 -0.26 -46.71 11.20
CA ASP E 38 0.71 -46.72 10.12
C ASP E 38 0.17 -47.46 8.90
N GLN E 39 -0.82 -48.32 9.10
CA GLN E 39 -1.48 -49.05 8.04
C GLN E 39 -2.93 -48.59 7.99
N PRO E 40 -3.23 -47.53 7.22
CA PRO E 40 -4.63 -47.17 7.00
C PRO E 40 -5.33 -48.24 6.18
N SER E 41 -6.38 -48.83 6.79
CA SER E 41 -7.09 -49.92 6.16
C SER E 41 -7.85 -49.47 4.91
N TRP E 42 -8.16 -48.19 4.82
CA TRP E 42 -8.86 -47.64 3.66
C TRP E 42 -8.60 -46.15 3.62
N SER E 43 -8.44 -45.62 2.43
CA SER E 43 -8.27 -44.19 2.26
C SER E 43 -9.33 -43.69 1.30
N GLY E 44 -9.76 -42.46 1.47
CA GLY E 44 -10.73 -41.91 0.56
C GLY E 44 -11.18 -40.51 0.87
N ARG E 45 -12.41 -40.20 0.48
CA ARG E 45 -12.97 -38.86 0.63
C ARG E 45 -14.14 -38.92 1.59
N LEU E 46 -14.27 -37.89 2.41
CA LEU E 46 -15.28 -37.84 3.47
C LEU E 46 -16.34 -36.82 3.09
N ARG E 47 -17.60 -37.23 3.20
CA ARG E 47 -18.73 -36.34 3.02
C ARG E 47 -19.72 -36.59 4.14
N ILE E 48 -20.08 -35.53 4.86
CA ILE E 48 -21.15 -35.59 5.83
C ILE E 48 -22.39 -35.01 5.17
N THR E 49 -23.31 -35.86 4.75
CA THR E 49 -24.57 -35.41 4.20
C THR E 49 -25.62 -35.53 5.29
N ALA E 50 -26.71 -34.81 5.11
CA ALA E 50 -27.80 -34.85 6.07
C ALA E 50 -29.08 -34.48 5.36
N LYS E 51 -30.16 -35.13 5.76
CA LYS E 51 -31.48 -34.76 5.27
C LYS E 51 -32.50 -35.04 6.35
N GLY E 52 -33.23 -34.01 6.75
CA GLY E 52 -34.24 -34.20 7.76
C GLY E 52 -33.65 -33.98 9.14
N LYS E 53 -33.77 -35.00 9.98
CA LYS E 53 -33.39 -34.92 11.39
C LYS E 53 -32.14 -35.72 11.70
N VAL E 54 -31.49 -36.32 10.70
CA VAL E 54 -30.32 -37.15 10.91
C VAL E 54 -29.21 -36.68 9.99
N ALA E 55 -28.01 -37.17 10.25
CA ALA E 55 -26.84 -36.82 9.46
C ALA E 55 -26.04 -38.08 9.13
N TYR E 56 -25.57 -38.15 7.91
CA TYR E 56 -24.99 -39.36 7.34
C TYR E 56 -23.52 -39.11 7.01
N ILE E 57 -22.66 -39.89 7.63
CA ILE E 57 -21.22 -39.77 7.42
C ILE E 57 -20.85 -40.79 6.34
N LYS E 58 -20.83 -40.34 5.09
CA LYS E 58 -20.64 -41.22 3.95
C LYS E 58 -19.18 -41.19 3.52
N LEU E 59 -18.56 -42.35 3.45
CA LEU E 59 -17.18 -42.50 3.02
C LEU E 59 -17.15 -42.91 1.56
N GLU E 60 -16.54 -42.09 0.72
CA GLU E 60 -16.44 -42.37 -0.70
C GLU E 60 -14.98 -42.54 -1.09
N ASP E 61 -14.75 -43.41 -2.07
CA ASP E 61 -13.42 -43.55 -2.63
C ASP E 61 -13.08 -42.28 -3.41
N ARG E 62 -11.79 -42.04 -3.59
CA ARG E 62 -11.33 -40.81 -4.22
C ARG E 62 -11.73 -40.69 -5.68
N THR E 63 -11.80 -41.80 -6.41
CA THR E 63 -11.97 -41.74 -7.86
C THR E 63 -13.42 -41.86 -8.28
N SER E 64 -14.05 -42.98 -7.93
CA SER E 64 -15.38 -43.27 -8.44
C SER E 64 -16.49 -42.73 -7.54
N GLY E 65 -16.30 -42.73 -6.23
CA GLY E 65 -17.32 -42.24 -5.34
C GLY E 65 -18.30 -43.28 -4.86
N GLU E 66 -17.90 -44.55 -4.79
CA GLU E 66 -18.80 -45.56 -4.26
C GLU E 66 -18.77 -45.50 -2.74
N LEU E 67 -19.87 -45.89 -2.12
CA LEU E 67 -20.04 -45.73 -0.68
C LEU E 67 -19.27 -46.83 0.03
N PHE E 68 -18.17 -46.46 0.67
CA PHE E 68 -17.42 -47.43 1.46
C PHE E 68 -18.15 -47.76 2.75
N ALA E 69 -18.66 -46.75 3.43
CA ALA E 69 -19.39 -46.95 4.68
C ALA E 69 -20.34 -45.79 4.86
N GLN E 70 -21.23 -45.93 5.84
CA GLN E 70 -22.24 -44.92 6.12
C GLN E 70 -22.69 -45.06 7.57
N ALA E 71 -22.78 -43.94 8.28
CA ALA E 71 -23.13 -43.96 9.67
C ALA E 71 -24.20 -42.93 9.99
N PRO E 72 -25.42 -43.35 10.29
CA PRO E 72 -26.41 -42.43 10.80
C PRO E 72 -26.10 -42.05 12.24
N VAL E 73 -26.30 -40.77 12.55
CA VAL E 73 -25.77 -40.19 13.78
C VAL E 73 -26.87 -39.85 14.77
N ASP E 74 -27.76 -38.92 14.41
CA ASP E 74 -29.03 -38.51 15.04
C ASP E 74 -28.89 -37.84 16.41
N GLN E 75 -27.67 -37.78 16.95
CA GLN E 75 -27.30 -36.97 18.09
C GLN E 75 -25.78 -36.90 18.12
N PHE E 76 -25.23 -35.71 18.30
CA PHE E 76 -23.79 -35.56 18.14
C PHE E 76 -22.96 -36.03 19.32
N PRO E 77 -23.26 -35.72 20.61
CA PRO E 77 -22.41 -36.30 21.66
C PRO E 77 -22.80 -37.73 22.01
N GLY E 78 -23.65 -38.35 21.19
CA GLY E 78 -24.15 -39.68 21.45
C GLY E 78 -23.15 -40.76 21.10
N THR E 79 -23.69 -41.94 20.80
CA THR E 79 -22.90 -43.16 20.70
C THR E 79 -22.33 -43.40 19.31
N ALA E 80 -22.76 -42.66 18.29
CA ALA E 80 -22.33 -42.95 16.94
C ALA E 80 -20.92 -42.45 16.68
N VAL E 81 -20.58 -41.28 17.21
CA VAL E 81 -19.25 -40.71 17.05
C VAL E 81 -18.68 -40.45 18.44
N GLU E 82 -17.59 -41.13 18.76
CA GLU E 82 -16.89 -40.97 20.02
C GLU E 82 -15.46 -40.54 19.75
N SER E 83 -15.01 -39.52 20.45
CA SER E 83 -13.64 -39.02 20.29
C SER E 83 -12.66 -39.92 21.02
N VAL E 84 -11.47 -40.07 20.46
CA VAL E 84 -10.41 -40.81 21.12
C VAL E 84 -9.89 -39.96 22.28
N THR E 85 -9.29 -40.61 23.28
CA THR E 85 -8.85 -39.85 24.44
C THR E 85 -7.43 -39.31 24.28
N ASP E 86 -6.63 -39.89 23.39
CA ASP E 86 -5.29 -39.36 23.18
C ASP E 86 -5.28 -38.06 22.41
N SER E 87 -5.85 -38.04 21.21
CA SER E 87 -5.66 -36.93 20.30
C SER E 87 -6.98 -36.28 19.97
N SER E 88 -6.93 -35.19 19.21
CA SER E 88 -8.14 -34.53 18.73
C SER E 88 -8.36 -34.75 17.24
N ARG E 89 -7.94 -35.89 16.70
CA ARG E 89 -8.10 -36.15 15.28
C ARG E 89 -8.76 -37.48 14.97
N TYR E 90 -8.84 -38.40 15.93
CA TYR E 90 -9.21 -39.77 15.63
C TYR E 90 -10.56 -40.09 16.24
N PHE E 91 -11.41 -40.74 15.46
CA PHE E 91 -12.80 -40.91 15.85
C PHE E 91 -13.22 -42.35 15.65
N VAL E 92 -14.11 -42.82 16.50
CA VAL E 92 -14.66 -44.17 16.42
C VAL E 92 -16.08 -44.07 15.88
N ILE E 93 -16.34 -44.76 14.77
CA ILE E 93 -17.53 -44.57 13.97
C ILE E 93 -18.34 -45.86 14.01
N ARG E 94 -19.62 -45.75 14.37
CA ARG E 94 -20.52 -46.89 14.27
C ARG E 94 -21.19 -46.86 12.90
N ILE E 95 -20.61 -47.59 11.95
CA ILE E 95 -21.15 -47.64 10.60
C ILE E 95 -22.35 -48.58 10.56
N GLU E 96 -23.18 -48.44 9.54
CA GLU E 96 -24.25 -49.40 9.28
C GLU E 96 -24.35 -49.70 7.79
N ARG E 102 -23.94 -51.91 14.16
CA ARG E 102 -23.26 -52.92 13.36
C ARG E 102 -21.80 -53.09 13.79
N ALA E 103 -20.91 -52.31 13.19
CA ALA E 103 -19.49 -52.45 13.45
C ALA E 103 -18.90 -51.10 13.77
N PHE E 104 -17.68 -51.12 14.32
CA PHE E 104 -16.98 -49.92 14.75
C PHE E 104 -15.75 -49.68 13.89
N ILE E 105 -15.58 -48.43 13.46
CA ILE E 105 -14.56 -48.03 12.50
C ILE E 105 -13.80 -46.83 13.05
N GLY E 106 -12.48 -46.88 12.94
CA GLY E 106 -11.67 -45.75 13.30
C GLY E 106 -11.33 -44.84 12.13
N LEU E 107 -11.65 -43.56 12.24
CA LEU E 107 -11.29 -42.56 11.26
C LEU E 107 -9.93 -41.96 11.58
N GLY E 108 -9.55 -41.00 10.75
CA GLY E 108 -8.33 -40.26 10.95
C GLY E 108 -8.42 -38.94 10.25
N PHE E 109 -7.66 -37.95 10.70
CA PHE E 109 -7.56 -36.70 9.98
C PHE E 109 -6.12 -36.26 9.83
N GLY E 110 -5.91 -35.26 8.97
CA GLY E 110 -4.56 -34.77 8.74
C GLY E 110 -4.10 -33.84 9.84
N ASP E 111 -4.94 -32.88 10.21
CA ASP E 111 -4.60 -31.95 11.26
C ASP E 111 -5.84 -31.67 12.10
N ARG E 112 -5.72 -30.68 12.97
CA ARG E 112 -6.82 -30.23 13.79
C ARG E 112 -7.92 -29.54 12.98
N GLY E 113 -7.52 -28.80 11.94
CA GLY E 113 -8.45 -27.97 11.20
C GLY E 113 -9.39 -28.76 10.31
N ASP E 114 -8.99 -29.98 9.96
CA ASP E 114 -9.91 -30.88 9.30
C ASP E 114 -10.83 -31.56 10.31
N ALA E 115 -10.29 -31.91 11.47
CA ALA E 115 -11.12 -32.46 12.52
C ALA E 115 -11.98 -31.38 13.16
N PHE E 116 -11.60 -30.12 13.01
CA PHE E 116 -12.40 -29.02 13.52
C PHE E 116 -13.67 -28.88 12.71
N ASP E 117 -13.56 -28.91 11.39
CA ASP E 117 -14.72 -28.75 10.53
C ASP E 117 -15.58 -30.00 10.55
N PHE E 118 -15.00 -31.15 10.90
CA PHE E 118 -15.79 -32.36 11.09
C PHE E 118 -16.71 -32.20 12.29
N ASN E 119 -16.21 -31.55 13.33
CA ASN E 119 -16.94 -31.51 14.58
C ASN E 119 -17.90 -30.34 14.63
N VAL E 120 -17.54 -29.23 13.98
CA VAL E 120 -18.41 -28.07 13.99
C VAL E 120 -19.63 -28.29 13.11
N ALA E 121 -19.42 -28.90 11.94
CA ALA E 121 -20.52 -29.08 10.99
C ALA E 121 -21.54 -30.08 11.51
N LEU E 122 -21.07 -31.06 12.28
CA LEU E 122 -22.01 -31.95 12.96
C LEU E 122 -22.79 -31.20 14.03
N GLN E 123 -22.11 -30.40 14.85
CA GLN E 123 -22.80 -29.67 15.89
C GLN E 123 -23.68 -28.58 15.31
N ASP E 124 -23.27 -27.97 14.20
CA ASP E 124 -24.06 -26.91 13.59
C ASP E 124 -25.30 -27.49 12.92
N HIS E 125 -25.24 -28.77 12.54
CA HIS E 125 -26.46 -29.45 12.12
C HIS E 125 -27.40 -29.65 13.29
N PHE E 126 -26.89 -30.27 14.36
CA PHE E 126 -27.78 -30.61 15.45
C PHE E 126 -28.09 -29.42 16.35
N LYS E 127 -27.47 -28.27 16.12
CA LYS E 127 -27.99 -27.04 16.70
C LYS E 127 -29.28 -26.64 15.99
N TRP E 128 -29.30 -26.79 14.68
CA TRP E 128 -30.46 -26.42 13.89
C TRP E 128 -31.62 -27.36 14.15
N VAL E 129 -31.32 -28.64 14.35
CA VAL E 129 -32.36 -29.63 14.62
C VAL E 129 -32.99 -29.36 15.97
N LYS E 130 -32.19 -28.90 16.93
CA LYS E 130 -32.73 -28.57 18.24
C LYS E 130 -33.62 -27.33 18.17
N GLN E 131 -33.31 -26.40 17.27
CA GLN E 131 -34.14 -25.20 17.16
C GLN E 131 -35.44 -25.50 16.44
N GLN E 132 -35.41 -26.38 15.45
CA GLN E 132 -36.63 -26.72 14.73
C GLN E 132 -37.55 -27.59 15.58
N CYS E 133 -36.98 -28.39 16.47
CA CYS E 133 -37.79 -29.05 17.47
C CYS E 133 -38.38 -28.04 18.45
N GLU E 134 -37.59 -27.03 18.82
CA GLU E 134 -38.05 -26.05 19.79
C GLU E 134 -39.10 -25.13 19.20
N PHE E 135 -39.02 -24.87 17.89
CA PHE E 135 -40.04 -24.08 17.24
C PHE E 135 -41.33 -24.88 17.11
N ALA E 136 -41.23 -26.21 17.05
CA ALA E 136 -42.42 -27.05 17.07
C ALA E 136 -43.05 -27.11 18.45
N LYS E 137 -42.24 -26.94 19.51
CA LYS E 137 -42.74 -26.84 20.88
C LYS E 137 -43.18 -25.43 21.25
N GLN E 138 -43.54 -24.61 20.27
CA GLN E 138 -44.14 -23.32 20.54
C GLN E 138 -45.63 -23.36 20.20
#